data_3VZF
# 
_entry.id   3VZF 
# 
_audit_conform.dict_name       mmcif_pdbx.dic 
_audit_conform.dict_version    5.381 
_audit_conform.dict_location   http://mmcif.pdb.org/dictionaries/ascii/mmcif_pdbx.dic 
# 
loop_
_database_2.database_id 
_database_2.database_code 
_database_2.pdbx_database_accession 
_database_2.pdbx_DOI 
PDB   3VZF         pdb_00003vzf 10.2210/pdb3vzf/pdb 
RCSB  RCSB095692   ?            ?                   
WWPDB D_1000095692 ?            ?                   
# 
loop_
_pdbx_database_related.db_name 
_pdbx_database_related.db_id 
_pdbx_database_related.details 
_pdbx_database_related.content_type 
PDB 3VZE . unspecified 
PDB 3VZG . unspecified 
# 
_pdbx_database_status.status_code                     REL 
_pdbx_database_status.entry_id                        3VZF 
_pdbx_database_status.recvd_initial_deposition_date   2012-10-11 
_pdbx_database_status.deposit_site                    PDBJ 
_pdbx_database_status.process_site                    PDBJ 
_pdbx_database_status.methods_development_category    ? 
_pdbx_database_status.status_code_sf                  REL 
_pdbx_database_status.status_code_mr                  ? 
_pdbx_database_status.SG_entry                        ? 
_pdbx_database_status.status_code_cs                  ? 
_pdbx_database_status.pdb_format_compatible           Y 
_pdbx_database_status.status_code_nmr_data            ? 
# 
loop_
_audit_author.name 
_audit_author.pdbx_ordinal 
'Kanagawa, M.'  1 
'Yamaguchi, Y.' 2 
# 
_citation.id                        primary 
_citation.title                     'Structural Basis for Multiple Sugar Recognition of Jacalin-related Human ZG16p Lectin' 
_citation.journal_abbrev            J.Biol.Chem. 
_citation.journal_volume            289 
_citation.page_first                16954 
_citation.page_last                 16965 
_citation.year                      2014 
_citation.journal_id_ASTM           JBCHA3 
_citation.country                   US 
_citation.journal_id_ISSN           0021-9258 
_citation.journal_id_CSD            0071 
_citation.book_publisher            ? 
_citation.pdbx_database_id_PubMed   24790092 
_citation.pdbx_database_id_DOI      10.1074/jbc.M113.539114 
# 
loop_
_citation_author.citation_id 
_citation_author.name 
_citation_author.ordinal 
_citation_author.identifier_ORCID 
primary 'Kanagawa, M.'      1 ? 
primary 'Liu, Y.'           2 ? 
primary 'Hanashima, S.'     3 ? 
primary 'Ikeda, A.'         4 ? 
primary 'Chai, W.'          5 ? 
primary 'Nakano, Y.'        6 ? 
primary 'Kojima-Aikawa, K.' 7 ? 
primary 'Feizi, T.'         8 ? 
primary 'Yamaguchi, Y.'     9 ? 
# 
_cell.entry_id           3VZF 
_cell.length_a           58.1920 
_cell.length_b           73.0450 
_cell.length_c           30.4600 
_cell.angle_alpha        90 
_cell.angle_beta         90 
_cell.angle_gamma        90 
_cell.Z_PDB              4 
_cell.pdbx_unique_axis   ? 
_cell.length_a_esd       ? 
_cell.length_b_esd       ? 
_cell.length_c_esd       ? 
_cell.angle_alpha_esd    ? 
_cell.angle_beta_esd     ? 
_cell.angle_gamma_esd    ? 
# 
_symmetry.entry_id                         3VZF 
_symmetry.space_group_name_H-M             'P 21 21 2' 
_symmetry.pdbx_full_space_group_name_H-M   ? 
_symmetry.cell_setting                     ? 
_symmetry.Int_Tables_number                18 
_symmetry.space_group_name_Hall            ? 
# 
loop_
_entity.id 
_entity.type 
_entity.src_method 
_entity.pdbx_description 
_entity.formula_weight 
_entity.pdbx_number_of_molecules 
_entity.pdbx_ec 
_entity.pdbx_mutation 
_entity.pdbx_fragment 
_entity.details 
1 polymer     man 'Zymogen granule membrane protein 16' 15501.401 1  ? ? 'UNP residues 21-159' ? 
2 non-polymer man 'methyl alpha-D-mannopyranoside'      194.182   1  ? ? ?                     ? 
3 non-polymer syn 'CHLORIDE ION'                        35.453    2  ? ? ?                     ? 
4 water       nat water                                 18.015    32 ? ? ?                     ? 
# 
_entity_name_com.entity_id   1 
_entity_name_com.name        'Zymogen granule protein 16, hZG16, Secretory lectin ZG16' 
# 
_entity_poly.entity_id                      1 
_entity_poly.type                           'polypeptide(L)' 
_entity_poly.nstd_linkage                   no 
_entity_poly.nstd_monomer                   no 
_entity_poly.pdbx_seq_one_letter_code       
;GSARSSSYSGEYGSGGGKRFSHSGNQLDGPITALRVRVNTYYIVGLQVRYGKVWSDYVGGRNGDLEEIFLHPGESVIQVS
GKYKWYLKKLVFVTDKGRYLSFGKDSGTSFNAVPLHPNTVLRFISGRSGSLIDAIGLHWDV
;
_entity_poly.pdbx_seq_one_letter_code_can   
;GSARSSSYSGEYGSGGGKRFSHSGNQLDGPITALRVRVNTYYIVGLQVRYGKVWSDYVGGRNGDLEEIFLHPGESVIQVS
GKYKWYLKKLVFVTDKGRYLSFGKDSGTSFNAVPLHPNTVLRFISGRSGSLIDAIGLHWDV
;
_entity_poly.pdbx_strand_id                 A 
_entity_poly.pdbx_target_identifier         ? 
# 
loop_
_entity_poly_seq.entity_id 
_entity_poly_seq.num 
_entity_poly_seq.mon_id 
_entity_poly_seq.hetero 
1 1   GLY n 
1 2   SER n 
1 3   ALA n 
1 4   ARG n 
1 5   SER n 
1 6   SER n 
1 7   SER n 
1 8   TYR n 
1 9   SER n 
1 10  GLY n 
1 11  GLU n 
1 12  TYR n 
1 13  GLY n 
1 14  SER n 
1 15  GLY n 
1 16  GLY n 
1 17  GLY n 
1 18  LYS n 
1 19  ARG n 
1 20  PHE n 
1 21  SER n 
1 22  HIS n 
1 23  SER n 
1 24  GLY n 
1 25  ASN n 
1 26  GLN n 
1 27  LEU n 
1 28  ASP n 
1 29  GLY n 
1 30  PRO n 
1 31  ILE n 
1 32  THR n 
1 33  ALA n 
1 34  LEU n 
1 35  ARG n 
1 36  VAL n 
1 37  ARG n 
1 38  VAL n 
1 39  ASN n 
1 40  THR n 
1 41  TYR n 
1 42  TYR n 
1 43  ILE n 
1 44  VAL n 
1 45  GLY n 
1 46  LEU n 
1 47  GLN n 
1 48  VAL n 
1 49  ARG n 
1 50  TYR n 
1 51  GLY n 
1 52  LYS n 
1 53  VAL n 
1 54  TRP n 
1 55  SER n 
1 56  ASP n 
1 57  TYR n 
1 58  VAL n 
1 59  GLY n 
1 60  GLY n 
1 61  ARG n 
1 62  ASN n 
1 63  GLY n 
1 64  ASP n 
1 65  LEU n 
1 66  GLU n 
1 67  GLU n 
1 68  ILE n 
1 69  PHE n 
1 70  LEU n 
1 71  HIS n 
1 72  PRO n 
1 73  GLY n 
1 74  GLU n 
1 75  SER n 
1 76  VAL n 
1 77  ILE n 
1 78  GLN n 
1 79  VAL n 
1 80  SER n 
1 81  GLY n 
1 82  LYS n 
1 83  TYR n 
1 84  LYS n 
1 85  TRP n 
1 86  TYR n 
1 87  LEU n 
1 88  LYS n 
1 89  LYS n 
1 90  LEU n 
1 91  VAL n 
1 92  PHE n 
1 93  VAL n 
1 94  THR n 
1 95  ASP n 
1 96  LYS n 
1 97  GLY n 
1 98  ARG n 
1 99  TYR n 
1 100 LEU n 
1 101 SER n 
1 102 PHE n 
1 103 GLY n 
1 104 LYS n 
1 105 ASP n 
1 106 SER n 
1 107 GLY n 
1 108 THR n 
1 109 SER n 
1 110 PHE n 
1 111 ASN n 
1 112 ALA n 
1 113 VAL n 
1 114 PRO n 
1 115 LEU n 
1 116 HIS n 
1 117 PRO n 
1 118 ASN n 
1 119 THR n 
1 120 VAL n 
1 121 LEU n 
1 122 ARG n 
1 123 PHE n 
1 124 ILE n 
1 125 SER n 
1 126 GLY n 
1 127 ARG n 
1 128 SER n 
1 129 GLY n 
1 130 SER n 
1 131 LEU n 
1 132 ILE n 
1 133 ASP n 
1 134 ALA n 
1 135 ILE n 
1 136 GLY n 
1 137 LEU n 
1 138 HIS n 
1 139 TRP n 
1 140 ASP n 
1 141 VAL n 
# 
_entity_src_gen.entity_id                          1 
_entity_src_gen.pdbx_src_id                        1 
_entity_src_gen.pdbx_alt_source_flag               sample 
_entity_src_gen.pdbx_seq_type                      ? 
_entity_src_gen.pdbx_beg_seq_num                   ? 
_entity_src_gen.pdbx_end_seq_num                   ? 
_entity_src_gen.gene_src_common_name               human 
_entity_src_gen.gene_src_genus                     ? 
_entity_src_gen.pdbx_gene_src_gene                 ZG16 
_entity_src_gen.gene_src_species                   ? 
_entity_src_gen.gene_src_strain                    ? 
_entity_src_gen.gene_src_tissue                    ? 
_entity_src_gen.gene_src_tissue_fraction           ? 
_entity_src_gen.gene_src_details                   ? 
_entity_src_gen.pdbx_gene_src_fragment             ? 
_entity_src_gen.pdbx_gene_src_scientific_name      'Homo sapiens' 
_entity_src_gen.pdbx_gene_src_ncbi_taxonomy_id     9606 
_entity_src_gen.pdbx_gene_src_variant              ? 
_entity_src_gen.pdbx_gene_src_cell_line            ? 
_entity_src_gen.pdbx_gene_src_atcc                 ? 
_entity_src_gen.pdbx_gene_src_organ                ? 
_entity_src_gen.pdbx_gene_src_organelle            ? 
_entity_src_gen.pdbx_gene_src_cell                 ? 
_entity_src_gen.pdbx_gene_src_cellular_location    ? 
_entity_src_gen.host_org_common_name               ? 
_entity_src_gen.pdbx_host_org_scientific_name      'Escherichia coli' 
_entity_src_gen.pdbx_host_org_ncbi_taxonomy_id     562 
_entity_src_gen.host_org_genus                     ? 
_entity_src_gen.pdbx_host_org_gene                 ? 
_entity_src_gen.pdbx_host_org_organ                ? 
_entity_src_gen.host_org_species                   ? 
_entity_src_gen.pdbx_host_org_tissue               ? 
_entity_src_gen.pdbx_host_org_tissue_fraction      ? 
_entity_src_gen.pdbx_host_org_strain               'E. coli BL21(DE3)' 
_entity_src_gen.pdbx_host_org_variant              ? 
_entity_src_gen.pdbx_host_org_cell_line            ? 
_entity_src_gen.pdbx_host_org_atcc                 ? 
_entity_src_gen.pdbx_host_org_culture_collection   ? 
_entity_src_gen.pdbx_host_org_cell                 ? 
_entity_src_gen.pdbx_host_org_organelle            ? 
_entity_src_gen.pdbx_host_org_cellular_location    ? 
_entity_src_gen.pdbx_host_org_vector_type          plasmid 
_entity_src_gen.pdbx_host_org_vector               ? 
_entity_src_gen.host_org_details                   ? 
_entity_src_gen.expression_system_id               ? 
_entity_src_gen.plasmid_name                       'pCold-1( MBP fusion)' 
_entity_src_gen.plasmid_details                    ? 
_entity_src_gen.pdbx_description                   ? 
# 
_struct_ref.id                         1 
_struct_ref.db_name                    UNP 
_struct_ref.db_code                    ZG16_HUMAN 
_struct_ref.pdbx_db_accession          O60844 
_struct_ref.entity_id                  1 
_struct_ref.pdbx_seq_one_letter_code   
;ARSSSYSGEYGSGGGKRFSHSGNQLDGPITALRVRVNTYYIVGLQVRYGKVWSDYVGGRNGDLEEIFLHPGESVIQVSGK
YKWYLKKLVFVTDKGRYLSFGKDSGTSFNAVPLHPNTVLRFISGRSGSLIDAIGLHWDV
;
_struct_ref.pdbx_align_begin           21 
_struct_ref.pdbx_db_isoform            ? 
# 
_struct_ref_seq.align_id                      1 
_struct_ref_seq.ref_id                        1 
_struct_ref_seq.pdbx_PDB_id_code              3VZF 
_struct_ref_seq.pdbx_strand_id                A 
_struct_ref_seq.seq_align_beg                 3 
_struct_ref_seq.pdbx_seq_align_beg_ins_code   ? 
_struct_ref_seq.seq_align_end                 141 
_struct_ref_seq.pdbx_seq_align_end_ins_code   ? 
_struct_ref_seq.pdbx_db_accession             O60844 
_struct_ref_seq.db_align_beg                  21 
_struct_ref_seq.pdbx_db_align_beg_ins_code    ? 
_struct_ref_seq.db_align_end                  159 
_struct_ref_seq.pdbx_db_align_end_ins_code    ? 
_struct_ref_seq.pdbx_auth_seq_align_beg       21 
_struct_ref_seq.pdbx_auth_seq_align_end       159 
# 
loop_
_struct_ref_seq_dif.align_id 
_struct_ref_seq_dif.pdbx_pdb_id_code 
_struct_ref_seq_dif.mon_id 
_struct_ref_seq_dif.pdbx_pdb_strand_id 
_struct_ref_seq_dif.seq_num 
_struct_ref_seq_dif.pdbx_pdb_ins_code 
_struct_ref_seq_dif.pdbx_seq_db_name 
_struct_ref_seq_dif.pdbx_seq_db_accession_code 
_struct_ref_seq_dif.db_mon_id 
_struct_ref_seq_dif.pdbx_seq_db_seq_num 
_struct_ref_seq_dif.details 
_struct_ref_seq_dif.pdbx_auth_seq_num 
_struct_ref_seq_dif.pdbx_ordinal 
1 3VZF GLY A 1 ? UNP O60844 ? ? 'expression tag' 19 1 
1 3VZF SER A 2 ? UNP O60844 ? ? 'expression tag' 20 2 
# 
loop_
_chem_comp.id 
_chem_comp.type 
_chem_comp.mon_nstd_flag 
_chem_comp.name 
_chem_comp.pdbx_synonyms 
_chem_comp.formula 
_chem_comp.formula_weight 
ALA 'L-peptide linking' y ALANINE                          ? 'C3 H7 N O2'     89.093  
ARG 'L-peptide linking' y ARGININE                         ? 'C6 H15 N4 O2 1' 175.209 
ASN 'L-peptide linking' y ASPARAGINE                       ? 'C4 H8 N2 O3'    132.118 
ASP 'L-peptide linking' y 'ASPARTIC ACID'                  ? 'C4 H7 N O4'     133.103 
CL  non-polymer         . 'CHLORIDE ION'                   ? 'Cl -1'          35.453  
GLN 'L-peptide linking' y GLUTAMINE                        ? 'C5 H10 N2 O3'   146.144 
GLU 'L-peptide linking' y 'GLUTAMIC ACID'                  ? 'C5 H9 N O4'     147.129 
GLY 'peptide linking'   y GLYCINE                          ? 'C2 H5 N O2'     75.067  
HIS 'L-peptide linking' y HISTIDINE                        ? 'C6 H10 N3 O2 1' 156.162 
HOH non-polymer         . WATER                            ? 'H2 O'           18.015  
ILE 'L-peptide linking' y ISOLEUCINE                       ? 'C6 H13 N O2'    131.173 
LEU 'L-peptide linking' y LEUCINE                          ? 'C6 H13 N O2'    131.173 
LYS 'L-peptide linking' y LYSINE                           ? 'C6 H15 N2 O2 1' 147.195 
MMA D-saccharide        n 'methyl alpha-D-mannopyranoside' 
'O1-METHYL-MANNOSE; methyl alpha-D-mannoside; methyl D-mannoside; methyl mannoside' 'C7 H14 O6'      194.182 
PHE 'L-peptide linking' y PHENYLALANINE                    ? 'C9 H11 N O2'    165.189 
PRO 'L-peptide linking' y PROLINE                          ? 'C5 H9 N O2'     115.130 
SER 'L-peptide linking' y SERINE                           ? 'C3 H7 N O3'     105.093 
THR 'L-peptide linking' y THREONINE                        ? 'C4 H9 N O3'     119.119 
TRP 'L-peptide linking' y TRYPTOPHAN                       ? 'C11 H12 N2 O2'  204.225 
TYR 'L-peptide linking' y TYROSINE                         ? 'C9 H11 N O3'    181.189 
VAL 'L-peptide linking' y VALINE                           ? 'C5 H11 N O2'    117.146 
# 
_exptl.entry_id          3VZF 
_exptl.method            'X-RAY DIFFRACTION' 
_exptl.crystals_number   1 
# 
_exptl_crystal.id                    1 
_exptl_crystal.density_meas          ? 
_exptl_crystal.density_Matthews      2.09 
_exptl_crystal.density_percent_sol   41.14 
_exptl_crystal.description           ? 
_exptl_crystal.F_000                 ? 
_exptl_crystal.preparation           ? 
# 
_exptl_crystal_grow.crystal_id      1 
_exptl_crystal_grow.method          'VAPOR DIFFUSION, SITTING DROP' 
_exptl_crystal_grow.temp            293 
_exptl_crystal_grow.temp_details    ? 
_exptl_crystal_grow.pH              5.6 
_exptl_crystal_grow.pdbx_details    
;0.09M MES(pH 6.5), 0.09M Sodium phosphate, 0.09M Potassium phosphate, 1.8M Sodium chloride, VAPOR DIFFUSION, SITTING DROP, temperature 293K
;
_exptl_crystal_grow.pdbx_pH_range   . 
# 
_diffrn.id                     1 
_diffrn.ambient_temp           100 
_diffrn.ambient_temp_details   ? 
_diffrn.crystal_id             1 
# 
_diffrn_detector.diffrn_id              1 
_diffrn_detector.detector               CCD 
_diffrn_detector.type                   'ADSC QUANTUM 210' 
_diffrn_detector.pdbx_collection_date   2011-02-18 
_diffrn_detector.details                ? 
# 
_diffrn_radiation.diffrn_id                        1 
_diffrn_radiation.wavelength_id                    1 
_diffrn_radiation.pdbx_monochromatic_or_laue_m_l   M 
_diffrn_radiation.monochromator                    'Si(111)' 
_diffrn_radiation.pdbx_diffrn_protocol             'SINGLE WAVELENGTH' 
_diffrn_radiation.pdbx_scattering_type             x-ray 
# 
_diffrn_radiation_wavelength.id           1 
_diffrn_radiation_wavelength.wavelength   1.00000 
_diffrn_radiation_wavelength.wt           1.0 
# 
_diffrn_source.diffrn_id                   1 
_diffrn_source.source                      SYNCHROTRON 
_diffrn_source.type                        'PHOTON FACTORY BEAMLINE BL-5A' 
_diffrn_source.pdbx_synchrotron_site       'Photon Factory' 
_diffrn_source.pdbx_synchrotron_beamline   BL-5A 
_diffrn_source.pdbx_wavelength             ? 
_diffrn_source.pdbx_wavelength_list        1.00000 
# 
_reflns.entry_id                     3VZF 
_reflns.observed_criterion_sigma_I   ? 
_reflns.observed_criterion_sigma_F   ? 
_reflns.d_resolution_low             50.0 
_reflns.d_resolution_high            2.80 
_reflns.number_obs                   3500 
_reflns.number_all                   ? 
_reflns.percent_possible_obs         99.7 
_reflns.pdbx_Rmerge_I_obs            0.170 
_reflns.pdbx_Rsym_value              ? 
_reflns.pdbx_netI_over_sigmaI        10.8 
_reflns.B_iso_Wilson_estimate        ? 
_reflns.pdbx_redundancy              6.7 
_reflns.R_free_details               ? 
_reflns.limit_h_max                  ? 
_reflns.limit_h_min                  ? 
_reflns.limit_k_max                  ? 
_reflns.limit_k_min                  ? 
_reflns.limit_l_max                  ? 
_reflns.limit_l_min                  ? 
_reflns.observed_criterion_F_max     ? 
_reflns.observed_criterion_F_min     ? 
_reflns.pdbx_chi_squared             ? 
_reflns.pdbx_scaling_rejects         ? 
_reflns.pdbx_ordinal                 1 
_reflns.pdbx_diffrn_id               1 
# 
_reflns_shell.d_res_high                  2.80 
_reflns_shell.d_res_low                   2.85 
_reflns_shell.percent_possible_all        100.0 
_reflns_shell.Rmerge_I_obs                0.516 
_reflns_shell.pdbx_Rsym_value             ? 
_reflns_shell.meanI_over_sigI_obs         4.1 
_reflns_shell.pdbx_redundancy             6.8 
_reflns_shell.percent_possible_obs        ? 
_reflns_shell.number_unique_all           ? 
_reflns_shell.number_measured_all         ? 
_reflns_shell.number_measured_obs         ? 
_reflns_shell.number_unique_obs           ? 
_reflns_shell.pdbx_chi_squared            ? 
_reflns_shell.pdbx_rejects                ? 
_reflns_shell.pdbx_netI_over_sigmaI_obs   ? 
_reflns_shell.number_possible             ? 
_reflns_shell.Rmerge_F_all                ? 
_reflns_shell.Rmerge_F_obs                ? 
_reflns_shell.Rmerge_I_all                ? 
_reflns_shell.meanI_over_sigI_all         ? 
_reflns_shell.pdbx_Rrim_I_all             ? 
_reflns_shell.pdbx_Rpim_I_all             ? 
_reflns_shell.pdbx_ordinal                1 
_reflns_shell.pdbx_diffrn_id              1 
# 
_refine.entry_id                                 3VZF 
_refine.ls_number_reflns_obs                     3315 
_refine.ls_number_reflns_all                     ? 
_refine.pdbx_ls_sigma_I                          ? 
_refine.pdbx_ls_sigma_F                          ? 
_refine.pdbx_data_cutoff_high_absF               ? 
_refine.pdbx_data_cutoff_low_absF                ? 
_refine.pdbx_data_cutoff_high_rms_absF           ? 
_refine.ls_d_res_low                             45.50 
_refine.ls_d_res_high                            2.80 
_refine.ls_percent_reflns_obs                    99.48 
_refine.ls_R_factor_obs                          0.22362 
_refine.ls_R_factor_all                          ? 
_refine.ls_R_factor_R_work                       0.22069 
_refine.ls_R_factor_R_free                       0.28463 
_refine.ls_R_factor_R_free_error                 ? 
_refine.ls_R_factor_R_free_error_details         ? 
_refine.ls_percent_reflns_R_free                 4.3 
_refine.ls_number_reflns_R_free                  150 
_refine.ls_number_parameters                     ? 
_refine.ls_number_restraints                     ? 
_refine.occupancy_min                            ? 
_refine.occupancy_max                            ? 
_refine.correlation_coeff_Fo_to_Fc               0.907 
_refine.correlation_coeff_Fo_to_Fc_free          0.850 
_refine.B_iso_mean                               30.077 
_refine.aniso_B[1][1]                            -2.18 
_refine.aniso_B[2][2]                            -1.17 
_refine.aniso_B[3][3]                            3.35 
_refine.aniso_B[1][2]                            0.00 
_refine.aniso_B[1][3]                            0.00 
_refine.aniso_B[2][3]                            0.00 
_refine.solvent_model_details                    MASK 
_refine.solvent_model_param_ksol                 ? 
_refine.solvent_model_param_bsol                 ? 
_refine.pdbx_solvent_vdw_probe_radii             1.40 
_refine.pdbx_solvent_ion_probe_radii             0.80 
_refine.pdbx_solvent_shrinkage_radii             0.80 
_refine.pdbx_ls_cross_valid_method               THROUGHOUT 
_refine.details                                  'HYDROGENS HAVE BEEN ADDED IN THE RIDING POSITIONS' 
_refine.pdbx_starting_model                      3APA 
_refine.pdbx_method_to_determine_struct          'MOLECULAR REPLACEMENT' 
_refine.pdbx_isotropic_thermal_model             ? 
_refine.pdbx_stereochemistry_target_values       'MAXIMUM LIKELIHOOD' 
_refine.pdbx_stereochem_target_val_spec_case     ? 
_refine.pdbx_R_Free_selection_details            RANDOM 
_refine.pdbx_overall_ESU_R                       ? 
_refine.pdbx_overall_ESU_R_Free                  0.473 
_refine.overall_SU_ML                            0.305 
_refine.pdbx_overall_phase_error                 ? 
_refine.overall_SU_B                             15.439 
_refine.overall_SU_R_Cruickshank_DPI             ? 
_refine.ls_redundancy_reflns_obs                 ? 
_refine.B_iso_min                                ? 
_refine.B_iso_max                                ? 
_refine.overall_SU_R_free                        ? 
_refine.ls_wR_factor_R_free                      ? 
_refine.ls_wR_factor_R_work                      ? 
_refine.overall_FOM_free_R_set                   ? 
_refine.overall_FOM_work_R_set                   ? 
_refine.pdbx_diffrn_id                           1 
_refine.pdbx_refine_id                           'X-RAY DIFFRACTION' 
_refine.pdbx_TLS_residual_ADP_flag               ? 
_refine.pdbx_overall_SU_R_free_Cruickshank_DPI   ? 
_refine.pdbx_overall_SU_R_Blow_DPI               ? 
_refine.pdbx_overall_SU_R_free_Blow_DPI          ? 
# 
_refine_hist.pdbx_refine_id                   'X-RAY DIFFRACTION' 
_refine_hist.cycle_id                         LAST 
_refine_hist.pdbx_number_atoms_protein        1084 
_refine_hist.pdbx_number_atoms_nucleic_acid   0 
_refine_hist.pdbx_number_atoms_ligand         15 
_refine_hist.number_atoms_solvent             32 
_refine_hist.number_atoms_total               1131 
_refine_hist.d_res_high                       2.80 
_refine_hist.d_res_low                        45.50 
# 
loop_
_refine_ls_restr.type 
_refine_ls_restr.dev_ideal 
_refine_ls_restr.dev_ideal_target 
_refine_ls_restr.weight 
_refine_ls_restr.number 
_refine_ls_restr.pdbx_restraint_function 
_refine_ls_restr.pdbx_refine_id 
r_bond_refined_d             0.006  0.021  ? 1125 ? 'X-RAY DIFFRACTION' 
r_bond_other_d               ?      ?      ? ?    ? 'X-RAY DIFFRACTION' 
r_angle_refined_deg          0.890  1.932  ? 1520 ? 'X-RAY DIFFRACTION' 
r_angle_other_deg            ?      ?      ? ?    ? 'X-RAY DIFFRACTION' 
r_dihedral_angle_1_deg       5.592  5.000  ? 137  ? 'X-RAY DIFFRACTION' 
r_dihedral_angle_2_deg       31.084 22.000 ? 50   ? 'X-RAY DIFFRACTION' 
r_dihedral_angle_3_deg       16.178 15.000 ? 179  ? 'X-RAY DIFFRACTION' 
r_dihedral_angle_4_deg       16.837 15.000 ? 9    ? 'X-RAY DIFFRACTION' 
r_chiral_restr               0.051  0.200  ? 160  ? 'X-RAY DIFFRACTION' 
r_gen_planes_refined         0.002  0.020  ? 857  ? 'X-RAY DIFFRACTION' 
r_gen_planes_other           ?      ?      ? ?    ? 'X-RAY DIFFRACTION' 
r_nbd_refined                0.167  0.200  ? 416  ? 'X-RAY DIFFRACTION' 
r_nbd_other                  ?      ?      ? ?    ? 'X-RAY DIFFRACTION' 
r_nbtor_refined              0.305  0.200  ? 731  ? 'X-RAY DIFFRACTION' 
r_nbtor_other                ?      ?      ? ?    ? 'X-RAY DIFFRACTION' 
r_xyhbond_nbd_refined        0.098  0.200  ? 49   ? 'X-RAY DIFFRACTION' 
r_xyhbond_nbd_other          ?      ?      ? ?    ? 'X-RAY DIFFRACTION' 
r_metal_ion_refined          ?      ?      ? ?    ? 'X-RAY DIFFRACTION' 
r_metal_ion_other            ?      ?      ? ?    ? 'X-RAY DIFFRACTION' 
r_symmetry_vdw_refined       0.138  0.200  ? 31   ? 'X-RAY DIFFRACTION' 
r_symmetry_vdw_other         ?      ?      ? ?    ? 'X-RAY DIFFRACTION' 
r_symmetry_hbond_refined     0.146  0.200  ? 7    ? 'X-RAY DIFFRACTION' 
r_symmetry_hbond_other       ?      ?      ? ?    ? 'X-RAY DIFFRACTION' 
r_symmetry_metal_ion_refined ?      ?      ? ?    ? 'X-RAY DIFFRACTION' 
r_symmetry_metal_ion_other   ?      ?      ? ?    ? 'X-RAY DIFFRACTION' 
r_mcbond_it                  0.234  1.500  ? 688  ? 'X-RAY DIFFRACTION' 
r_mcbond_other               ?      ?      ? ?    ? 'X-RAY DIFFRACTION' 
r_mcangle_it                 0.429  2.000  ? 1077 ? 'X-RAY DIFFRACTION' 
r_scbond_it                  0.470  3.000  ? 506  ? 'X-RAY DIFFRACTION' 
r_scangle_it                 0.801  4.500  ? 443  ? 'X-RAY DIFFRACTION' 
r_rigid_bond_restr           ?      ?      ? ?    ? 'X-RAY DIFFRACTION' 
r_sphericity_free            ?      ?      ? ?    ? 'X-RAY DIFFRACTION' 
r_sphericity_bonded          ?      ?      ? ?    ? 'X-RAY DIFFRACTION' 
# 
_refine_ls_shell.pdbx_refine_id                   'X-RAY DIFFRACTION' 
_refine_ls_shell.pdbx_total_number_of_bins_used   20 
_refine_ls_shell.d_res_high                       2.800 
_refine_ls_shell.d_res_low                        2.873 
_refine_ls_shell.number_reflns_R_work             222 
_refine_ls_shell.R_factor_R_work                  0.235 
_refine_ls_shell.percent_reflns_obs               96.65 
_refine_ls_shell.R_factor_R_free                  0.198 
_refine_ls_shell.R_factor_R_free_error            ? 
_refine_ls_shell.percent_reflns_R_free            ? 
_refine_ls_shell.number_reflns_R_free             9 
_refine_ls_shell.number_reflns_all                ? 
_refine_ls_shell.R_factor_all                     ? 
_refine_ls_shell.number_reflns_obs                ? 
_refine_ls_shell.redundancy_reflns_obs            ? 
# 
_struct.entry_id                  3VZF 
_struct.title                     
'Crystal structure of human pancreatic secretory protein ZG16p with methyl alpha-D-mannopyranoside' 
_struct.pdbx_model_details        ? 
_struct.pdbx_CASP_flag            ? 
_struct.pdbx_model_type_details   ? 
# 
_struct_keywords.entry_id        3VZF 
_struct_keywords.pdbx_keywords   'SUGAR BINDING PROTEIN' 
_struct_keywords.text            'beta-prism fold, SUGAR BINDING PROTEIN' 
# 
loop_
_struct_asym.id 
_struct_asym.pdbx_blank_PDB_chainid_flag 
_struct_asym.pdbx_modified 
_struct_asym.entity_id 
_struct_asym.details 
A N N 1 ? 
B N N 2 ? 
C N N 3 ? 
D N N 3 ? 
E N N 4 ? 
# 
_struct_biol.id        1 
_struct_biol.details   ? 
# 
_struct_conf.conf_type_id            HELX_P 
_struct_conf.id                      HELX_P1 
_struct_conf.pdbx_PDB_helix_id       1 
_struct_conf.beg_label_comp_id       SER 
_struct_conf.beg_label_asym_id       A 
_struct_conf.beg_label_seq_id        23 
_struct_conf.pdbx_beg_PDB_ins_code   ? 
_struct_conf.end_label_comp_id       GLY 
_struct_conf.end_label_asym_id       A 
_struct_conf.end_label_seq_id        29 
_struct_conf.pdbx_end_PDB_ins_code   ? 
_struct_conf.beg_auth_comp_id        SER 
_struct_conf.beg_auth_asym_id        A 
_struct_conf.beg_auth_seq_id         41 
_struct_conf.end_auth_comp_id        GLY 
_struct_conf.end_auth_asym_id        A 
_struct_conf.end_auth_seq_id         47 
_struct_conf.pdbx_PDB_helix_class    5 
_struct_conf.details                 ? 
_struct_conf.pdbx_PDB_helix_length   7 
# 
_struct_conf_type.id          HELX_P 
_struct_conf_type.criteria    ? 
_struct_conf_type.reference   ? 
# 
_struct_mon_prot_cis.pdbx_id                1 
_struct_mon_prot_cis.label_comp_id          GLY 
_struct_mon_prot_cis.label_seq_id           10 
_struct_mon_prot_cis.label_asym_id          A 
_struct_mon_prot_cis.label_alt_id           . 
_struct_mon_prot_cis.pdbx_PDB_ins_code      ? 
_struct_mon_prot_cis.auth_comp_id           GLY 
_struct_mon_prot_cis.auth_seq_id            28 
_struct_mon_prot_cis.auth_asym_id           A 
_struct_mon_prot_cis.pdbx_label_comp_id_2   GLU 
_struct_mon_prot_cis.pdbx_label_seq_id_2    11 
_struct_mon_prot_cis.pdbx_label_asym_id_2   A 
_struct_mon_prot_cis.pdbx_PDB_ins_code_2    ? 
_struct_mon_prot_cis.pdbx_auth_comp_id_2    GLU 
_struct_mon_prot_cis.pdbx_auth_seq_id_2     29 
_struct_mon_prot_cis.pdbx_auth_asym_id_2    A 
_struct_mon_prot_cis.pdbx_PDB_model_num     1 
_struct_mon_prot_cis.pdbx_omega_angle       1.46 
# 
loop_
_struct_sheet.id 
_struct_sheet.type 
_struct_sheet.number_strands 
_struct_sheet.details 
A ? 4 ? 
B ? 3 ? 
C ? 4 ? 
D ? 4 ? 
# 
loop_
_struct_sheet_order.sheet_id 
_struct_sheet_order.range_id_1 
_struct_sheet_order.range_id_2 
_struct_sheet_order.offset 
_struct_sheet_order.sense 
A 1 2 ? anti-parallel 
A 2 3 ? anti-parallel 
A 3 4 ? anti-parallel 
B 1 2 ? anti-parallel 
B 2 3 ? anti-parallel 
C 1 2 ? anti-parallel 
C 2 3 ? anti-parallel 
C 3 4 ? anti-parallel 
D 1 2 ? anti-parallel 
D 2 3 ? anti-parallel 
D 3 4 ? anti-parallel 
# 
loop_
_struct_sheet_range.sheet_id 
_struct_sheet_range.id 
_struct_sheet_range.beg_label_comp_id 
_struct_sheet_range.beg_label_asym_id 
_struct_sheet_range.beg_label_seq_id 
_struct_sheet_range.pdbx_beg_PDB_ins_code 
_struct_sheet_range.end_label_comp_id 
_struct_sheet_range.end_label_asym_id 
_struct_sheet_range.end_label_seq_id 
_struct_sheet_range.pdbx_end_PDB_ins_code 
_struct_sheet_range.beg_auth_comp_id 
_struct_sheet_range.beg_auth_asym_id 
_struct_sheet_range.beg_auth_seq_id 
_struct_sheet_range.end_auth_comp_id 
_struct_sheet_range.end_auth_asym_id 
_struct_sheet_range.end_auth_seq_id 
A 1 SER A 7   ? GLY A 13  ? SER A 25  GLY A 31  
A 2 ILE A 132 ? ASP A 140 ? ILE A 150 ASP A 158 
A 3 VAL A 120 ? SER A 128 ? VAL A 138 SER A 146 
A 4 LYS A 18  ? SER A 21  ? LYS A 36  SER A 39  
B 1 VAL A 53  ? TRP A 54  ? VAL A 71  TRP A 72  
B 2 ILE A 43  ? TYR A 50  ? ILE A 61  TYR A 68  
B 3 VAL A 58  ? GLY A 59  ? VAL A 76  GLY A 77  
C 1 VAL A 53  ? TRP A 54  ? VAL A 71  TRP A 72  
C 2 ILE A 43  ? TYR A 50  ? ILE A 61  TYR A 68  
C 3 ILE A 31  ? VAL A 38  ? ILE A 49  VAL A 56  
C 4 ASP A 64  ? PHE A 69  ? ASP A 82  PHE A 87  
D 1 TYR A 99  ? GLY A 103 ? TYR A 117 GLY A 121 
D 2 LEU A 87  ? THR A 94  ? LEU A 105 THR A 112 
D 3 VAL A 76  ? TYR A 83  ? VAL A 94  TYR A 101 
D 4 THR A 108 ? ALA A 112 ? THR A 126 ALA A 130 
# 
loop_
_pdbx_struct_sheet_hbond.sheet_id 
_pdbx_struct_sheet_hbond.range_id_1 
_pdbx_struct_sheet_hbond.range_id_2 
_pdbx_struct_sheet_hbond.range_1_label_atom_id 
_pdbx_struct_sheet_hbond.range_1_label_comp_id 
_pdbx_struct_sheet_hbond.range_1_label_asym_id 
_pdbx_struct_sheet_hbond.range_1_label_seq_id 
_pdbx_struct_sheet_hbond.range_1_PDB_ins_code 
_pdbx_struct_sheet_hbond.range_1_auth_atom_id 
_pdbx_struct_sheet_hbond.range_1_auth_comp_id 
_pdbx_struct_sheet_hbond.range_1_auth_asym_id 
_pdbx_struct_sheet_hbond.range_1_auth_seq_id 
_pdbx_struct_sheet_hbond.range_2_label_atom_id 
_pdbx_struct_sheet_hbond.range_2_label_comp_id 
_pdbx_struct_sheet_hbond.range_2_label_asym_id 
_pdbx_struct_sheet_hbond.range_2_label_seq_id 
_pdbx_struct_sheet_hbond.range_2_PDB_ins_code 
_pdbx_struct_sheet_hbond.range_2_auth_atom_id 
_pdbx_struct_sheet_hbond.range_2_auth_comp_id 
_pdbx_struct_sheet_hbond.range_2_auth_asym_id 
_pdbx_struct_sheet_hbond.range_2_auth_seq_id 
A 1 2 N SER A 9   ? N SER A 27  O LEU A 137 ? O LEU A 155 
A 2 3 O GLY A 136 ? O GLY A 154 N SER A 125 ? N SER A 143 
A 3 4 O SER A 128 ? O SER A 146 N LYS A 18  ? N LYS A 36  
B 1 2 O VAL A 53  ? O VAL A 71  N TYR A 50  ? N TYR A 68  
B 2 3 N LEU A 46  ? N LEU A 64  O VAL A 58  ? O VAL A 76  
C 1 2 O VAL A 53  ? O VAL A 71  N TYR A 50  ? N TYR A 68  
C 2 3 O ARG A 49  ? O ARG A 67  N THR A 32  ? N THR A 50  
C 3 4 N VAL A 36  ? N VAL A 54  O GLU A 66  ? O GLU A 84  
D 1 2 O PHE A 102 ? O PHE A 120 N LEU A 90  ? N LEU A 108 
D 2 3 O VAL A 93  ? O VAL A 111 N ILE A 77  ? N ILE A 95  
D 3 4 N VAL A 79  ? N VAL A 97  O ALA A 112 ? O ALA A 130 
# 
_atom_sites.entry_id                    3VZF 
_atom_sites.fract_transf_matrix[1][1]   0.01635085 
_atom_sites.fract_transf_matrix[1][2]   0.00439696 
_atom_sites.fract_transf_matrix[1][3]   0.00293363 
_atom_sites.fract_transf_matrix[2][1]   -0.00197827 
_atom_sites.fract_transf_matrix[2][2]   0.01179788 
_atom_sites.fract_transf_matrix[2][3]   -0.00665677 
_atom_sites.fract_transf_matrix[3][1]   -0.00891476 
_atom_sites.fract_transf_matrix[3][2]   0.01437973 
_atom_sites.fract_transf_matrix[3][3]   0.02813467 
_atom_sites.fract_transf_vector[1]      -0.277572 
_atom_sites.fract_transf_vector[2]      0.237706 
_atom_sites.fract_transf_vector[3]      0.067005 
# 
loop_
_atom_type.symbol 
C  
CL 
N  
O  
# 
loop_
_atom_site.group_PDB 
_atom_site.id 
_atom_site.type_symbol 
_atom_site.label_atom_id 
_atom_site.label_alt_id 
_atom_site.label_comp_id 
_atom_site.label_asym_id 
_atom_site.label_entity_id 
_atom_site.label_seq_id 
_atom_site.pdbx_PDB_ins_code 
_atom_site.Cartn_x 
_atom_site.Cartn_y 
_atom_site.Cartn_z 
_atom_site.occupancy 
_atom_site.B_iso_or_equiv 
_atom_site.pdbx_formal_charge 
_atom_site.auth_seq_id 
_atom_site.auth_comp_id 
_atom_site.auth_asym_id 
_atom_site.auth_atom_id 
_atom_site.pdbx_PDB_model_num 
ATOM   1    N  N   . ARG A 1 4   ? -17.068 16.024  2.477   1.00 40.67 ? 22  ARG A N   1 
ATOM   2    C  CA  . ARG A 1 4   ? -15.797 15.257  2.323   1.00 40.71 ? 22  ARG A CA  1 
ATOM   3    C  C   . ARG A 1 4   ? -15.827 14.358  1.089   1.00 40.24 ? 22  ARG A C   1 
ATOM   4    O  O   . ARG A 1 4   ? -16.788 13.617  0.871   1.00 40.32 ? 22  ARG A O   1 
ATOM   5    C  CB  . ARG A 1 4   ? -15.512 14.414  3.574   1.00 40.97 ? 22  ARG A CB  1 
ATOM   6    C  CG  . ARG A 1 4   ? -14.807 15.155  4.719   1.00 42.17 ? 22  ARG A CG  1 
ATOM   7    C  CD  . ARG A 1 4   ? -15.753 16.042  5.552   1.00 44.10 ? 22  ARG A CD  1 
ATOM   8    N  NE  . ARG A 1 4   ? -16.987 15.356  5.951   1.00 45.60 ? 22  ARG A NE  1 
ATOM   9    C  CZ  . ARG A 1 4   ? -17.102 14.531  6.990   1.00 46.31 ? 22  ARG A CZ  1 
ATOM   10   N  NH1 . ARG A 1 4   ? -18.271 13.963  7.260   1.00 46.56 ? 22  ARG A NH1 1 
ATOM   11   N  NH2 . ARG A 1 4   ? -16.055 14.265  7.764   1.00 46.60 ? 22  ARG A NH2 1 
ATOM   12   N  N   . SER A 1 5   ? -14.768 14.437  0.288   1.00 39.65 ? 23  SER A N   1 
ATOM   13   C  CA  . SER A 1 5   ? -14.590 13.565  -0.868  1.00 38.97 ? 23  SER A CA  1 
ATOM   14   C  C   . SER A 1 5   ? -13.546 12.494  -0.565  1.00 38.44 ? 23  SER A C   1 
ATOM   15   O  O   . SER A 1 5   ? -13.272 11.630  -1.397  1.00 38.40 ? 23  SER A O   1 
ATOM   16   C  CB  . SER A 1 5   ? -14.170 14.379  -2.097  1.00 39.09 ? 23  SER A CB  1 
ATOM   17   O  OG  . SER A 1 5   ? -15.122 15.385  -2.401  1.00 39.26 ? 23  SER A OG  1 
ATOM   18   N  N   . SER A 1 6   ? -12.975 12.559  0.637   1.00 37.79 ? 24  SER A N   1 
ATOM   19   C  CA  . SER A 1 6   ? -11.954 11.612  1.078   1.00 37.19 ? 24  SER A CA  1 
ATOM   20   C  C   . SER A 1 6   ? -12.554 10.417  1.818   1.00 36.82 ? 24  SER A C   1 
ATOM   21   O  O   . SER A 1 6   ? -13.643 10.508  2.392   1.00 36.81 ? 24  SER A O   1 
ATOM   22   C  CB  . SER A 1 6   ? -10.922 12.310  1.968   1.00 37.16 ? 24  SER A CB  1 
ATOM   23   O  OG  . SER A 1 6   ? -11.462 12.626  3.238   1.00 37.14 ? 24  SER A OG  1 
ATOM   24   N  N   . SER A 1 7   ? -11.829 9.304   1.803   1.00 36.31 ? 25  SER A N   1 
ATOM   25   C  CA  . SER A 1 7   ? -12.239 8.094   2.503   1.00 35.88 ? 25  SER A CA  1 
ATOM   26   C  C   . SER A 1 7   ? -11.031 7.274   2.949   1.00 35.63 ? 25  SER A C   1 
ATOM   27   O  O   . SER A 1 7   ? -9.902  7.533   2.531   1.00 35.44 ? 25  SER A O   1 
ATOM   28   C  CB  . SER A 1 7   ? -13.185 7.255   1.635   1.00 35.93 ? 25  SER A CB  1 
ATOM   29   O  OG  . SER A 1 7   ? -12.739 7.185   0.291   1.00 36.04 ? 25  SER A OG  1 
ATOM   30   N  N   . TYR A 1 8   ? -11.280 6.292   3.811   1.00 35.48 ? 26  TYR A N   1 
ATOM   31   C  CA  . TYR A 1 8   ? -10.228 5.446   4.357   1.00 35.28 ? 26  TYR A CA  1 
ATOM   32   C  C   . TYR A 1 8   ? -10.647 3.980   4.352   1.00 35.42 ? 26  TYR A C   1 
ATOM   33   O  O   . TYR A 1 8   ? -11.610 3.596   5.018   1.00 35.50 ? 26  TYR A O   1 
ATOM   34   C  CB  . TYR A 1 8   ? -9.869  5.896   5.777   1.00 35.04 ? 26  TYR A CB  1 
ATOM   35   C  CG  . TYR A 1 8   ? -8.911  4.984   6.508   1.00 34.76 ? 26  TYR A CG  1 
ATOM   36   C  CD1 . TYR A 1 8   ? -9.334  4.227   7.597   1.00 34.55 ? 26  TYR A CD1 1 
ATOM   37   C  CD2 . TYR A 1 8   ? -7.583  4.876   6.113   1.00 34.74 ? 26  TYR A CD2 1 
ATOM   38   C  CE1 . TYR A 1 8   ? -8.457  3.385   8.278   1.00 34.46 ? 26  TYR A CE1 1 
ATOM   39   C  CE2 . TYR A 1 8   ? -6.697  4.043   6.785   1.00 34.90 ? 26  TYR A CE2 1 
ATOM   40   C  CZ  . TYR A 1 8   ? -7.140  3.300   7.866   1.00 34.82 ? 26  TYR A CZ  1 
ATOM   41   O  OH  . TYR A 1 8   ? -6.262  2.473   8.530   1.00 34.98 ? 26  TYR A OH  1 
ATOM   42   N  N   . SER A 1 9   ? -9.922  3.172   3.585   1.00 35.52 ? 27  SER A N   1 
ATOM   43   C  CA  . SER A 1 9   ? -10.111 1.730   3.595   1.00 35.67 ? 27  SER A CA  1 
ATOM   44   C  C   . SER A 1 9   ? -9.137  1.098   4.578   1.00 35.90 ? 27  SER A C   1 
ATOM   45   O  O   . SER A 1 9   ? -7.919  1.211   4.422   1.00 35.95 ? 27  SER A O   1 
ATOM   46   C  CB  . SER A 1 9   ? -9.916  1.149   2.198   1.00 35.59 ? 27  SER A CB  1 
ATOM   47   O  OG  . SER A 1 9   ? -11.026 1.438   1.367   1.00 35.41 ? 27  SER A OG  1 
ATOM   48   N  N   . GLY A 1 10  ? -9.682  0.444   5.597   1.00 36.21 ? 28  GLY A N   1 
ATOM   49   C  CA  . GLY A 1 10  ? -8.869  -0.175  6.639   1.00 36.58 ? 28  GLY A CA  1 
ATOM   50   C  C   . GLY A 1 10  ? -9.550  -0.220  7.997   1.00 36.83 ? 28  GLY A C   1 
ATOM   51   O  O   . GLY A 1 10  ? -10.703 0.195   8.135   1.00 36.79 ? 28  GLY A O   1 
ATOM   52   N  N   . GLU A 1 11  ? -8.839  -0.715  9.006   1.00 37.09 ? 29  GLU A N   1 
ATOM   53   C  CA  . GLU A 1 11  ? -7.460  -1.170  8.848   1.00 37.50 ? 29  GLU A CA  1 
ATOM   54   C  C   . GLU A 1 11  ? -7.410  -2.677  8.603   1.00 37.46 ? 29  GLU A C   1 
ATOM   55   O  O   . GLU A 1 11  ? -8.135  -3.440  9.241   1.00 37.52 ? 29  GLU A O   1 
ATOM   56   C  CB  . GLU A 1 11  ? -6.633  -0.794  10.079  1.00 37.39 ? 29  GLU A CB  1 
ATOM   57   C  CG  . GLU A 1 11  ? -5.148  -0.601  9.798   1.00 37.91 ? 29  GLU A CG  1 
ATOM   58   C  CD  . GLU A 1 11  ? -4.402  0.045   10.960  1.00 38.31 ? 29  GLU A CD  1 
ATOM   59   O  OE1 . GLU A 1 11  ? -3.618  0.991   10.716  1.00 39.30 ? 29  GLU A OE1 1 
ATOM   60   O  OE2 . GLU A 1 11  ? -4.600  -0.387  12.120  1.00 39.48 ? 29  GLU A OE2 1 
ATOM   61   N  N   . TYR A 1 12  ? -6.562  -3.091  7.665   1.00 37.53 ? 30  TYR A N   1 
ATOM   62   C  CA  . TYR A 1 12  ? -6.412  -4.497  7.316   1.00 37.55 ? 30  TYR A CA  1 
ATOM   63   C  C   . TYR A 1 12  ? -5.114  -5.044  7.883   1.00 37.76 ? 30  TYR A C   1 
ATOM   64   O  O   . TYR A 1 12  ? -4.037  -4.527  7.590   1.00 37.77 ? 30  TYR A O   1 
ATOM   65   C  CB  . TYR A 1 12  ? -6.437  -4.685  5.801   1.00 37.52 ? 30  TYR A CB  1 
ATOM   66   C  CG  . TYR A 1 12  ? -7.608  -4.025  5.113   1.00 37.50 ? 30  TYR A CG  1 
ATOM   67   C  CD1 . TYR A 1 12  ? -8.896  -4.542  5.238   1.00 37.22 ? 30  TYR A CD1 1 
ATOM   68   C  CD2 . TYR A 1 12  ? -7.426  -2.885  4.333   1.00 37.41 ? 30  TYR A CD2 1 
ATOM   69   C  CE1 . TYR A 1 12  ? -9.976  -3.939  4.605   1.00 37.29 ? 30  TYR A CE1 1 
ATOM   70   C  CE2 . TYR A 1 12  ? -8.499  -2.276  3.694   1.00 37.53 ? 30  TYR A CE2 1 
ATOM   71   C  CZ  . TYR A 1 12  ? -9.769  -2.807  3.835   1.00 37.45 ? 30  TYR A CZ  1 
ATOM   72   O  OH  . TYR A 1 12  ? -10.834 -2.208  3.204   1.00 37.60 ? 30  TYR A OH  1 
ATOM   73   N  N   . GLY A 1 13  ? -5.229  -6.103  8.683   1.00 38.01 ? 31  GLY A N   1 
ATOM   74   C  CA  . GLY A 1 13  ? -4.101  -6.673  9.418   1.00 38.19 ? 31  GLY A CA  1 
ATOM   75   C  C   . GLY A 1 13  ? -4.398  -6.702  10.904  1.00 38.36 ? 31  GLY A C   1 
ATOM   76   O  O   . GLY A 1 13  ? -5.556  -6.579  11.312  1.00 38.39 ? 31  GLY A O   1 
ATOM   77   N  N   . SER A 1 14  ? -3.357  -6.857  11.718  1.00 38.59 ? 32  SER A N   1 
ATOM   78   C  CA  . SER A 1 14  ? -3.523  -6.875  13.173  1.00 38.88 ? 32  SER A CA  1 
ATOM   79   C  C   . SER A 1 14  ? -2.861  -5.678  13.864  1.00 38.93 ? 32  SER A C   1 
ATOM   80   O  O   . SER A 1 14  ? -2.289  -4.805  13.202  1.00 39.09 ? 32  SER A O   1 
ATOM   81   C  CB  . SER A 1 14  ? -3.025  -8.197  13.763  1.00 38.95 ? 32  SER A CB  1 
ATOM   82   O  OG  . SER A 1 14  ? -3.611  -8.436  15.034  1.00 39.44 ? 32  SER A OG  1 
ATOM   83   N  N   . GLY A 1 15  ? -2.950  -5.639  15.193  1.00 38.94 ? 33  GLY A N   1 
ATOM   84   C  CA  . GLY A 1 15  ? -2.489  -4.489  15.972  1.00 38.91 ? 33  GLY A CA  1 
ATOM   85   C  C   . GLY A 1 15  ? -1.126  -4.644  16.621  1.00 38.85 ? 33  GLY A C   1 
ATOM   86   O  O   . GLY A 1 15  ? -0.941  -4.273  17.785  1.00 38.92 ? 33  GLY A O   1 
ATOM   87   N  N   . GLY A 1 16  ? -0.171  -5.185  15.869  1.00 38.75 ? 34  GLY A N   1 
ATOM   88   C  CA  . GLY A 1 16  ? 1.205   -5.332  16.341  1.00 38.66 ? 34  GLY A CA  1 
ATOM   89   C  C   . GLY A 1 16  ? 2.110   -4.250  15.783  1.00 38.62 ? 34  GLY A C   1 
ATOM   90   O  O   . GLY A 1 16  ? 1.773   -3.599  14.796  1.00 38.69 ? 34  GLY A O   1 
ATOM   91   N  N   . GLY A 1 17  ? 3.259   -4.055  16.422  1.00 38.58 ? 35  GLY A N   1 
ATOM   92   C  CA  . GLY A 1 17  ? 4.231   -3.054  15.984  1.00 38.56 ? 35  GLY A CA  1 
ATOM   93   C  C   . GLY A 1 17  ? 3.765   -1.623  16.173  1.00 38.56 ? 35  GLY A C   1 
ATOM   94   O  O   . GLY A 1 17  ? 2.750   -1.370  16.826  1.00 38.61 ? 35  GLY A O   1 
ATOM   95   N  N   . LYS A 1 18  ? 4.512   -0.687  15.596  1.00 38.52 ? 36  LYS A N   1 
ATOM   96   C  CA  . LYS A 1 18  ? 4.186   0.736   15.681  1.00 38.47 ? 36  LYS A CA  1 
ATOM   97   C  C   . LYS A 1 18  ? 3.467   1.221   14.425  1.00 38.20 ? 36  LYS A C   1 
ATOM   98   O  O   . LYS A 1 18  ? 3.556   0.589   13.370  1.00 38.11 ? 36  LYS A O   1 
ATOM   99   C  CB  . LYS A 1 18  ? 5.452   1.561   15.943  1.00 38.56 ? 36  LYS A CB  1 
ATOM   100  C  CG  . LYS A 1 18  ? 5.940   1.501   17.388  1.00 39.28 ? 36  LYS A CG  1 
ATOM   101  C  CD  . LYS A 1 18  ? 5.196   2.507   18.272  1.00 40.76 ? 36  LYS A CD  1 
ATOM   102  C  CE  . LYS A 1 18  ? 5.139   2.056   19.730  1.00 41.42 ? 36  LYS A CE  1 
ATOM   103  N  NZ  . LYS A 1 18  ? 4.164   0.941   19.935  1.00 41.54 ? 36  LYS A NZ  1 
ATOM   104  N  N   . ARG A 1 19  ? 2.753   2.339   14.545  1.00 37.93 ? 37  ARG A N   1 
ATOM   105  C  CA  . ARG A 1 19  ? 1.962   2.874   13.435  1.00 37.63 ? 37  ARG A CA  1 
ATOM   106  C  C   . ARG A 1 19  ? 2.785   3.779   12.525  1.00 37.11 ? 37  ARG A C   1 
ATOM   107  O  O   . ARG A 1 19  ? 3.813   4.315   12.936  1.00 37.15 ? 37  ARG A O   1 
ATOM   108  C  CB  . ARG A 1 19  ? 0.725   3.623   13.943  1.00 37.75 ? 37  ARG A CB  1 
ATOM   109  C  CG  . ARG A 1 19  ? 0.986   5.070   14.327  1.00 38.60 ? 37  ARG A CG  1 
ATOM   110  C  CD  . ARG A 1 19  ? -0.128  5.980   13.838  1.00 39.99 ? 37  ARG A CD  1 
ATOM   111  N  NE  . ARG A 1 19  ? 0.357   7.333   13.569  1.00 41.03 ? 37  ARG A NE  1 
ATOM   112  C  CZ  . ARG A 1 19  ? -0.274  8.228   12.811  1.00 41.75 ? 37  ARG A CZ  1 
ATOM   113  N  NH1 . ARG A 1 19  ? -1.429  7.923   12.230  1.00 42.24 ? 37  ARG A NH1 1 
ATOM   114  N  NH2 . ARG A 1 19  ? 0.255   9.431   12.630  1.00 42.00 ? 37  ARG A NH2 1 
ATOM   115  N  N   . PHE A 1 20  ? 2.320   3.932   11.288  1.00 36.60 ? 38  PHE A N   1 
ATOM   116  C  CA  . PHE A 1 20  ? 2.913   4.866   10.332  1.00 36.02 ? 38  PHE A CA  1 
ATOM   117  C  C   . PHE A 1 20  ? 1.847   5.504   9.443   1.00 35.76 ? 38  PHE A C   1 
ATOM   118  O  O   . PHE A 1 20  ? 0.816   4.895   9.152   1.00 35.60 ? 38  PHE A O   1 
ATOM   119  C  CB  . PHE A 1 20  ? 4.007   4.188   9.489   1.00 35.86 ? 38  PHE A CB  1 
ATOM   120  C  CG  . PHE A 1 20  ? 3.484   3.230   8.447   1.00 35.72 ? 38  PHE A CG  1 
ATOM   121  C  CD1 . PHE A 1 20  ? 3.177   3.673   7.160   1.00 35.20 ? 38  PHE A CD1 1 
ATOM   122  C  CD2 . PHE A 1 20  ? 3.322   1.877   8.743   1.00 35.55 ? 38  PHE A CD2 1 
ATOM   123  C  CE1 . PHE A 1 20  ? 2.698   2.790   6.197   1.00 35.05 ? 38  PHE A CE1 1 
ATOM   124  C  CE2 . PHE A 1 20  ? 2.846   0.986   7.781   1.00 35.10 ? 38  PHE A CE2 1 
ATOM   125  C  CZ  . PHE A 1 20  ? 2.533   1.444   6.508   1.00 35.12 ? 38  PHE A CZ  1 
ATOM   126  N  N   . SER A 1 21  ? 2.105   6.736   9.020   1.00 35.55 ? 39  SER A N   1 
ATOM   127  C  CA  . SER A 1 21  ? 1.219   7.436   8.103   1.00 35.34 ? 39  SER A CA  1 
ATOM   128  C  C   . SER A 1 21  ? 2.027   8.194   7.067   1.00 35.10 ? 39  SER A C   1 
ATOM   129  O  O   . SER A 1 21  ? 3.020   8.840   7.398   1.00 35.33 ? 39  SER A O   1 
ATOM   130  C  CB  . SER A 1 21  ? 0.310   8.400   8.860   1.00 35.42 ? 39  SER A CB  1 
ATOM   131  O  OG  . SER A 1 21  ? -0.673  8.945   7.997   1.00 35.84 ? 39  SER A OG  1 
ATOM   132  N  N   . HIS A 1 22  ? 1.593   8.104   5.814   1.00 34.71 ? 40  HIS A N   1 
ATOM   133  C  CA  . HIS A 1 22  ? 2.207   8.837   4.713   1.00 34.34 ? 40  HIS A CA  1 
ATOM   134  C  C   . HIS A 1 22  ? 1.405   10.102  4.400   1.00 34.18 ? 40  HIS A C   1 
ATOM   135  O  O   . HIS A 1 22  ? 1.439   10.615  3.276   1.00 34.09 ? 40  HIS A O   1 
ATOM   136  C  CB  . HIS A 1 22  ? 2.290   7.942   3.474   1.00 34.35 ? 40  HIS A CB  1 
ATOM   137  C  CG  . HIS A 1 22  ? 3.372   6.908   3.534   1.00 33.91 ? 40  HIS A CG  1 
ATOM   138  N  ND1 . HIS A 1 22  ? 3.779   6.197   2.427   1.00 33.24 ? 40  HIS A ND1 1 
ATOM   139  C  CD2 . HIS A 1 22  ? 4.144   6.477   4.561   1.00 33.78 ? 40  HIS A CD2 1 
ATOM   140  C  CE1 . HIS A 1 22  ? 4.745   5.365   2.769   1.00 33.12 ? 40  HIS A CE1 1 
ATOM   141  N  NE2 . HIS A 1 22  ? 4.988   5.517   4.057   1.00 33.49 ? 40  HIS A NE2 1 
ATOM   142  N  N   . SER A 1 23  ? 0.691   10.595  5.412   1.00 33.96 ? 41  SER A N   1 
ATOM   143  C  CA  . SER A 1 23  ? -0.205  11.744  5.285   1.00 33.84 ? 41  SER A CA  1 
ATOM   144  C  C   . SER A 1 23  ? 0.493   13.005  4.787   1.00 33.72 ? 41  SER A C   1 
ATOM   145  O  O   . SER A 1 23  ? -0.057  13.738  3.969   1.00 33.75 ? 41  SER A O   1 
ATOM   146  C  CB  . SER A 1 23  ? -0.902  12.019  6.619   1.00 33.81 ? 41  SER A CB  1 
ATOM   147  O  OG  . SER A 1 23  ? -1.771  13.131  6.517   1.00 34.09 ? 41  SER A OG  1 
ATOM   148  N  N   . GLY A 1 24  ? 1.698   13.253  5.288   1.00 33.60 ? 42  GLY A N   1 
ATOM   149  C  CA  . GLY A 1 24  ? 2.479   14.411  4.871   1.00 33.32 ? 42  GLY A CA  1 
ATOM   150  C  C   . GLY A 1 24  ? 3.072   14.262  3.482   1.00 33.12 ? 42  GLY A C   1 
ATOM   151  O  O   . GLY A 1 24  ? 3.303   15.255  2.795   1.00 33.20 ? 42  GLY A O   1 
ATOM   152  N  N   . ASN A 1 25  ? 3.309   13.019  3.067   1.00 32.89 ? 43  ASN A N   1 
ATOM   153  C  CA  . ASN A 1 25  ? 3.974   12.734  1.794   1.00 32.63 ? 43  ASN A CA  1 
ATOM   154  C  C   . ASN A 1 25  ? 3.167   13.115  0.554   1.00 32.45 ? 43  ASN A C   1 
ATOM   155  O  O   . ASN A 1 25  ? 3.737   13.293  -0.521  1.00 32.44 ? 43  ASN A O   1 
ATOM   156  C  CB  . ASN A 1 25  ? 4.384   11.264  1.715   1.00 32.63 ? 43  ASN A CB  1 
ATOM   157  C  CG  . ASN A 1 25  ? 5.284   10.849  2.854   1.00 32.69 ? 43  ASN A CG  1 
ATOM   158  O  OD1 . ASN A 1 25  ? 4.847   10.761  4.000   1.00 33.28 ? 43  ASN A OD1 1 
ATOM   159  N  ND2 . ASN A 1 25  ? 6.548   10.583  2.547   1.00 32.45 ? 43  ASN A ND2 1 
ATOM   160  N  N   . GLN A 1 26  ? 1.850   13.240  0.707   1.00 32.24 ? 44  GLN A N   1 
ATOM   161  C  CA  . GLN A 1 26  ? 0.973   13.617  -0.403  1.00 32.04 ? 44  GLN A CA  1 
ATOM   162  C  C   . GLN A 1 26  ? 1.229   15.049  -0.898  1.00 31.95 ? 44  GLN A C   1 
ATOM   163  O  O   . GLN A 1 26  ? 0.834   15.406  -2.010  1.00 31.96 ? 44  GLN A O   1 
ATOM   164  C  CB  . GLN A 1 26  ? -0.504  13.405  -0.035  1.00 31.97 ? 44  GLN A CB  1 
ATOM   165  C  CG  . GLN A 1 26  ? -1.008  14.275  1.106   1.00 31.92 ? 44  GLN A CG  1 
ATOM   166  C  CD  . GLN A 1 26  ? -2.360  13.837  1.637   1.00 32.00 ? 44  GLN A CD  1 
ATOM   167  O  OE1 . GLN A 1 26  ? -3.233  13.402  0.881   1.00 32.08 ? 44  GLN A OE1 1 
ATOM   168  N  NE2 . GLN A 1 26  ? -2.546  13.962  2.946   1.00 31.91 ? 44  GLN A NE2 1 
ATOM   169  N  N   . LEU A 1 27  ? 1.901   15.852  -0.074  1.00 31.77 ? 45  LEU A N   1 
ATOM   170  C  CA  . LEU A 1 27  ? 2.325   17.201  -0.457  1.00 31.66 ? 45  LEU A CA  1 
ATOM   171  C  C   . LEU A 1 27  ? 3.454   17.176  -1.496  1.00 31.55 ? 45  LEU A C   1 
ATOM   172  O  O   . LEU A 1 27  ? 3.644   18.147  -2.232  1.00 31.70 ? 45  LEU A O   1 
ATOM   173  C  CB  . LEU A 1 27  ? 2.759   18.010  0.775   1.00 31.67 ? 45  LEU A CB  1 
ATOM   174  C  CG  . LEU A 1 27  ? 1.782   18.173  1.952   1.00 31.80 ? 45  LEU A CG  1 
ATOM   175  C  CD1 . LEU A 1 27  ? 2.501   18.729  3.176   1.00 31.50 ? 45  LEU A CD1 1 
ATOM   176  C  CD2 . LEU A 1 27  ? 0.571   19.038  1.598   1.00 31.79 ? 45  LEU A CD2 1 
ATOM   177  N  N   . ASP A 1 28  ? 4.193   16.068  -1.551  1.00 31.25 ? 46  ASP A N   1 
ATOM   178  C  CA  . ASP A 1 28  ? 5.270   15.888  -2.529  1.00 30.97 ? 46  ASP A CA  1 
ATOM   179  C  C   . ASP A 1 28  ? 4.756   15.500  -3.917  1.00 30.50 ? 46  ASP A C   1 
ATOM   180  O  O   . ASP A 1 28  ? 5.501   15.557  -4.899  1.00 30.43 ? 46  ASP A O   1 
ATOM   181  C  CB  . ASP A 1 28  ? 6.291   14.854  -2.035  1.00 31.10 ? 46  ASP A CB  1 
ATOM   182  C  CG  . ASP A 1 28  ? 7.281   15.431  -1.025  1.00 31.96 ? 46  ASP A CG  1 
ATOM   183  O  OD1 . ASP A 1 28  ? 7.494   16.666  -1.008  1.00 32.65 ? 46  ASP A OD1 1 
ATOM   184  O  OD2 . ASP A 1 28  ? 7.860   14.638  -0.251  1.00 32.84 ? 46  ASP A OD2 1 
ATOM   185  N  N   . GLY A 1 29  ? 3.489   15.103  -3.990  1.00 30.05 ? 47  GLY A N   1 
ATOM   186  C  CA  . GLY A 1 29  ? 2.875   14.696  -5.253  1.00 29.43 ? 47  GLY A CA  1 
ATOM   187  C  C   . GLY A 1 29  ? 2.018   13.441  -5.172  1.00 28.99 ? 47  GLY A C   1 
ATOM   188  O  O   . GLY A 1 29  ? 1.812   12.889  -4.084  1.00 28.93 ? 47  GLY A O   1 
ATOM   189  N  N   . PRO A 1 30  ? 1.501   12.986  -6.328  1.00 28.57 ? 48  PRO A N   1 
ATOM   190  C  CA  . PRO A 1 30  ? 0.758   11.730  -6.394  1.00 28.16 ? 48  PRO A CA  1 
ATOM   191  C  C   . PRO A 1 30  ? 1.695   10.527  -6.352  1.00 27.68 ? 48  PRO A C   1 
ATOM   192  O  O   . PRO A 1 30  ? 2.901   10.678  -6.555  1.00 27.67 ? 48  PRO A O   1 
ATOM   193  C  CB  . PRO A 1 30  ? 0.065   11.812  -7.756  1.00 28.19 ? 48  PRO A CB  1 
ATOM   194  C  CG  . PRO A 1 30  ? 0.978   12.638  -8.583  1.00 28.46 ? 48  PRO A CG  1 
ATOM   195  C  CD  . PRO A 1 30  ? 1.586   13.645  -7.645  1.00 28.54 ? 48  PRO A CD  1 
ATOM   196  N  N   . ILE A 1 31  ? 1.138   9.345   -6.095  1.00 27.15 ? 49  ILE A N   1 
ATOM   197  C  CA  . ILE A 1 31  ? 1.908   8.101   -6.098  1.00 26.53 ? 49  ILE A CA  1 
ATOM   198  C  C   . ILE A 1 31  ? 2.434   7.820   -7.507  1.00 26.33 ? 49  ILE A C   1 
ATOM   199  O  O   . ILE A 1 31  ? 1.658   7.754   -8.461  1.00 26.42 ? 49  ILE A O   1 
ATOM   200  C  CB  . ILE A 1 31  ? 1.065   6.916   -5.560  1.00 26.41 ? 49  ILE A CB  1 
ATOM   201  C  CG1 . ILE A 1 31  ? 0.763   7.126   -4.071  1.00 25.95 ? 49  ILE A CG1 1 
ATOM   202  C  CG2 . ILE A 1 31  ? 1.782   5.584   -5.788  1.00 26.26 ? 49  ILE A CG2 1 
ATOM   203  C  CD1 . ILE A 1 31  ? -0.424  6.356   -3.550  1.00 25.28 ? 49  ILE A CD1 1 
ATOM   204  N  N   . THR A 1 32  ? 3.753   7.682   -7.625  1.00 26.03 ? 50  THR A N   1 
ATOM   205  C  CA  . THR A 1 32  ? 4.408   7.477   -8.922  1.00 25.85 ? 50  THR A CA  1 
ATOM   206  C  C   . THR A 1 32  ? 5.153   6.144   -9.034  1.00 25.66 ? 50  THR A C   1 
ATOM   207  O  O   . THR A 1 32  ? 5.442   5.693   -10.142 1.00 25.85 ? 50  THR A O   1 
ATOM   208  C  CB  . THR A 1 32  ? 5.388   8.627   -9.275  1.00 25.88 ? 50  THR A CB  1 
ATOM   209  O  OG1 . THR A 1 32  ? 6.370   8.759   -8.240  1.00 26.13 ? 50  THR A OG1 1 
ATOM   210  C  CG2 . THR A 1 32  ? 4.647   9.949   -9.447  1.00 25.77 ? 50  THR A CG2 1 
ATOM   211  N  N   . ALA A 1 33  ? 5.475   5.531   -7.894  1.00 25.27 ? 51  ALA A N   1 
ATOM   212  C  CA  . ALA A 1 33  ? 6.127   4.217   -7.864  1.00 24.87 ? 51  ALA A CA  1 
ATOM   213  C  C   . ALA A 1 33  ? 5.870   3.482   -6.546  1.00 24.64 ? 51  ALA A C   1 
ATOM   214  O  O   . ALA A 1 33  ? 5.500   4.095   -5.543  1.00 24.68 ? 51  ALA A O   1 
ATOM   215  C  CB  . ALA A 1 33  ? 7.626   4.352   -8.120  1.00 24.81 ? 51  ALA A CB  1 
ATOM   216  N  N   . LEU A 1 34  ? 6.073   2.168   -6.554  1.00 24.32 ? 52  LEU A N   1 
ATOM   217  C  CA  . LEU A 1 34  ? 5.846   1.345   -5.368  1.00 24.16 ? 52  LEU A CA  1 
ATOM   218  C  C   . LEU A 1 34  ? 7.021   0.412   -5.077  1.00 24.02 ? 52  LEU A C   1 
ATOM   219  O  O   . LEU A 1 34  ? 7.576   -0.206  -5.987  1.00 23.88 ? 52  LEU A O   1 
ATOM   220  C  CB  . LEU A 1 34  ? 4.558   0.524   -5.518  1.00 24.14 ? 52  LEU A CB  1 
ATOM   221  C  CG  . LEU A 1 34  ? 3.239   1.266   -5.760  1.00 24.23 ? 52  LEU A CG  1 
ATOM   222  C  CD1 . LEU A 1 34  ? 2.251   0.378   -6.507  1.00 24.49 ? 52  LEU A CD1 1 
ATOM   223  C  CD2 . LEU A 1 34  ? 2.636   1.803   -4.460  1.00 24.13 ? 52  LEU A CD2 1 
ATOM   224  N  N   . ARG A 1 35  ? 7.389   0.321   -3.804  1.00 23.90 ? 53  ARG A N   1 
ATOM   225  C  CA  . ARG A 1 35  ? 8.398   -0.632  -3.354  1.00 23.93 ? 53  ARG A CA  1 
ATOM   226  C  C   . ARG A 1 35  ? 7.830   -1.559  -2.294  1.00 24.02 ? 53  ARG A C   1 
ATOM   227  O  O   . ARG A 1 35  ? 7.344   -1.112  -1.253  1.00 23.99 ? 53  ARG A O   1 
ATOM   228  C  CB  . ARG A 1 35  ? 9.621   0.085   -2.797  1.00 23.82 ? 53  ARG A CB  1 
ATOM   229  C  CG  . ARG A 1 35  ? 10.688  0.390   -3.808  1.00 23.30 ? 53  ARG A CG  1 
ATOM   230  C  CD  . ARG A 1 35  ? 11.793  1.141   -3.121  1.00 22.72 ? 53  ARG A CD  1 
ATOM   231  N  NE  . ARG A 1 35  ? 12.812  1.620   -4.043  1.00 21.87 ? 53  ARG A NE  1 
ATOM   232  C  CZ  . ARG A 1 35  ? 13.710  2.548   -3.739  1.00 21.47 ? 53  ARG A CZ  1 
ATOM   233  N  NH1 . ARG A 1 35  ? 13.719  3.111   -2.536  1.00 21.02 ? 53  ARG A NH1 1 
ATOM   234  N  NH2 . ARG A 1 35  ? 14.599  2.918   -4.645  1.00 21.70 ? 53  ARG A NH2 1 
ATOM   235  N  N   . VAL A 1 36  ? 7.888   -2.855  -2.571  1.00 24.18 ? 54  VAL A N   1 
ATOM   236  C  CA  . VAL A 1 36  ? 7.410   -3.859  -1.632  1.00 24.42 ? 54  VAL A CA  1 
ATOM   237  C  C   . VAL A 1 36  ? 8.503   -4.898  -1.442  1.00 24.46 ? 54  VAL A C   1 
ATOM   238  O  O   . VAL A 1 36  ? 9.043   -5.419  -2.417  1.00 24.46 ? 54  VAL A O   1 
ATOM   239  C  CB  . VAL A 1 36  ? 6.095   -4.537  -2.112  1.00 24.46 ? 54  VAL A CB  1 
ATOM   240  C  CG1 . VAL A 1 36  ? 5.483   -5.372  -0.996  1.00 24.36 ? 54  VAL A CG1 1 
ATOM   241  C  CG2 . VAL A 1 36  ? 5.085   -3.493  -2.595  1.00 24.52 ? 54  VAL A CG2 1 
ATOM   242  N  N   . ARG A 1 37  ? 8.841   -5.171  -0.186  1.00 24.64 ? 55  ARG A N   1 
ATOM   243  C  CA  . ARG A 1 37  ? 9.793   -6.225  0.137   1.00 24.86 ? 55  ARG A CA  1 
ATOM   244  C  C   . ARG A 1 37  ? 9.050   -7.452  0.657   1.00 25.08 ? 55  ARG A C   1 
ATOM   245  O  O   . ARG A 1 37  ? 8.387   -7.389  1.690   1.00 25.09 ? 55  ARG A O   1 
ATOM   246  C  CB  . ARG A 1 37  ? 10.820  -5.739  1.156   1.00 24.76 ? 55  ARG A CB  1 
ATOM   247  C  CG  . ARG A 1 37  ? 12.110  -6.523  1.112   1.00 24.73 ? 55  ARG A CG  1 
ATOM   248  C  CD  . ARG A 1 37  ? 13.033  -6.167  2.253   1.00 24.52 ? 55  ARG A CD  1 
ATOM   249  N  NE  . ARG A 1 37  ? 13.706  -4.890  2.043   1.00 24.18 ? 55  ARG A NE  1 
ATOM   250  C  CZ  . ARG A 1 37  ? 14.850  -4.738  1.385   1.00 24.22 ? 55  ARG A CZ  1 
ATOM   251  N  NH1 . ARG A 1 37  ? 15.466  -5.785  0.849   1.00 24.25 ? 55  ARG A NH1 1 
ATOM   252  N  NH2 . ARG A 1 37  ? 15.380  -3.530  1.258   1.00 24.52 ? 55  ARG A NH2 1 
ATOM   253  N  N   . VAL A 1 38  ? 9.148   -8.559  -0.079  1.00 25.48 ? 56  VAL A N   1 
ATOM   254  C  CA  . VAL A 1 38  ? 8.437   -9.793  0.273   1.00 25.82 ? 56  VAL A CA  1 
ATOM   255  C  C   . VAL A 1 38  ? 9.382   -10.981 0.506   1.00 26.08 ? 56  VAL A C   1 
ATOM   256  O  O   . VAL A 1 38  ? 10.397  -11.127 -0.182  1.00 26.03 ? 56  VAL A O   1 
ATOM   257  C  CB  . VAL A 1 38  ? 7.345   -10.180 -0.780  1.00 25.70 ? 56  VAL A CB  1 
ATOM   258  C  CG1 . VAL A 1 38  ? 6.658   -8.944  -1.342  1.00 25.46 ? 56  VAL A CG1 1 
ATOM   259  C  CG2 . VAL A 1 38  ? 7.931   -11.016 -1.906  1.00 25.80 ? 56  VAL A CG2 1 
ATOM   260  N  N   . ASN A 1 39  ? 9.037   -11.814 1.485   1.00 26.44 ? 57  ASN A N   1 
ATOM   261  C  CA  . ASN A 1 39  ? 9.732   -13.079 1.710   1.00 26.76 ? 57  ASN A CA  1 
ATOM   262  C  C   . ASN A 1 39  ? 8.817   -14.269 1.406   1.00 26.96 ? 57  ASN A C   1 
ATOM   263  O  O   . ASN A 1 39  ? 7.828   -14.123 0.683   1.00 27.12 ? 57  ASN A O   1 
ATOM   264  C  CB  . ASN A 1 39  ? 10.331  -13.157 3.128   1.00 26.77 ? 57  ASN A CB  1 
ATOM   265  C  CG  . ASN A 1 39  ? 9.278   -13.120 4.234   1.00 27.08 ? 57  ASN A CG  1 
ATOM   266  O  OD1 . ASN A 1 39  ? 8.099   -13.401 4.014   1.00 27.70 ? 57  ASN A OD1 1 
ATOM   267  N  ND2 . ASN A 1 39  ? 9.716   -12.785 5.440   1.00 27.55 ? 57  ASN A ND2 1 
ATOM   268  N  N   . THR A 1 40  ? 9.146   -15.429 1.974   1.00 27.11 ? 58  THR A N   1 
ATOM   269  C  CA  . THR A 1 40  ? 8.438   -16.680 1.705   1.00 27.17 ? 58  THR A CA  1 
ATOM   270  C  C   . THR A 1 40  ? 6.938   -16.588 1.996   1.00 27.05 ? 58  THR A C   1 
ATOM   271  O  O   . THR A 1 40  ? 6.125   -17.066 1.205   1.00 27.03 ? 58  THR A O   1 
ATOM   272  C  CB  . THR A 1 40  ? 9.046   -17.860 2.507   1.00 27.26 ? 58  THR A CB  1 
ATOM   273  O  OG1 . THR A 1 40  ? 10.445  -17.633 2.723   1.00 27.69 ? 58  THR A OG1 1 
ATOM   274  C  CG2 . THR A 1 40  ? 8.861   -19.177 1.758   1.00 27.37 ? 58  THR A CG2 1 
ATOM   275  N  N   . TYR A 1 41  ? 6.582   -15.962 3.117   1.00 26.96 ? 59  TYR A N   1 
ATOM   276  C  CA  . TYR A 1 41  ? 5.193   -15.941 3.581   1.00 26.81 ? 59  TYR A CA  1 
ATOM   277  C  C   . TYR A 1 41  ? 4.580   -14.557 3.753   1.00 26.60 ? 59  TYR A C   1 
ATOM   278  O  O   . TYR A 1 41  ? 3.369   -14.395 3.580   1.00 26.75 ? 59  TYR A O   1 
ATOM   279  C  CB  . TYR A 1 41  ? 5.051   -16.720 4.894   1.00 26.92 ? 59  TYR A CB  1 
ATOM   280  C  CG  . TYR A 1 41  ? 5.385   -18.190 4.786   1.00 27.20 ? 59  TYR A CG  1 
ATOM   281  C  CD1 . TYR A 1 41  ? 4.718   -19.017 3.878   1.00 27.56 ? 59  TYR A CD1 1 
ATOM   282  C  CD2 . TYR A 1 41  ? 6.357   -18.762 5.601   1.00 27.51 ? 59  TYR A CD2 1 
ATOM   283  C  CE1 . TYR A 1 41  ? 5.021   -20.372 3.779   1.00 27.44 ? 59  TYR A CE1 1 
ATOM   284  C  CE2 . TYR A 1 41  ? 6.665   -20.116 5.513   1.00 27.56 ? 59  TYR A CE2 1 
ATOM   285  C  CZ  . TYR A 1 41  ? 5.994   -20.913 4.602   1.00 27.43 ? 59  TYR A CZ  1 
ATOM   286  O  OH  . TYR A 1 41  ? 6.301   -22.251 4.516   1.00 27.47 ? 59  TYR A OH  1 
ATOM   287  N  N   . TYR A 1 42  ? 5.401   -13.565 4.094   1.00 26.22 ? 60  TYR A N   1 
ATOM   288  C  CA  . TYR A 1 42  ? 4.888   -12.244 4.470   1.00 25.90 ? 60  TYR A CA  1 
ATOM   289  C  C   . TYR A 1 42  ? 5.304   -11.093 3.559   1.00 25.53 ? 60  TYR A C   1 
ATOM   290  O  O   . TYR A 1 42  ? 6.151   -11.243 2.673   1.00 25.43 ? 60  TYR A O   1 
ATOM   291  C  CB  . TYR A 1 42  ? 5.289   -11.908 5.909   1.00 26.14 ? 60  TYR A CB  1 
ATOM   292  C  CG  . TYR A 1 42  ? 4.894   -12.947 6.929   1.00 26.42 ? 60  TYR A CG  1 
ATOM   293  C  CD1 . TYR A 1 42  ? 3.554   -13.169 7.242   1.00 26.45 ? 60  TYR A CD1 1 
ATOM   294  C  CD2 . TYR A 1 42  ? 5.862   -13.704 7.586   1.00 26.59 ? 60  TYR A CD2 1 
ATOM   295  C  CE1 . TYR A 1 42  ? 3.189   -14.125 8.181   1.00 27.12 ? 60  TYR A CE1 1 
ATOM   296  C  CE2 . TYR A 1 42  ? 5.509   -14.660 8.531   1.00 26.87 ? 60  TYR A CE2 1 
ATOM   297  C  CZ  . TYR A 1 42  ? 4.171   -14.865 8.822   1.00 26.91 ? 60  TYR A CZ  1 
ATOM   298  O  OH  . TYR A 1 42  ? 3.812   -15.812 9.753   1.00 27.08 ? 60  TYR A OH  1 
ATOM   299  N  N   . ILE A 1 43  ? 4.676   -9.941  3.788   1.00 25.08 ? 61  ILE A N   1 
ATOM   300  C  CA  . ILE A 1 43  ? 5.139   -8.679  3.234   1.00 24.67 ? 61  ILE A CA  1 
ATOM   301  C  C   . ILE A 1 43  ? 5.939   -7.967  4.321   1.00 24.48 ? 61  ILE A C   1 
ATOM   302  O  O   . ILE A 1 43  ? 5.414   -7.601  5.376   1.00 24.30 ? 61  ILE A O   1 
ATOM   303  C  CB  . ILE A 1 43  ? 3.983   -7.830  2.649   1.00 24.57 ? 61  ILE A CB  1 
ATOM   304  C  CG1 . ILE A 1 43  ? 3.658   -8.334  1.239   1.00 24.45 ? 61  ILE A CG1 1 
ATOM   305  C  CG2 . ILE A 1 43  ? 4.350   -6.350  2.615   1.00 24.33 ? 61  ILE A CG2 1 
ATOM   306  C  CD1 . ILE A 1 43  ? 2.468   -7.679  0.590   1.00 24.91 ? 61  ILE A CD1 1 
ATOM   307  N  N   . VAL A 1 44  ? 7.228   -7.812  4.045   1.00 24.37 ? 62  VAL A N   1 
ATOM   308  C  CA  . VAL A 1 44  ? 8.210   -7.389  5.031   1.00 24.19 ? 62  VAL A CA  1 
ATOM   309  C  C   . VAL A 1 44  ? 8.259   -5.869  5.121   1.00 24.20 ? 62  VAL A C   1 
ATOM   310  O  O   . VAL A 1 44  ? 8.227   -5.306  6.217   1.00 24.26 ? 62  VAL A O   1 
ATOM   311  C  CB  . VAL A 1 44  ? 9.621   -7.954  4.695   1.00 24.11 ? 62  VAL A CB  1 
ATOM   312  C  CG1 . VAL A 1 44  ? 10.585  -7.714  5.830   1.00 24.08 ? 62  VAL A CG1 1 
ATOM   313  C  CG2 . VAL A 1 44  ? 9.550   -9.440  4.379   1.00 23.84 ? 62  VAL A CG2 1 
ATOM   314  N  N   . GLY A 1 45  ? 8.328   -5.208  3.969   1.00 24.06 ? 63  GLY A N   1 
ATOM   315  C  CA  . GLY A 1 45  ? 8.493   -3.764  3.946   1.00 24.04 ? 63  GLY A CA  1 
ATOM   316  C  C   . GLY A 1 45  ? 7.803   -3.055  2.803   1.00 24.02 ? 63  GLY A C   1 
ATOM   317  O  O   . GLY A 1 45  ? 7.563   -3.642  1.747   1.00 23.99 ? 63  GLY A O   1 
ATOM   318  N  N   . LEU A 1 46  ? 7.493   -1.781  3.031   1.00 24.00 ? 64  LEU A N   1 
ATOM   319  C  CA  . LEU A 1 46  ? 6.844   -0.932  2.043   1.00 23.86 ? 64  LEU A CA  1 
ATOM   320  C  C   . LEU A 1 46  ? 7.548   0.406   1.914   1.00 23.78 ? 64  LEU A C   1 
ATOM   321  O  O   . LEU A 1 46  ? 8.103   0.932   2.882   1.00 23.75 ? 64  LEU A O   1 
ATOM   322  C  CB  . LEU A 1 46  ? 5.382   -0.686  2.418   1.00 23.88 ? 64  LEU A CB  1 
ATOM   323  C  CG  . LEU A 1 46  ? 4.353   -1.790  2.184   1.00 24.00 ? 64  LEU A CG  1 
ATOM   324  C  CD1 . LEU A 1 46  ? 3.082   -1.470  2.951   1.00 24.26 ? 64  LEU A CD1 1 
ATOM   325  C  CD2 . LEU A 1 46  ? 4.053   -1.964  0.704   1.00 24.42 ? 64  LEU A CD2 1 
ATOM   326  N  N   . GLN A 1 47  ? 7.508   0.952   0.706   1.00 23.76 ? 65  GLN A N   1 
ATOM   327  C  CA  . GLN A 1 47  ? 7.998   2.294   0.427   1.00 23.75 ? 65  GLN A CA  1 
ATOM   328  C  C   . GLN A 1 47  ? 7.213   2.812   -0.767  1.00 23.71 ? 65  GLN A C   1 
ATOM   329  O  O   . GLN A 1 47  ? 7.061   2.102   -1.764  1.00 23.77 ? 65  GLN A O   1 
ATOM   330  C  CB  . GLN A 1 47  ? 9.492   2.257   0.115   1.00 23.72 ? 65  GLN A CB  1 
ATOM   331  C  CG  . GLN A 1 47  ? 10.255  3.508   0.515   1.00 23.79 ? 65  GLN A CG  1 
ATOM   332  C  CD  . GLN A 1 47  ? 11.760  3.358   0.350   1.00 23.83 ? 65  GLN A CD  1 
ATOM   333  O  OE1 . GLN A 1 47  ? 12.253  2.332   -0.125  1.00 24.16 ? 65  GLN A OE1 1 
ATOM   334  N  NE2 . GLN A 1 47  ? 12.497  4.387   0.747   1.00 23.82 ? 65  GLN A NE2 1 
ATOM   335  N  N   . VAL A 1 48  ? 6.689   4.029   -0.660  1.00 23.66 ? 66  VAL A N   1 
ATOM   336  C  CA  . VAL A 1 48  ? 5.873   4.602   -1.735  1.00 23.75 ? 66  VAL A CA  1 
ATOM   337  C  C   . VAL A 1 48  ? 6.457   5.927   -2.223  1.00 23.80 ? 66  VAL A C   1 
ATOM   338  O  O   . VAL A 1 48  ? 6.809   6.794   -1.414  1.00 23.88 ? 66  VAL A O   1 
ATOM   339  C  CB  . VAL A 1 48  ? 4.395   4.788   -1.307  1.00 23.71 ? 66  VAL A CB  1 
ATOM   340  C  CG1 . VAL A 1 48  ? 3.554   5.257   -2.479  1.00 23.72 ? 66  VAL A CG1 1 
ATOM   341  C  CG2 . VAL A 1 48  ? 3.824   3.490   -0.753  1.00 23.91 ? 66  VAL A CG2 1 
ATOM   342  N  N   . ARG A 1 49  ? 6.559   6.068   -3.546  1.00 23.73 ? 67  ARG A N   1 
ATOM   343  C  CA  . ARG A 1 49  ? 7.106   7.277   -4.164  1.00 23.76 ? 67  ARG A CA  1 
ATOM   344  C  C   . ARG A 1 49  ? 6.004   8.283   -4.476  1.00 23.82 ? 67  ARG A C   1 
ATOM   345  O  O   . ARG A 1 49  ? 5.157   8.044   -5.338  1.00 23.77 ? 67  ARG A O   1 
ATOM   346  C  CB  . ARG A 1 49  ? 7.887   6.934   -5.437  1.00 23.67 ? 67  ARG A CB  1 
ATOM   347  C  CG  . ARG A 1 49  ? 8.764   8.056   -5.983  1.00 23.38 ? 67  ARG A CG  1 
ATOM   348  C  CD  . ARG A 1 49  ? 9.537   7.565   -7.198  1.00 23.29 ? 67  ARG A CD  1 
ATOM   349  N  NE  . ARG A 1 49  ? 10.425  8.576   -7.776  1.00 23.56 ? 67  ARG A NE  1 
ATOM   350  C  CZ  . ARG A 1 49  ? 10.205  9.219   -8.923  1.00 22.95 ? 67  ARG A CZ  1 
ATOM   351  N  NH1 . ARG A 1 49  ? 9.113   8.976   -9.640  1.00 22.25 ? 67  ARG A NH1 1 
ATOM   352  N  NH2 . ARG A 1 49  ? 11.087  10.110  -9.356  1.00 22.23 ? 67  ARG A NH2 1 
ATOM   353  N  N   . TYR A 1 50  ? 6.027   9.403   -3.760  1.00 23.87 ? 68  TYR A N   1 
ATOM   354  C  CA  . TYR A 1 50  ? 5.085   10.494  -3.973  1.00 23.97 ? 68  TYR A CA  1 
ATOM   355  C  C   . TYR A 1 50  ? 5.770   11.594  -4.772  1.00 24.23 ? 68  TYR A C   1 
ATOM   356  O  O   . TYR A 1 50  ? 6.701   12.241  -4.287  1.00 24.21 ? 68  TYR A O   1 
ATOM   357  C  CB  . TYR A 1 50  ? 4.566   11.022  -2.637  1.00 23.75 ? 68  TYR A CB  1 
ATOM   358  C  CG  . TYR A 1 50  ? 3.896   9.960   -1.798  1.00 23.62 ? 68  TYR A CG  1 
ATOM   359  C  CD1 . TYR A 1 50  ? 2.522   9.752   -1.870  1.00 23.61 ? 68  TYR A CD1 1 
ATOM   360  C  CD2 . TYR A 1 50  ? 4.639   9.152   -0.942  1.00 23.61 ? 68  TYR A CD2 1 
ATOM   361  C  CE1 . TYR A 1 50  ? 1.903   8.775   -1.107  1.00 23.62 ? 68  TYR A CE1 1 
ATOM   362  C  CE2 . TYR A 1 50  ? 4.030   8.171   -0.176  1.00 23.71 ? 68  TYR A CE2 1 
ATOM   363  C  CZ  . TYR A 1 50  ? 2.660   7.986   -0.262  1.00 23.67 ? 68  TYR A CZ  1 
ATOM   364  O  OH  . TYR A 1 50  ? 2.046   7.013   0.494   1.00 23.39 ? 68  TYR A OH  1 
ATOM   365  N  N   . GLY A 1 51  ? 5.308   11.788  -6.005  1.00 24.46 ? 69  GLY A N   1 
ATOM   366  C  CA  . GLY A 1 51  ? 5.982   12.667  -6.943  1.00 24.97 ? 69  GLY A CA  1 
ATOM   367  C  C   . GLY A 1 51  ? 7.368   12.120  -7.215  1.00 25.39 ? 69  GLY A C   1 
ATOM   368  O  O   . GLY A 1 51  ? 7.519   10.950  -7.573  1.00 25.57 ? 69  GLY A O   1 
ATOM   369  N  N   . LYS A 1 52  ? 8.378   12.960  -7.018  1.00 25.73 ? 70  LYS A N   1 
ATOM   370  C  CA  . LYS A 1 52  ? 9.773   12.569  -7.225  1.00 26.04 ? 70  LYS A CA  1 
ATOM   371  C  C   . LYS A 1 52  ? 10.396  11.964  -5.963  1.00 25.94 ? 70  LYS A C   1 
ATOM   372  O  O   . LYS A 1 52  ? 11.491  11.397  -6.011  1.00 25.98 ? 70  LYS A O   1 
ATOM   373  C  CB  . LYS A 1 52  ? 10.592  13.781  -7.666  1.00 26.28 ? 70  LYS A CB  1 
ATOM   374  C  CG  . LYS A 1 52  ? 10.066  14.484  -8.909  1.00 27.55 ? 70  LYS A CG  1 
ATOM   375  C  CD  . LYS A 1 52  ? 10.547  15.935  -8.958  1.00 29.68 ? 70  LYS A CD  1 
ATOM   376  C  CE  . LYS A 1 52  ? 10.238  16.585  -10.302 1.00 30.84 ? 70  LYS A CE  1 
ATOM   377  N  NZ  . LYS A 1 52  ? 10.929  15.877  -11.425 1.00 31.61 ? 70  LYS A NZ  1 
ATOM   378  N  N   . VAL A 1 53  ? 9.682   12.076  -4.843  1.00 25.80 ? 71  VAL A N   1 
ATOM   379  C  CA  . VAL A 1 53  ? 10.225  11.765  -3.520  1.00 25.59 ? 71  VAL A CA  1 
ATOM   380  C  C   . VAL A 1 53  ? 9.780   10.394  -2.999  1.00 25.41 ? 71  VAL A C   1 
ATOM   381  O  O   . VAL A 1 53  ? 8.586   10.095  -2.952  1.00 25.46 ? 71  VAL A O   1 
ATOM   382  C  CB  . VAL A 1 53  ? 9.835   12.867  -2.491  1.00 25.62 ? 71  VAL A CB  1 
ATOM   383  C  CG1 . VAL A 1 53  ? 10.545  12.658  -1.162  1.00 25.64 ? 71  VAL A CG1 1 
ATOM   384  C  CG2 . VAL A 1 53  ? 10.147  14.255  -3.040  1.00 25.61 ? 71  VAL A CG2 1 
ATOM   385  N  N   . TRP A 1 54  ? 10.750  9.568   -2.610  1.00 25.23 ? 72  TRP A N   1 
ATOM   386  C  CA  . TRP A 1 54  ? 10.466  8.307   -1.921  1.00 25.07 ? 72  TRP A CA  1 
ATOM   387  C  C   . TRP A 1 54  ? 10.193  8.553   -0.443  1.00 25.37 ? 72  TRP A C   1 
ATOM   388  O  O   . TRP A 1 54  ? 10.790  9.442   0.172   1.00 25.34 ? 72  TRP A O   1 
ATOM   389  C  CB  . TRP A 1 54  ? 11.630  7.329   -2.054  1.00 24.41 ? 72  TRP A CB  1 
ATOM   390  C  CG  . TRP A 1 54  ? 11.699  6.598   -3.349  1.00 23.70 ? 72  TRP A CG  1 
ATOM   391  C  CD1 . TRP A 1 54  ? 12.593  6.804   -4.355  1.00 23.37 ? 72  TRP A CD1 1 
ATOM   392  C  CD2 . TRP A 1 54  ? 10.853  5.524   -3.779  1.00 23.36 ? 72  TRP A CD2 1 
ATOM   393  N  NE1 . TRP A 1 54  ? 12.359  5.929   -5.388  1.00 23.21 ? 72  TRP A NE1 1 
ATOM   394  C  CE2 . TRP A 1 54  ? 11.294  5.132   -5.061  1.00 23.19 ? 72  TRP A CE2 1 
ATOM   395  C  CE3 . TRP A 1 54  ? 9.762   4.856   -3.205  1.00 23.27 ? 72  TRP A CE3 1 
ATOM   396  C  CZ2 . TRP A 1 54  ? 10.682  4.106   -5.785  1.00 23.50 ? 72  TRP A CZ2 1 
ATOM   397  C  CZ3 . TRP A 1 54  ? 9.155   3.833   -3.925  1.00 23.39 ? 72  TRP A CZ3 1 
ATOM   398  C  CH2 . TRP A 1 54  ? 9.616   3.470   -5.203  1.00 23.44 ? 72  TRP A CH2 1 
ATOM   399  N  N   . SER A 1 55  ? 9.294   7.756   0.124   1.00 25.84 ? 73  SER A N   1 
ATOM   400  C  CA  . SER A 1 55  ? 8.982   7.845   1.548   1.00 26.38 ? 73  SER A CA  1 
ATOM   401  C  C   . SER A 1 55  ? 10.074  7.184   2.387   1.00 26.73 ? 73  SER A C   1 
ATOM   402  O  O   . SER A 1 55  ? 10.964  6.526   1.848   1.00 26.77 ? 73  SER A O   1 
ATOM   403  C  CB  . SER A 1 55  ? 7.623   7.202   1.836   1.00 26.29 ? 73  SER A CB  1 
ATOM   404  O  OG  . SER A 1 55  ? 7.624   5.826   1.502   1.00 26.47 ? 73  SER A OG  1 
ATOM   405  N  N   . ASP A 1 56  ? 10.013  7.378   3.704   1.00 27.25 ? 74  ASP A N   1 
ATOM   406  C  CA  . ASP A 1 56  ? 10.857  6.625   4.625   1.00 27.81 ? 74  ASP A CA  1 
ATOM   407  C  C   . ASP A 1 56  ? 10.464  5.153   4.535   1.00 27.76 ? 74  ASP A C   1 
ATOM   408  O  O   . ASP A 1 56  ? 9.278   4.825   4.447   1.00 27.81 ? 74  ASP A O   1 
ATOM   409  C  CB  . ASP A 1 56  ? 10.687  7.124   6.065   1.00 28.09 ? 74  ASP A CB  1 
ATOM   410  C  CG  . ASP A 1 56  ? 11.139  8.576   6.254   1.00 29.59 ? 74  ASP A CG  1 
ATOM   411  O  OD1 . ASP A 1 56  ? 11.951  9.082   5.439   1.00 30.92 ? 74  ASP A OD1 1 
ATOM   412  O  OD2 . ASP A 1 56  ? 10.680  9.212   7.233   1.00 30.59 ? 74  ASP A OD2 1 
ATOM   413  N  N   . TYR A 1 57  ? 11.456  4.269   4.533   1.00 27.74 ? 75  TYR A N   1 
ATOM   414  C  CA  . TYR A 1 57  ? 11.183  2.839   4.502   1.00 27.76 ? 75  TYR A CA  1 
ATOM   415  C  C   . TYR A 1 57  ? 10.558  2.395   5.818   1.00 27.86 ? 75  TYR A C   1 
ATOM   416  O  O   . TYR A 1 57  ? 11.000  2.799   6.894   1.00 27.95 ? 75  TYR A O   1 
ATOM   417  C  CB  . TYR A 1 57  ? 12.460  2.045   4.216   1.00 27.63 ? 75  TYR A CB  1 
ATOM   418  C  CG  . TYR A 1 57  ? 12.247  0.552   4.083   1.00 27.43 ? 75  TYR A CG  1 
ATOM   419  C  CD1 . TYR A 1 57  ? 11.937  -0.022  2.851   1.00 27.38 ? 75  TYR A CD1 1 
ATOM   420  C  CD2 . TYR A 1 57  ? 12.368  -0.287  5.190   1.00 27.45 ? 75  TYR A CD2 1 
ATOM   421  C  CE1 . TYR A 1 57  ? 11.742  -1.395  2.729   1.00 27.49 ? 75  TYR A CE1 1 
ATOM   422  C  CE2 . TYR A 1 57  ? 12.178  -1.658  5.078   1.00 27.19 ? 75  TYR A CE2 1 
ATOM   423  C  CZ  . TYR A 1 57  ? 11.865  -2.205  3.850   1.00 27.28 ? 75  TYR A CZ  1 
ATOM   424  O  OH  . TYR A 1 57  ? 11.679  -3.561  3.747   1.00 27.08 ? 75  TYR A OH  1 
ATOM   425  N  N   . VAL A 1 58  ? 9.516   1.579   5.720   1.00 28.04 ? 76  VAL A N   1 
ATOM   426  C  CA  . VAL A 1 58  ? 8.872   1.001   6.898   1.00 28.28 ? 76  VAL A CA  1 
ATOM   427  C  C   . VAL A 1 58  ? 8.821   -0.520  6.789   1.00 28.39 ? 76  VAL A C   1 
ATOM   428  O  O   . VAL A 1 58  ? 8.529   -1.060  5.722   1.00 28.37 ? 76  VAL A O   1 
ATOM   429  C  CB  . VAL A 1 58  ? 7.451   1.585   7.151   1.00 28.29 ? 76  VAL A CB  1 
ATOM   430  C  CG1 . VAL A 1 58  ? 7.539   2.912   7.896   1.00 28.20 ? 76  VAL A CG1 1 
ATOM   431  C  CG2 . VAL A 1 58  ? 6.666   1.735   5.844   1.00 28.21 ? 76  VAL A CG2 1 
ATOM   432  N  N   . GLY A 1 59  ? 9.117   -1.198  7.894   1.00 28.53 ? 77  GLY A N   1 
ATOM   433  C  CA  . GLY A 1 59  ? 9.147   -2.658  7.921   1.00 28.95 ? 77  GLY A CA  1 
ATOM   434  C  C   . GLY A 1 59  ? 10.518  -3.207  8.263   1.00 29.29 ? 77  GLY A C   1 
ATOM   435  O  O   . GLY A 1 59  ? 11.305  -2.550  8.943   1.00 29.36 ? 77  GLY A O   1 
ATOM   436  N  N   . GLY A 1 60  ? 10.807  -4.416  7.788   1.00 29.67 ? 78  GLY A N   1 
ATOM   437  C  CA  . GLY A 1 60  ? 12.069  -5.088  8.104   1.00 30.10 ? 78  GLY A CA  1 
ATOM   438  C  C   . GLY A 1 60  ? 12.977  -5.343  6.915   1.00 30.43 ? 78  GLY A C   1 
ATOM   439  O  O   . GLY A 1 60  ? 12.692  -4.914  5.796   1.00 30.38 ? 78  GLY A O   1 
ATOM   440  N  N   . ARG A 1 61  ? 14.067  -6.062  7.166   1.00 30.87 ? 79  ARG A N   1 
ATOM   441  C  CA  . ARG A 1 61  ? 15.096  -6.299  6.156   1.00 31.37 ? 79  ARG A CA  1 
ATOM   442  C  C   . ARG A 1 61  ? 15.048  -7.710  5.567   1.00 31.61 ? 79  ARG A C   1 
ATOM   443  O  O   . ARG A 1 61  ? 15.697  -7.990  4.562   1.00 31.57 ? 79  ARG A O   1 
ATOM   444  C  CB  . ARG A 1 61  ? 16.485  -6.028  6.744   1.00 31.48 ? 79  ARG A CB  1 
ATOM   445  C  CG  . ARG A 1 61  ? 16.712  -4.587  7.182   1.00 31.92 ? 79  ARG A CG  1 
ATOM   446  C  CD  . ARG A 1 61  ? 18.192  -4.273  7.328   1.00 32.92 ? 79  ARG A CD  1 
ATOM   447  N  NE  . ARG A 1 61  ? 18.718  -4.574  8.660   1.00 33.56 ? 79  ARG A NE  1 
ATOM   448  C  CZ  . ARG A 1 61  ? 19.674  -5.467  8.922   1.00 34.36 ? 79  ARG A CZ  1 
ATOM   449  N  NH1 . ARG A 1 61  ? 20.240  -6.172  7.947   1.00 34.42 ? 79  ARG A NH1 1 
ATOM   450  N  NH2 . ARG A 1 61  ? 20.075  -5.651  10.172  1.00 34.97 ? 79  ARG A NH2 1 
ATOM   451  N  N   . ASN A 1 62  ? 14.264  -8.584  6.190   1.00 31.99 ? 80  ASN A N   1 
ATOM   452  C  CA  . ASN A 1 62  ? 14.259  -10.005 5.864   1.00 32.40 ? 80  ASN A CA  1 
ATOM   453  C  C   . ASN A 1 62  ? 13.429  -10.354 4.624   1.00 32.75 ? 80  ASN A C   1 
ATOM   454  O  O   . ASN A 1 62  ? 12.490  -11.148 4.703   1.00 32.91 ? 80  ASN A O   1 
ATOM   455  C  CB  . ASN A 1 62  ? 13.783  -10.809 7.084   1.00 32.35 ? 80  ASN A CB  1 
ATOM   456  C  CG  . ASN A 1 62  ? 14.036  -12.302 6.948   1.00 32.49 ? 80  ASN A CG  1 
ATOM   457  O  OD1 . ASN A 1 62  ? 15.044  -12.731 6.382   1.00 32.68 ? 80  ASN A OD1 1 
ATOM   458  N  ND2 . ASN A 1 62  ? 13.116  -13.102 7.475   1.00 32.32 ? 80  ASN A ND2 1 
ATOM   459  N  N   . GLY A 1 63  ? 13.779  -9.775  3.479   1.00 33.09 ? 81  GLY A N   1 
ATOM   460  C  CA  . GLY A 1 63  ? 13.040  -10.042 2.244   1.00 33.57 ? 81  GLY A CA  1 
ATOM   461  C  C   . GLY A 1 63  ? 13.677  -9.503  0.978   1.00 33.97 ? 81  GLY A C   1 
ATOM   462  O  O   . GLY A 1 63  ? 14.662  -8.763  1.032   1.00 34.05 ? 81  GLY A O   1 
ATOM   463  N  N   . ASP A 1 64  ? 13.100  -9.875  -0.163  1.00 34.26 ? 82  ASP A N   1 
ATOM   464  C  CA  . ASP A 1 64  ? 13.570  -9.423  -1.471  1.00 34.61 ? 82  ASP A CA  1 
ATOM   465  C  C   . ASP A 1 64  ? 12.777  -8.222  -1.976  1.00 34.63 ? 82  ASP A C   1 
ATOM   466  O  O   . ASP A 1 64  ? 11.544  -8.241  -1.973  1.00 34.53 ? 82  ASP A O   1 
ATOM   467  C  CB  . ASP A 1 64  ? 13.492  -10.562 -2.490  1.00 34.83 ? 82  ASP A CB  1 
ATOM   468  C  CG  . ASP A 1 64  ? 14.659  -11.526 -2.386  1.00 35.65 ? 82  ASP A CG  1 
ATOM   469  O  OD1 . ASP A 1 64  ? 15.783  -11.082 -2.058  1.00 36.62 ? 82  ASP A OD1 1 
ATOM   470  O  OD2 . ASP A 1 64  ? 14.455  -12.731 -2.652  1.00 36.52 ? 82  ASP A OD2 1 
ATOM   471  N  N   . LEU A 1 65  ? 13.491  -7.192  -2.423  1.00 34.75 ? 83  LEU A N   1 
ATOM   472  C  CA  . LEU A 1 65  ? 12.863  -5.953  -2.887  1.00 34.90 ? 83  LEU A CA  1 
ATOM   473  C  C   . LEU A 1 65  ? 12.216  -6.091  -4.259  1.00 35.12 ? 83  LEU A C   1 
ATOM   474  O  O   . LEU A 1 65  ? 12.855  -6.520  -5.224  1.00 35.11 ? 83  LEU A O   1 
ATOM   475  C  CB  . LEU A 1 65  ? 13.872  -4.801  -2.911  1.00 34.86 ? 83  LEU A CB  1 
ATOM   476  C  CG  . LEU A 1 65  ? 13.290  -3.411  -3.187  1.00 34.46 ? 83  LEU A CG  1 
ATOM   477  C  CD1 . LEU A 1 65  ? 12.784  -2.771  -1.902  1.00 34.06 ? 83  LEU A CD1 1 
ATOM   478  C  CD2 . LEU A 1 65  ? 14.324  -2.530  -3.851  1.00 34.53 ? 83  LEU A CD2 1 
ATOM   479  N  N   . GLU A 1 66  ? 10.940  -5.718  -4.325  1.00 35.37 ? 84  GLU A N   1 
ATOM   480  C  CA  . GLU A 1 66  ? 10.201  -5.638  -5.580  1.00 35.67 ? 84  GLU A CA  1 
ATOM   481  C  C   . GLU A 1 66  ? 9.768   -4.193  -5.795  1.00 35.64 ? 84  GLU A C   1 
ATOM   482  O  O   . GLU A 1 66  ? 9.358   -3.513  -4.850  1.00 35.65 ? 84  GLU A O   1 
ATOM   483  C  CB  . GLU A 1 66  ? 8.982   -6.557  -5.554  1.00 35.66 ? 84  GLU A CB  1 
ATOM   484  C  CG  . GLU A 1 66  ? 9.312   -8.044  -5.497  1.00 36.06 ? 84  GLU A CG  1 
ATOM   485  C  CD  . GLU A 1 66  ? 8.071   -8.922  -5.436  1.00 36.19 ? 84  GLU A CD  1 
ATOM   486  O  OE1 . GLU A 1 66  ? 7.000   -8.496  -5.923  1.00 37.15 ? 84  GLU A OE1 1 
ATOM   487  O  OE2 . GLU A 1 66  ? 8.166   -10.047 -4.907  1.00 36.97 ? 84  GLU A OE2 1 
ATOM   488  N  N   . GLU A 1 67  ? 9.858   -3.732  -7.038  1.00 35.67 ? 85  GLU A N   1 
ATOM   489  C  CA  . GLU A 1 67  ? 9.653   -2.324  -7.357  1.00 35.77 ? 85  GLU A CA  1 
ATOM   490  C  C   . GLU A 1 67  ? 8.954   -2.152  -8.702  1.00 35.66 ? 85  GLU A C   1 
ATOM   491  O  O   . GLU A 1 67  ? 9.380   -2.720  -9.707  1.00 35.70 ? 85  GLU A O   1 
ATOM   492  C  CB  . GLU A 1 67  ? 11.003  -1.601  -7.344  1.00 35.72 ? 85  GLU A CB  1 
ATOM   493  C  CG  . GLU A 1 67  ? 10.994  -0.159  -7.822  1.00 35.89 ? 85  GLU A CG  1 
ATOM   494  C  CD  . GLU A 1 67  ? 12.377  0.462   -7.752  1.00 36.24 ? 85  GLU A CD  1 
ATOM   495  O  OE1 . GLU A 1 67  ? 12.990  0.678   -8.820  1.00 36.95 ? 85  GLU A OE1 1 
ATOM   496  O  OE2 . GLU A 1 67  ? 12.864  0.711   -6.627  1.00 37.13 ? 85  GLU A OE2 1 
ATOM   497  N  N   . ILE A 1 68  ? 7.870   -1.379  -8.705  1.00 35.62 ? 86  ILE A N   1 
ATOM   498  C  CA  . ILE A 1 68  ? 7.142   -1.055  -9.929  1.00 35.61 ? 86  ILE A CA  1 
ATOM   499  C  C   . ILE A 1 68  ? 6.898   0.450   -10.020 1.00 35.51 ? 86  ILE A C   1 
ATOM   500  O  O   . ILE A 1 68  ? 6.304   1.046   -9.119  1.00 35.58 ? 86  ILE A O   1 
ATOM   501  C  CB  . ILE A 1 68  ? 5.789   -1.821  -10.033 1.00 35.61 ? 86  ILE A CB  1 
ATOM   502  C  CG1 . ILE A 1 68  ? 6.028   -3.339  -10.058 1.00 35.94 ? 86  ILE A CG1 1 
ATOM   503  C  CG2 . ILE A 1 68  ? 5.003   -1.372  -11.274 1.00 35.43 ? 86  ILE A CG2 1 
ATOM   504  C  CD1 . ILE A 1 68  ? 4.758   -4.196  -10.119 1.00 35.86 ? 86  ILE A CD1 1 
ATOM   505  N  N   . PHE A 1 69  ? 7.375   1.056   -11.105 1.00 35.34 ? 87  PHE A N   1 
ATOM   506  C  CA  . PHE A 1 69  ? 7.067   2.449   -11.415 1.00 35.18 ? 87  PHE A CA  1 
ATOM   507  C  C   . PHE A 1 69  ? 5.737   2.539   -12.155 1.00 35.08 ? 87  PHE A C   1 
ATOM   508  O  O   . PHE A 1 69  ? 5.381   1.644   -12.924 1.00 35.02 ? 87  PHE A O   1 
ATOM   509  C  CB  . PHE A 1 69  ? 8.177   3.075   -12.257 1.00 35.19 ? 87  PHE A CB  1 
ATOM   510  C  CG  . PHE A 1 69  ? 9.324   3.602   -11.450 1.00 35.34 ? 87  PHE A CG  1 
ATOM   511  C  CD1 . PHE A 1 69  ? 9.446   4.964   -11.207 1.00 35.68 ? 87  PHE A CD1 1 
ATOM   512  C  CD2 . PHE A 1 69  ? 10.287  2.740   -10.936 1.00 35.67 ? 87  PHE A CD2 1 
ATOM   513  C  CE1 . PHE A 1 69  ? 10.511  5.463   -10.454 1.00 36.08 ? 87  PHE A CE1 1 
ATOM   514  C  CE2 . PHE A 1 69  ? 11.358  3.228   -10.181 1.00 35.85 ? 87  PHE A CE2 1 
ATOM   515  C  CZ  . PHE A 1 69  ? 11.470  4.592   -9.940  1.00 35.71 ? 87  PHE A CZ  1 
ATOM   516  N  N   . LEU A 1 70  ? 5.007   3.622   -11.908 1.00 34.98 ? 88  LEU A N   1 
ATOM   517  C  CA  . LEU A 1 70  ? 3.727   3.868   -12.567 1.00 34.92 ? 88  LEU A CA  1 
ATOM   518  C  C   . LEU A 1 70  ? 3.929   4.754   -13.790 1.00 34.89 ? 88  LEU A C   1 
ATOM   519  O  O   . LEU A 1 70  ? 4.850   5.572   -13.823 1.00 34.89 ? 88  LEU A O   1 
ATOM   520  C  CB  . LEU A 1 70  ? 2.729   4.521   -11.599 1.00 34.94 ? 88  LEU A CB  1 
ATOM   521  C  CG  . LEU A 1 70  ? 1.927   3.668   -10.606 1.00 34.88 ? 88  LEU A CG  1 
ATOM   522  C  CD1 . LEU A 1 70  ? 2.808   3.036   -9.537  1.00 35.06 ? 88  LEU A CD1 1 
ATOM   523  C  CD2 . LEU A 1 70  ? 0.836   4.505   -9.954  1.00 34.78 ? 88  LEU A CD2 1 
ATOM   524  N  N   . HIS A 1 71  ? 3.071   4.584   -14.793 1.00 34.87 ? 89  HIS A N   1 
ATOM   525  C  CA  . HIS A 1 71  ? 3.101   5.427   -15.987 1.00 34.95 ? 89  HIS A CA  1 
ATOM   526  C  C   . HIS A 1 71  ? 2.643   6.844   -15.641 1.00 34.80 ? 89  HIS A C   1 
ATOM   527  O  O   . HIS A 1 71  ? 1.890   7.028   -14.684 1.00 34.83 ? 89  HIS A O   1 
ATOM   528  C  CB  . HIS A 1 71  ? 2.218   4.834   -17.089 1.00 35.02 ? 89  HIS A CB  1 
ATOM   529  C  CG  . HIS A 1 71  ? 2.544   3.412   -17.426 1.00 35.51 ? 89  HIS A CG  1 
ATOM   530  N  ND1 . HIS A 1 71  ? 3.752   3.033   -17.972 1.00 35.99 ? 89  HIS A ND1 1 
ATOM   531  C  CD2 . HIS A 1 71  ? 1.818   2.276   -17.296 1.00 35.85 ? 89  HIS A CD2 1 
ATOM   532  C  CE1 . HIS A 1 71  ? 3.758   1.725   -18.161 1.00 36.10 ? 89  HIS A CE1 1 
ATOM   533  N  NE2 . HIS A 1 71  ? 2.596   1.242   -17.760 1.00 36.14 ? 89  HIS A NE2 1 
ATOM   534  N  N   . PRO A 1 72  ? 3.111   7.855   -16.399 1.00 34.76 ? 90  PRO A N   1 
ATOM   535  C  CA  . PRO A 1 72  ? 2.648   9.221   -16.134 1.00 34.72 ? 90  PRO A CA  1 
ATOM   536  C  C   . PRO A 1 72  ? 1.123   9.333   -16.211 1.00 34.72 ? 90  PRO A C   1 
ATOM   537  O  O   . PRO A 1 72  ? 0.508   8.860   -17.173 1.00 34.75 ? 90  PRO A O   1 
ATOM   538  C  CB  . PRO A 1 72  ? 3.313   10.047  -17.246 1.00 34.68 ? 90  PRO A CB  1 
ATOM   539  C  CG  . PRO A 1 72  ? 3.759   9.051   -18.273 1.00 34.63 ? 90  PRO A CG  1 
ATOM   540  C  CD  . PRO A 1 72  ? 4.075   7.809   -17.513 1.00 34.72 ? 90  PRO A CD  1 
ATOM   541  N  N   . GLY A 1 73  ? 0.523   9.927   -15.182 1.00 34.62 ? 91  GLY A N   1 
ATOM   542  C  CA  . GLY A 1 73  ? -0.926  10.106  -15.127 1.00 34.53 ? 91  GLY A CA  1 
ATOM   543  C  C   . GLY A 1 73  ? -1.697  8.889   -14.645 1.00 34.46 ? 91  GLY A C   1 
ATOM   544  O  O   . GLY A 1 73  ? -2.930  8.917   -14.578 1.00 34.54 ? 91  GLY A O   1 
ATOM   545  N  N   . GLU A 1 74  ? -0.973  7.823   -14.304 1.00 34.27 ? 92  GLU A N   1 
ATOM   546  C  CA  . GLU A 1 74  ? -1.580  6.581   -13.826 1.00 34.03 ? 92  GLU A CA  1 
ATOM   547  C  C   . GLU A 1 74  ? -1.781  6.633   -12.316 1.00 33.87 ? 92  GLU A C   1 
ATOM   548  O  O   . GLU A 1 74  ? -0.877  7.026   -11.575 1.00 33.96 ? 92  GLU A O   1 
ATOM   549  C  CB  . GLU A 1 74  ? -0.707  5.387   -14.211 1.00 34.06 ? 92  GLU A CB  1 
ATOM   550  C  CG  . GLU A 1 74  ? -1.260  4.025   -13.834 1.00 33.91 ? 92  GLU A CG  1 
ATOM   551  C  CD  . GLU A 1 74  ? -0.342  2.884   -14.247 1.00 34.10 ? 92  GLU A CD  1 
ATOM   552  O  OE1 . GLU A 1 74  ? 0.895   3.039   -14.158 1.00 34.48 ? 92  GLU A OE1 1 
ATOM   553  O  OE2 . GLU A 1 74  ? -0.856  1.825   -14.658 1.00 34.28 ? 92  GLU A OE2 1 
ATOM   554  N  N   . SER A 1 75  ? -2.972  6.232   -11.875 1.00 33.63 ? 93  SER A N   1 
ATOM   555  C  CA  . SER A 1 75  ? -3.342  6.258   -10.458 1.00 33.35 ? 93  SER A CA  1 
ATOM   556  C  C   . SER A 1 75  ? -3.976  4.936   -10.018 1.00 33.00 ? 93  SER A C   1 
ATOM   557  O  O   . SER A 1 75  ? -4.547  4.215   -10.837 1.00 32.93 ? 93  SER A O   1 
ATOM   558  C  CB  . SER A 1 75  ? -4.298  7.423   -10.187 1.00 33.43 ? 93  SER A CB  1 
ATOM   559  O  OG  . SER A 1 75  ? -3.698  8.665   -10.526 1.00 33.78 ? 93  SER A OG  1 
ATOM   560  N  N   . VAL A 1 76  ? -3.868  4.625   -8.728  1.00 32.64 ? 94  VAL A N   1 
ATOM   561  C  CA  . VAL A 1 76  ? -4.439  3.395   -8.171  1.00 32.34 ? 94  VAL A CA  1 
ATOM   562  C  C   . VAL A 1 76  ? -5.911  3.609   -7.805  1.00 32.25 ? 94  VAL A C   1 
ATOM   563  O  O   . VAL A 1 76  ? -6.266  4.613   -7.183  1.00 32.12 ? 94  VAL A O   1 
ATOM   564  C  CB  . VAL A 1 76  ? -3.625  2.872   -6.951  1.00 32.36 ? 94  VAL A CB  1 
ATOM   565  C  CG1 . VAL A 1 76  ? -4.281  1.641   -6.329  1.00 32.02 ? 94  VAL A CG1 1 
ATOM   566  C  CG2 . VAL A 1 76  ? -2.189  2.553   -7.359  1.00 32.17 ? 94  VAL A CG2 1 
ATOM   567  N  N   . ILE A 1 77  ? -6.753  2.653   -8.197  1.00 32.13 ? 95  ILE A N   1 
ATOM   568  C  CA  . ILE A 1 77  ? -8.209  2.782   -8.074  1.00 31.91 ? 95  ILE A CA  1 
ATOM   569  C  C   . ILE A 1 77  ? -8.871  1.645   -7.280  1.00 31.85 ? 95  ILE A C   1 
ATOM   570  O  O   . ILE A 1 77  ? -10.053 1.731   -6.931  1.00 31.82 ? 95  ILE A O   1 
ATOM   571  C  CB  . ILE A 1 77  ? -8.883  2.936   -9.466  1.00 31.93 ? 95  ILE A CB  1 
ATOM   572  C  CG1 . ILE A 1 77  ? -8.483  1.785   -10.401 1.00 31.81 ? 95  ILE A CG1 1 
ATOM   573  C  CG2 . ILE A 1 77  ? -8.526  4.294   -10.076 1.00 31.70 ? 95  ILE A CG2 1 
ATOM   574  C  CD1 . ILE A 1 77  ? -9.371  1.624   -11.628 1.00 31.88 ? 95  ILE A CD1 1 
ATOM   575  N  N   . GLN A 1 78  ? -8.104  0.589   -7.012  1.00 31.68 ? 96  GLN A N   1 
ATOM   576  C  CA  . GLN A 1 78  ? -8.525  -0.522  -6.157  1.00 31.62 ? 96  GLN A CA  1 
ATOM   577  C  C   . GLN A 1 78  ? -7.298  -1.112  -5.494  1.00 31.51 ? 96  GLN A C   1 
ATOM   578  O  O   . GLN A 1 78  ? -6.224  -1.147  -6.097  1.00 31.50 ? 96  GLN A O   1 
ATOM   579  C  CB  . GLN A 1 78  ? -9.174  -1.642  -6.967  1.00 31.69 ? 96  GLN A CB  1 
ATOM   580  C  CG  . GLN A 1 78  ? -10.522 -1.343  -7.580  1.00 32.26 ? 96  GLN A CG  1 
ATOM   581  C  CD  . GLN A 1 78  ? -10.876 -2.327  -8.677  1.00 33.05 ? 96  GLN A CD  1 
ATOM   582  O  OE1 . GLN A 1 78  ? -11.189 -1.931  -9.800  1.00 33.75 ? 96  GLN A OE1 1 
ATOM   583  N  NE2 . GLN A 1 78  ? -10.814 -3.619  -8.362  1.00 33.05 ? 96  GLN A NE2 1 
ATOM   584  N  N   . VAL A 1 79  ? -7.459  -1.587  -4.263  1.00 31.41 ? 97  VAL A N   1 
ATOM   585  C  CA  . VAL A 1 79  ? -6.418  -2.377  -3.603  1.00 31.36 ? 97  VAL A CA  1 
ATOM   586  C  C   . VAL A 1 79  ? -7.018  -3.624  -2.948  1.00 31.25 ? 97  VAL A C   1 
ATOM   587  O  O   . VAL A 1 79  ? -7.926  -3.527  -2.124  1.00 31.24 ? 97  VAL A O   1 
ATOM   588  C  CB  . VAL A 1 79  ? -5.624  -1.569  -2.542  1.00 31.35 ? 97  VAL A CB  1 
ATOM   589  C  CG1 . VAL A 1 79  ? -4.382  -2.340  -2.102  1.00 31.34 ? 97  VAL A CG1 1 
ATOM   590  C  CG2 . VAL A 1 79  ? -5.230  -0.201  -3.072  1.00 31.43 ? 97  VAL A CG2 1 
ATOM   591  N  N   . SER A 1 80  ? -6.512  -4.791  -3.332  1.00 31.16 ? 98  SER A N   1 
ATOM   592  C  CA  . SER A 1 80  ? -6.876  -6.041  -2.674  1.00 31.10 ? 98  SER A CA  1 
ATOM   593  C  C   . SER A 1 80  ? -5.638  -6.670  -2.051  1.00 31.13 ? 98  SER A C   1 
ATOM   594  O  O   . SER A 1 80  ? -4.514  -6.309  -2.396  1.00 31.26 ? 98  SER A O   1 
ATOM   595  C  CB  . SER A 1 80  ? -7.551  -7.008  -3.654  1.00 31.01 ? 98  SER A CB  1 
ATOM   596  O  OG  . SER A 1 80  ? -6.691  -7.357  -4.724  1.00 30.86 ? 98  SER A OG  1 
ATOM   597  N  N   . GLY A 1 81  ? -5.840  -7.598  -1.124  1.00 31.19 ? 99  GLY A N   1 
ATOM   598  C  CA  . GLY A 1 81  ? -4.721  -8.280  -0.488  1.00 31.29 ? 99  GLY A CA  1 
ATOM   599  C  C   . GLY A 1 81  ? -5.113  -9.456  0.379   1.00 31.37 ? 99  GLY A C   1 
ATOM   600  O  O   . GLY A 1 81  ? -6.245  -9.933  0.321   1.00 31.23 ? 99  GLY A O   1 
ATOM   601  N  N   . LYS A 1 82  ? -4.152  -9.923  1.174   1.00 31.59 ? 100 LYS A N   1 
ATOM   602  C  CA  . LYS A 1 82  ? -4.334  -11.039 2.098   1.00 31.79 ? 100 LYS A CA  1 
ATOM   603  C  C   . LYS A 1 82  ? -3.535  -10.770 3.370   1.00 31.94 ? 100 LYS A C   1 
ATOM   604  O  O   . LYS A 1 82  ? -2.504  -10.101 3.329   1.00 32.04 ? 100 LYS A O   1 
ATOM   605  C  CB  . LYS A 1 82  ? -3.841  -12.350 1.474   1.00 31.81 ? 100 LYS A CB  1 
ATOM   606  C  CG  . LYS A 1 82  ? -4.377  -12.682 0.086   1.00 32.02 ? 100 LYS A CG  1 
ATOM   607  C  CD  . LYS A 1 82  ? -5.589  -13.581 0.134   1.00 32.45 ? 100 LYS A CD  1 
ATOM   608  C  CE  . LYS A 1 82  ? -5.942  -14.058 -1.266  1.00 33.03 ? 100 LYS A CE  1 
ATOM   609  N  NZ  . LYS A 1 82  ? -6.615  -15.392 -1.255  1.00 33.74 ? 100 LYS A NZ  1 
ATOM   610  N  N   . TYR A 1 83  ? -4.004  -11.298 4.497   1.00 32.16 ? 101 TYR A N   1 
ATOM   611  C  CA  . TYR A 1 83  ? -3.284  -11.168 5.763   1.00 32.42 ? 101 TYR A CA  1 
ATOM   612  C  C   . TYR A 1 83  ? -3.644  -12.257 6.780   1.00 32.73 ? 101 TYR A C   1 
ATOM   613  O  O   . TYR A 1 83  ? -4.707  -12.874 6.694   1.00 32.81 ? 101 TYR A O   1 
ATOM   614  C  CB  . TYR A 1 83  ? -3.497  -9.772  6.371   1.00 32.28 ? 101 TYR A CB  1 
ATOM   615  C  CG  . TYR A 1 83  ? -4.927  -9.449  6.762   1.00 32.38 ? 101 TYR A CG  1 
ATOM   616  C  CD1 . TYR A 1 83  ? -5.376  -9.652  8.069   1.00 32.19 ? 101 TYR A CD1 1 
ATOM   617  C  CD2 . TYR A 1 83  ? -5.828  -8.928  5.831   1.00 32.20 ? 101 TYR A CD2 1 
ATOM   618  C  CE1 . TYR A 1 83  ? -6.681  -9.351  8.436   1.00 31.94 ? 101 TYR A CE1 1 
ATOM   619  C  CE2 . TYR A 1 83  ? -7.136  -8.628  6.189   1.00 31.98 ? 101 TYR A CE2 1 
ATOM   620  C  CZ  . TYR A 1 83  ? -7.555  -8.841  7.492   1.00 32.18 ? 101 TYR A CZ  1 
ATOM   621  O  OH  . TYR A 1 83  ? -8.851  -8.544  7.853   1.00 32.53 ? 101 TYR A OH  1 
ATOM   622  N  N   . LYS A 1 84  ? -2.734  -12.496 7.724   1.00 33.09 ? 102 LYS A N   1 
ATOM   623  C  CA  . LYS A 1 84  ? -3.027  -13.280 8.926   1.00 33.38 ? 102 LYS A CA  1 
ATOM   624  C  C   . LYS A 1 84  ? -3.000  -12.335 10.134  1.00 33.31 ? 102 LYS A C   1 
ATOM   625  O  O   . LYS A 1 84  ? -3.926  -11.544 10.327  1.00 33.35 ? 102 LYS A O   1 
ATOM   626  C  CB  . LYS A 1 84  ? -2.042  -14.453 9.093   1.00 33.56 ? 102 LYS A CB  1 
ATOM   627  C  CG  . LYS A 1 84  ? -0.546  -14.076 9.117   1.00 34.28 ? 102 LYS A CG  1 
ATOM   628  C  CD  . LYS A 1 84  ? 0.255   -15.013 10.021  1.00 35.72 ? 102 LYS A CD  1 
ATOM   629  C  CE  . LYS A 1 84  ? 0.464   -16.391 9.385   1.00 37.03 ? 102 LYS A CE  1 
ATOM   630  N  NZ  . LYS A 1 84  ? 0.836   -17.435 10.390  1.00 37.51 ? 102 LYS A NZ  1 
ATOM   631  N  N   . TRP A 1 85  ? -1.941  -12.426 10.936  1.00 33.23 ? 103 TRP A N   1 
ATOM   632  C  CA  . TRP A 1 85  ? -1.624  -11.423 11.946  1.00 33.02 ? 103 TRP A CA  1 
ATOM   633  C  C   . TRP A 1 85  ? -0.788  -10.345 11.266  1.00 32.73 ? 103 TRP A C   1 
ATOM   634  O  O   . TRP A 1 85  ? -0.694  -9.216  11.748  1.00 32.68 ? 103 TRP A O   1 
ATOM   635  C  CB  . TRP A 1 85  ? -0.838  -12.052 13.101  1.00 33.23 ? 103 TRP A CB  1 
ATOM   636  C  CG  . TRP A 1 85  ? -1.549  -13.202 13.753  1.00 33.33 ? 103 TRP A CG  1 
ATOM   637  C  CD1 . TRP A 1 85  ? -1.496  -14.515 13.382  1.00 33.42 ? 103 TRP A CD1 1 
ATOM   638  C  CD2 . TRP A 1 85  ? -2.432  -13.138 14.880  1.00 33.51 ? 103 TRP A CD2 1 
ATOM   639  N  NE1 . TRP A 1 85  ? -2.288  -15.273 14.209  1.00 33.48 ? 103 TRP A NE1 1 
ATOM   640  C  CE2 . TRP A 1 85  ? -2.875  -14.454 15.138  1.00 33.49 ? 103 TRP A CE2 1 
ATOM   641  C  CE3 . TRP A 1 85  ? -2.889  -12.097 15.700  1.00 33.66 ? 103 TRP A CE3 1 
ATOM   642  C  CZ2 . TRP A 1 85  ? -3.754  -14.758 16.184  1.00 33.45 ? 103 TRP A CZ2 1 
ATOM   643  C  CZ3 . TRP A 1 85  ? -3.764  -12.401 16.740  1.00 33.54 ? 103 TRP A CZ3 1 
ATOM   644  C  CH2 . TRP A 1 85  ? -4.185  -13.722 16.970  1.00 33.41 ? 103 TRP A CH2 1 
ATOM   645  N  N   . TYR A 1 86  ? -0.179  -10.725 10.143  1.00 32.33 ? 104 TYR A N   1 
ATOM   646  C  CA  . TYR A 1 86  ? 0.666   -9.844  9.342   1.00 31.91 ? 104 TYR A CA  1 
ATOM   647  C  C   . TYR A 1 86  ? 0.228   -9.863  7.882   1.00 31.58 ? 104 TYR A C   1 
ATOM   648  O  O   . TYR A 1 86  ? -0.276  -10.876 7.390   1.00 31.59 ? 104 TYR A O   1 
ATOM   649  C  CB  . TYR A 1 86  ? 2.132   -10.280 9.433   1.00 31.92 ? 104 TYR A CB  1 
ATOM   650  C  CG  . TYR A 1 86  ? 2.626   -10.518 10.838  1.00 31.88 ? 104 TYR A CG  1 
ATOM   651  C  CD1 . TYR A 1 86  ? 2.810   -9.453  11.717  1.00 32.08 ? 104 TYR A CD1 1 
ATOM   652  C  CD2 . TYR A 1 86  ? 2.914   -11.807 11.288  1.00 31.79 ? 104 TYR A CD2 1 
ATOM   653  C  CE1 . TYR A 1 86  ? 3.261   -9.663  13.012  1.00 32.42 ? 104 TYR A CE1 1 
ATOM   654  C  CE2 . TYR A 1 86  ? 3.371   -12.030 12.586  1.00 32.01 ? 104 TYR A CE2 1 
ATOM   655  C  CZ  . TYR A 1 86  ? 3.544   -10.949 13.443  1.00 32.29 ? 104 TYR A CZ  1 
ATOM   656  O  OH  . TYR A 1 86  ? 3.997   -11.135 14.731  1.00 32.10 ? 104 TYR A OH  1 
ATOM   657  N  N   . LEU A 1 87  ? 0.436   -8.741  7.196   1.00 31.11 ? 105 LEU A N   1 
ATOM   658  C  CA  . LEU A 1 87  ? 0.114   -8.611  5.779   1.00 30.60 ? 105 LEU A CA  1 
ATOM   659  C  C   . LEU A 1 87  ? 0.916   -9.609  4.951   1.00 30.36 ? 105 LEU A C   1 
ATOM   660  O  O   . LEU A 1 87  ? 2.113   -9.782  5.172   1.00 30.32 ? 105 LEU A O   1 
ATOM   661  C  CB  . LEU A 1 87  ? 0.385   -7.180  5.305   1.00 30.57 ? 105 LEU A CB  1 
ATOM   662  C  CG  . LEU A 1 87  ? -0.209  -6.709  3.977   1.00 30.38 ? 105 LEU A CG  1 
ATOM   663  C  CD1 . LEU A 1 87  ? -1.732  -6.611  4.042   1.00 29.93 ? 105 LEU A CD1 1 
ATOM   664  C  CD2 . LEU A 1 87  ? 0.396   -5.370  3.606   1.00 30.42 ? 105 LEU A CD2 1 
ATOM   665  N  N   . LYS A 1 88  ? 0.243   -10.261 4.005   1.00 30.10 ? 106 LYS A N   1 
ATOM   666  C  CA  . LYS A 1 88  ? 0.853   -11.321 3.199   1.00 29.92 ? 106 LYS A CA  1 
ATOM   667  C  C   . LYS A 1 88  ? 0.807   -11.061 1.686   1.00 29.60 ? 106 LYS A C   1 
ATOM   668  O  O   . LYS A 1 88  ? 1.678   -11.531 0.953   1.00 29.59 ? 106 LYS A O   1 
ATOM   669  C  CB  . LYS A 1 88  ? 0.208   -12.674 3.525   1.00 29.95 ? 106 LYS A CB  1 
ATOM   670  C  CG  . LYS A 1 88  ? 0.481   -13.184 4.943   1.00 30.20 ? 106 LYS A CG  1 
ATOM   671  C  CD  . LYS A 1 88  ? -0.489  -14.297 5.338   1.00 30.38 ? 106 LYS A CD  1 
ATOM   672  C  CE  . LYS A 1 88  ? -0.007  -15.677 4.891   1.00 31.38 ? 106 LYS A CE  1 
ATOM   673  N  NZ  . LYS A 1 88  ? 0.955   -16.285 5.862   1.00 31.88 ? 106 LYS A NZ  1 
ATOM   674  N  N   . LYS A 1 89  ? -0.204  -10.323 1.225   1.00 29.28 ? 107 LYS A N   1 
ATOM   675  C  CA  . LYS A 1 89  ? -0.347  -9.993  -0.198  1.00 29.01 ? 107 LYS A CA  1 
ATOM   676  C  C   . LYS A 1 89  ? -0.896  -8.584  -0.435  1.00 28.77 ? 107 LYS A C   1 
ATOM   677  O  O   . LYS A 1 89  ? -1.660  -8.066  0.378   1.00 28.75 ? 107 LYS A O   1 
ATOM   678  C  CB  . LYS A 1 89  ? -1.227  -11.030 -0.912  1.00 29.05 ? 107 LYS A CB  1 
ATOM   679  C  CG  . LYS A 1 89  ? -1.179  -10.950 -2.434  1.00 29.01 ? 107 LYS A CG  1 
ATOM   680  C  CD  . LYS A 1 89  ? -1.843  -12.135 -3.094  1.00 29.71 ? 107 LYS A CD  1 
ATOM   681  C  CE  . LYS A 1 89  ? -1.805  -11.990 -4.610  1.00 30.56 ? 107 LYS A CE  1 
ATOM   682  N  NZ  . LYS A 1 89  ? -2.346  -13.189 -5.321  1.00 31.37 ? 107 LYS A NZ  1 
ATOM   683  N  N   . LEU A 1 90  ? -0.486  -7.977  -1.550  1.00 28.48 ? 108 LEU A N   1 
ATOM   684  C  CA  . LEU A 1 90  ? -1.008  -6.681  -2.000  1.00 28.15 ? 108 LEU A CA  1 
ATOM   685  C  C   . LEU A 1 90  ? -1.135  -6.610  -3.518  1.00 28.05 ? 108 LEU A C   1 
ATOM   686  O  O   . LEU A 1 90  ? -0.198  -6.940  -4.247  1.00 28.02 ? 108 LEU A O   1 
ATOM   687  C  CB  . LEU A 1 90  ? -0.122  -5.530  -1.516  1.00 28.07 ? 108 LEU A CB  1 
ATOM   688  C  CG  . LEU A 1 90  ? -0.374  -4.917  -0.139  1.00 27.65 ? 108 LEU A CG  1 
ATOM   689  C  CD1 . LEU A 1 90  ? 0.713   -3.896  0.176   1.00 27.13 ? 108 LEU A CD1 1 
ATOM   690  C  CD2 . LEU A 1 90  ? -1.754  -4.282  -0.064  1.00 27.12 ? 108 LEU A CD2 1 
ATOM   691  N  N   . VAL A 1 91  ? -2.301  -6.175  -3.984  1.00 27.96 ? 109 VAL A N   1 
ATOM   692  C  CA  . VAL A 1 91  ? -2.546  -5.982  -5.411  1.00 28.02 ? 109 VAL A CA  1 
ATOM   693  C  C   . VAL A 1 91  ? -3.070  -4.572  -5.671  1.00 27.99 ? 109 VAL A C   1 
ATOM   694  O  O   . VAL A 1 91  ? -4.155  -4.205  -5.211  1.00 27.97 ? 109 VAL A O   1 
ATOM   695  C  CB  . VAL A 1 91  ? -3.546  -7.025  -5.985  1.00 28.04 ? 109 VAL A CB  1 
ATOM   696  C  CG1 . VAL A 1 91  ? -3.837  -6.740  -7.458  1.00 28.01 ? 109 VAL A CG1 1 
ATOM   697  C  CG2 . VAL A 1 91  ? -3.015  -8.442  -5.816  1.00 28.03 ? 109 VAL A CG2 1 
ATOM   698  N  N   . PHE A 1 92  ? -2.288  -3.792  -6.409  1.00 27.94 ? 110 PHE A N   1 
ATOM   699  C  CA  . PHE A 1 92  ? -2.674  -2.437  -6.778  1.00 27.86 ? 110 PHE A CA  1 
ATOM   700  C  C   . PHE A 1 92  ? -3.237  -2.428  -8.190  1.00 27.93 ? 110 PHE A C   1 
ATOM   701  O  O   . PHE A 1 92  ? -2.543  -2.776  -9.146  1.00 27.95 ? 110 PHE A O   1 
ATOM   702  C  CB  . PHE A 1 92  ? -1.484  -1.483  -6.660  1.00 27.75 ? 110 PHE A CB  1 
ATOM   703  C  CG  . PHE A 1 92  ? -0.980  -1.307  -5.251  1.00 27.77 ? 110 PHE A CG  1 
ATOM   704  C  CD1 . PHE A 1 92  ? -1.470  -0.280  -4.445  1.00 27.55 ? 110 PHE A CD1 1 
ATOM   705  C  CD2 . PHE A 1 92  ? -0.013  -2.166  -4.728  1.00 27.45 ? 110 PHE A CD2 1 
ATOM   706  C  CE1 . PHE A 1 92  ? -1.009  -0.111  -3.141  1.00 27.32 ? 110 PHE A CE1 1 
ATOM   707  C  CE2 . PHE A 1 92  ? 0.454   -2.005  -3.424  1.00 27.49 ? 110 PHE A CE2 1 
ATOM   708  C  CZ  . PHE A 1 92  ? -0.047  -0.976  -2.628  1.00 27.44 ? 110 PHE A CZ  1 
ATOM   709  N  N   . VAL A 1 93  ? -4.506  -2.051  -8.305  1.00 28.11 ? 111 VAL A N   1 
ATOM   710  C  CA  . VAL A 1 93  ? -5.170  -1.937  -9.599  1.00 28.31 ? 111 VAL A CA  1 
ATOM   711  C  C   . VAL A 1 93  ? -5.149  -0.474  -10.035 1.00 28.57 ? 111 VAL A C   1 
ATOM   712  O  O   . VAL A 1 93  ? -5.631  0.406   -9.320  1.00 28.66 ? 111 VAL A O   1 
ATOM   713  C  CB  . VAL A 1 93  ? -6.630  -2.449  -9.551  1.00 28.22 ? 111 VAL A CB  1 
ATOM   714  C  CG1 . VAL A 1 93  ? -7.234  -2.483  -10.945 1.00 28.06 ? 111 VAL A CG1 1 
ATOM   715  C  CG2 . VAL A 1 93  ? -6.702  -3.829  -8.907  1.00 28.23 ? 111 VAL A CG2 1 
ATOM   716  N  N   . THR A 1 94  ? -4.581  -0.219  -11.205 1.00 28.90 ? 112 THR A N   1 
ATOM   717  C  CA  . THR A 1 94  ? -4.470  1.143   -11.713 1.00 29.24 ? 112 THR A CA  1 
ATOM   718  C  C   . THR A 1 94  ? -5.511  1.415   -12.792 1.00 29.49 ? 112 THR A C   1 
ATOM   719  O  O   . THR A 1 94  ? -6.075  0.483   -13.364 1.00 29.45 ? 112 THR A O   1 
ATOM   720  C  CB  . THR A 1 94  ? -3.063  1.430   -12.269 1.00 29.21 ? 112 THR A CB  1 
ATOM   721  O  OG1 . THR A 1 94  ? -2.847  0.657   -13.456 1.00 29.21 ? 112 THR A OG1 1 
ATOM   722  C  CG2 . THR A 1 94  ? -1.987  1.103   -11.233 1.00 28.89 ? 112 THR A CG2 1 
ATOM   723  N  N   . ASP A 1 95  ? -5.759  2.694   -13.067 1.00 29.93 ? 113 ASP A N   1 
ATOM   724  C  CA  . ASP A 1 95  ? -6.738  3.088   -14.083 1.00 30.42 ? 113 ASP A CA  1 
ATOM   725  C  C   . ASP A 1 95  ? -6.285  2.781   -15.520 1.00 30.78 ? 113 ASP A C   1 
ATOM   726  O  O   . ASP A 1 95  ? -7.108  2.760   -16.439 1.00 30.90 ? 113 ASP A O   1 
ATOM   727  C  CB  . ASP A 1 95  ? -7.152  4.558   -13.924 1.00 30.34 ? 113 ASP A CB  1 
ATOM   728  C  CG  . ASP A 1 95  ? -5.994  5.526   -14.095 1.00 30.36 ? 113 ASP A CG  1 
ATOM   729  O  OD1 . ASP A 1 95  ? -4.819  5.109   -14.011 1.00 30.05 ? 113 ASP A OD1 1 
ATOM   730  O  OD2 . ASP A 1 95  ? -6.272  6.724   -14.309 1.00 31.06 ? 113 ASP A OD2 1 
ATOM   731  N  N   . LYS A 1 96  ? -4.984  2.536   -15.701 1.00 31.14 ? 114 LYS A N   1 
ATOM   732  C  CA  . LYS A 1 96  ? -4.450  2.035   -16.973 1.00 31.48 ? 114 LYS A CA  1 
ATOM   733  C  C   . LYS A 1 96  ? -4.767  0.545   -17.133 1.00 31.60 ? 114 LYS A C   1 
ATOM   734  O  O   . LYS A 1 96  ? -4.382  -0.075  -18.128 1.00 31.70 ? 114 LYS A O   1 
ATOM   735  C  CB  . LYS A 1 96  ? -2.933  2.256   -17.070 1.00 31.51 ? 114 LYS A CB  1 
ATOM   736  C  CG  . LYS A 1 96  ? -2.468  3.715   -17.088 1.00 32.16 ? 114 LYS A CG  1 
ATOM   737  C  CD  . LYS A 1 96  ? -2.321  4.290   -18.495 1.00 33.03 ? 114 LYS A CD  1 
ATOM   738  C  CE  . LYS A 1 96  ? -3.592  4.995   -18.962 1.00 34.23 ? 114 LYS A CE  1 
ATOM   739  N  NZ  . LYS A 1 96  ? -3.922  6.200   -18.136 1.00 34.85 ? 114 LYS A NZ  1 
ATOM   740  N  N   . GLY A 1 97  ? -5.459  -0.019  -16.145 1.00 31.77 ? 115 GLY A N   1 
ATOM   741  C  CA  . GLY A 1 97  ? -5.910  -1.409  -16.184 1.00 31.88 ? 115 GLY A CA  1 
ATOM   742  C  C   . GLY A 1 97  ? -4.875  -2.429  -15.753 1.00 32.02 ? 115 GLY A C   1 
ATOM   743  O  O   . GLY A 1 97  ? -5.044  -3.623  -15.998 1.00 32.15 ? 115 GLY A O   1 
ATOM   744  N  N   . ARG A 1 98  ? -3.809  -1.965  -15.102 1.00 32.10 ? 116 ARG A N   1 
ATOM   745  C  CA  . ARG A 1 98  ? -2.711  -2.839  -14.680 1.00 32.19 ? 116 ARG A CA  1 
ATOM   746  C  C   . ARG A 1 98  ? -2.920  -3.397  -13.280 1.00 32.28 ? 116 ARG A C   1 
ATOM   747  O  O   . ARG A 1 98  ? -3.403  -2.696  -12.389 1.00 32.27 ? 116 ARG A O   1 
ATOM   748  C  CB  . ARG A 1 98  ? -1.370  -2.102  -14.740 1.00 32.13 ? 116 ARG A CB  1 
ATOM   749  C  CG  . ARG A 1 98  ? -0.901  -1.755  -16.146 1.00 32.15 ? 116 ARG A CG  1 
ATOM   750  C  CD  . ARG A 1 98  ? 0.602   -1.538  -16.183 1.00 31.92 ? 116 ARG A CD  1 
ATOM   751  N  NE  . ARG A 1 98  ? 1.016   -0.400  -15.369 1.00 31.85 ? 116 ARG A NE  1 
ATOM   752  C  CZ  . ARG A 1 98  ? 2.235   -0.241  -14.862 1.00 31.89 ? 116 ARG A CZ  1 
ATOM   753  N  NH1 . ARG A 1 98  ? 3.179   -1.153  -15.075 1.00 31.72 ? 116 ARG A NH1 1 
ATOM   754  N  NH2 . ARG A 1 98  ? 2.510   0.833   -14.132 1.00 31.89 ? 116 ARG A NH2 1 
ATOM   755  N  N   . TYR A 1 99  ? -2.542  -4.660  -13.095 1.00 32.45 ? 117 TYR A N   1 
ATOM   756  C  CA  . TYR A 1 99  ? -2.637  -5.320  -11.796 1.00 32.71 ? 117 TYR A CA  1 
ATOM   757  C  C   . TYR A 1 99  ? -1.246  -5.561  -11.225 1.00 32.78 ? 117 TYR A C   1 
ATOM   758  O  O   . TYR A 1 99  ? -0.525  -6.452  -11.674 1.00 32.86 ? 117 TYR A O   1 
ATOM   759  C  CB  . TYR A 1 99  ? -3.413  -6.636  -11.911 1.00 32.90 ? 117 TYR A CB  1 
ATOM   760  C  CG  . TYR A 1 99  ? -4.880  -6.453  -12.215 1.00 33.10 ? 117 TYR A CG  1 
ATOM   761  C  CD1 . TYR A 1 99  ? -5.832  -6.504  -11.196 1.00 33.34 ? 117 TYR A CD1 1 
ATOM   762  C  CD2 . TYR A 1 99  ? -5.320  -6.224  -13.520 1.00 33.28 ? 117 TYR A CD2 1 
ATOM   763  C  CE1 . TYR A 1 99  ? -7.190  -6.331  -11.469 1.00 33.56 ? 117 TYR A CE1 1 
ATOM   764  C  CE2 . TYR A 1 99  ? -6.671  -6.047  -13.805 1.00 33.48 ? 117 TYR A CE2 1 
ATOM   765  C  CZ  . TYR A 1 99  ? -7.599  -6.103  -12.778 1.00 33.56 ? 117 TYR A CZ  1 
ATOM   766  O  OH  . TYR A 1 99  ? -8.935  -5.933  -13.057 1.00 33.71 ? 117 TYR A OH  1 
ATOM   767  N  N   . LEU A 1 100 ? -0.876  -4.758  -10.234 1.00 32.93 ? 118 LEU A N   1 
ATOM   768  C  CA  . LEU A 1 100 ? 0.467   -4.808  -9.665  1.00 33.16 ? 118 LEU A CA  1 
ATOM   769  C  C   . LEU A 1 100 ? 0.482   -5.652  -8.391  1.00 33.37 ? 118 LEU A C   1 
ATOM   770  O  O   . LEU A 1 100 ? 0.320   -5.139  -7.283  1.00 33.43 ? 118 LEU A O   1 
ATOM   771  C  CB  . LEU A 1 100 ? 0.996   -3.392  -9.408  1.00 33.09 ? 118 LEU A CB  1 
ATOM   772  C  CG  . LEU A 1 100 ? 0.712   -2.324  -10.472 1.00 33.05 ? 118 LEU A CG  1 
ATOM   773  C  CD1 . LEU A 1 100 ? 1.116   -0.954  -9.962  1.00 33.14 ? 118 LEU A CD1 1 
ATOM   774  C  CD2 . LEU A 1 100 ? 1.400   -2.633  -11.802 1.00 33.15 ? 118 LEU A CD2 1 
ATOM   775  N  N   . SER A 1 101 ? 0.682   -6.954  -8.569  1.00 33.65 ? 119 SER A N   1 
ATOM   776  C  CA  . SER A 1 101 ? 0.580   -7.916  -7.479  1.00 34.02 ? 119 SER A CA  1 
ATOM   777  C  C   . SER A 1 101 ? 1.913   -8.134  -6.768  1.00 34.24 ? 119 SER A C   1 
ATOM   778  O  O   . SER A 1 101 ? 2.955   -8.310  -7.411  1.00 34.36 ? 119 SER A O   1 
ATOM   779  C  CB  . SER A 1 101 ? 0.038   -9.248  -8.005  1.00 34.02 ? 119 SER A CB  1 
ATOM   780  O  OG  . SER A 1 101 ? -0.252  -10.138 -6.944  1.00 34.40 ? 119 SER A OG  1 
ATOM   781  N  N   . PHE A 1 102 ? 1.865   -8.114  -5.438  1.00 34.39 ? 120 PHE A N   1 
ATOM   782  C  CA  . PHE A 1 102 ? 3.025   -8.379  -4.596  1.00 34.55 ? 120 PHE A CA  1 
ATOM   783  C  C   . PHE A 1 102 ? 2.622   -9.342  -3.489  1.00 34.68 ? 120 PHE A C   1 
ATOM   784  O  O   . PHE A 1 102 ? 1.535   -9.216  -2.927  1.00 34.64 ? 120 PHE A O   1 
ATOM   785  C  CB  . PHE A 1 102 ? 3.530   -7.095  -3.936  1.00 34.66 ? 120 PHE A CB  1 
ATOM   786  C  CG  . PHE A 1 102 ? 3.916   -6.005  -4.897  1.00 34.90 ? 120 PHE A CG  1 
ATOM   787  C  CD1 . PHE A 1 102 ? 5.215   -5.922  -5.391  1.00 35.18 ? 120 PHE A CD1 1 
ATOM   788  C  CD2 . PHE A 1 102 ? 2.993   -5.029  -5.268  1.00 34.82 ? 120 PHE A CD2 1 
ATOM   789  C  CE1 . PHE A 1 102 ? 5.584   -4.897  -6.263  1.00 35.16 ? 120 PHE A CE1 1 
ATOM   790  C  CE2 . PHE A 1 102 ? 3.351   -4.003  -6.139  1.00 34.80 ? 120 PHE A CE2 1 
ATOM   791  C  CZ  . PHE A 1 102 ? 4.648   -3.936  -6.635  1.00 34.87 ? 120 PHE A CZ  1 
ATOM   792  N  N   . GLY A 1 103 ? 3.499   -10.291 -3.171  1.00 34.89 ? 121 GLY A N   1 
ATOM   793  C  CA  . GLY A 1 103 ? 3.304   -11.169 -2.014  1.00 35.25 ? 121 GLY A CA  1 
ATOM   794  C  C   . GLY A 1 103 ? 2.805   -12.568 -2.319  1.00 35.53 ? 121 GLY A C   1 
ATOM   795  O  O   . GLY A 1 103 ? 2.876   -13.030 -3.461  1.00 35.54 ? 121 GLY A O   1 
ATOM   796  N  N   . LYS A 1 104 ? 2.289   -13.239 -1.289  1.00 35.89 ? 122 LYS A N   1 
ATOM   797  C  CA  . LYS A 1 104 ? 1.864   -14.640 -1.402  1.00 36.25 ? 122 LYS A CA  1 
ATOM   798  C  C   . LYS A 1 104 ? 0.358   -14.851 -1.243  1.00 36.17 ? 122 LYS A C   1 
ATOM   799  O  O   . LYS A 1 104 ? -0.288  -14.211 -0.414  1.00 36.13 ? 122 LYS A O   1 
ATOM   800  C  CB  . LYS A 1 104 ? 2.635   -15.526 -0.414  1.00 36.52 ? 122 LYS A CB  1 
ATOM   801  C  CG  . LYS A 1 104 ? 4.117   -15.725 -0.762  1.00 37.02 ? 122 LYS A CG  1 
ATOM   802  C  CD  . LYS A 1 104 ? 4.320   -16.633 -1.983  1.00 37.62 ? 122 LYS A CD  1 
ATOM   803  C  CE  . LYS A 1 104 ? 5.791   -16.982 -2.194  1.00 37.66 ? 122 LYS A CE  1 
ATOM   804  N  NZ  . LYS A 1 104 ? 6.634   -15.790 -2.521  1.00 38.29 ? 122 LYS A NZ  1 
ATOM   805  N  N   . ASP A 1 105 ? -0.171  -15.783 -2.031  1.00 36.19 ? 123 ASP A N   1 
ATOM   806  C  CA  . ASP A 1 105 ? -1.610  -16.027 -2.149  1.00 36.19 ? 123 ASP A CA  1 
ATOM   807  C  C   . ASP A 1 105 ? -2.165  -16.941 -1.044  1.00 35.87 ? 123 ASP A C   1 
ATOM   808  O  O   . ASP A 1 105 ? -2.348  -18.147 -1.253  1.00 35.88 ? 123 ASP A O   1 
ATOM   809  C  CB  . ASP A 1 105 ? -1.902  -16.624 -3.533  1.00 36.45 ? 123 ASP A CB  1 
ATOM   810  C  CG  . ASP A 1 105 ? -3.242  -16.188 -4.099  1.00 37.13 ? 123 ASP A CG  1 
ATOM   811  O  OD1 . ASP A 1 105 ? -3.908  -15.314 -3.498  1.00 38.07 ? 123 ASP A OD1 1 
ATOM   812  O  OD2 . ASP A 1 105 ? -3.627  -16.720 -5.164  1.00 37.89 ? 123 ASP A OD2 1 
ATOM   813  N  N   . SER A 1 106 ? -2.439  -16.356 0.124   1.00 35.42 ? 124 SER A N   1 
ATOM   814  C  CA  . SER A 1 106 ? -2.942  -17.095 1.290   1.00 34.94 ? 124 SER A CA  1 
ATOM   815  C  C   . SER A 1 106 ? -3.459  -16.146 2.372   1.00 34.42 ? 124 SER A C   1 
ATOM   816  O  O   . SER A 1 106 ? -2.923  -15.056 2.550   1.00 34.50 ? 124 SER A O   1 
ATOM   817  C  CB  . SER A 1 106 ? -1.834  -17.980 1.879   1.00 35.15 ? 124 SER A CB  1 
ATOM   818  O  OG  . SER A 1 106 ? -2.307  -18.772 2.960   1.00 35.55 ? 124 SER A OG  1 
ATOM   819  N  N   . GLY A 1 107 ? -4.494  -16.573 3.096   1.00 33.79 ? 125 GLY A N   1 
ATOM   820  C  CA  . GLY A 1 107 ? -4.988  -15.832 4.260   1.00 32.94 ? 125 GLY A CA  1 
ATOM   821  C  C   . GLY A 1 107 ? -6.328  -15.139 4.076   1.00 32.36 ? 125 GLY A C   1 
ATOM   822  O  O   . GLY A 1 107 ? -7.088  -15.466 3.160   1.00 32.38 ? 125 GLY A O   1 
ATOM   823  N  N   . THR A 1 108 ? -6.614  -14.188 4.962   1.00 31.62 ? 126 THR A N   1 
ATOM   824  C  CA  . THR A 1 108 ? -7.839  -13.393 4.907   1.00 30.92 ? 126 THR A CA  1 
ATOM   825  C  C   . THR A 1 108 ? -7.742  -12.326 3.819   1.00 30.53 ? 126 THR A C   1 
ATOM   826  O  O   . THR A 1 108 ? -6.847  -11.480 3.840   1.00 30.52 ? 126 THR A O   1 
ATOM   827  C  CB  . THR A 1 108 ? -8.129  -12.709 6.264   1.00 30.96 ? 126 THR A CB  1 
ATOM   828  O  OG1 . THR A 1 108 ? -8.211  -13.700 7.294   1.00 31.01 ? 126 THR A OG1 1 
ATOM   829  C  CG2 . THR A 1 108 ? -9.433  -11.916 6.214   1.00 30.53 ? 126 THR A CG2 1 
ATOM   830  N  N   . SER A 1 109 ? -8.679  -12.371 2.876   1.00 29.90 ? 127 SER A N   1 
ATOM   831  C  CA  . SER A 1 109 ? -8.730  -11.410 1.782   1.00 29.14 ? 127 SER A CA  1 
ATOM   832  C  C   . SER A 1 109 ? -9.477  -10.130 2.162   1.00 28.68 ? 127 SER A C   1 
ATOM   833  O  O   . SER A 1 109 ? -10.362 -10.139 3.019   1.00 28.60 ? 127 SER A O   1 
ATOM   834  C  CB  . SER A 1 109 ? -9.377  -12.048 0.552   1.00 29.15 ? 127 SER A CB  1 
ATOM   835  O  OG  . SER A 1 109 ? -10.705 -12.458 0.833   1.00 29.19 ? 127 SER A OG  1 
ATOM   836  N  N   . PHE A 1 110 ? -9.089  -9.029  1.525   1.00 28.13 ? 128 PHE A N   1 
ATOM   837  C  CA  . PHE A 1 110 ? -9.844  -7.782  1.579   1.00 27.59 ? 128 PHE A CA  1 
ATOM   838  C  C   . PHE A 1 110 ? -9.877  -7.148  0.195   1.00 27.24 ? 128 PHE A C   1 
ATOM   839  O  O   . PHE A 1 110 ? -9.009  -7.416  -0.636  1.00 27.21 ? 128 PHE A O   1 
ATOM   840  C  CB  . PHE A 1 110 ? -9.255  -6.815  2.614   1.00 27.55 ? 128 PHE A CB  1 
ATOM   841  C  CG  . PHE A 1 110 ? -7.923  -6.225  2.224   1.00 27.66 ? 128 PHE A CG  1 
ATOM   842  C  CD1 . PHE A 1 110 ? -7.855  -5.046  1.480   1.00 27.53 ? 128 PHE A CD1 1 
ATOM   843  C  CD2 . PHE A 1 110 ? -6.734  -6.835  2.620   1.00 27.80 ? 128 PHE A CD2 1 
ATOM   844  C  CE1 . PHE A 1 110 ? -6.626  -4.493  1.120   1.00 27.33 ? 128 PHE A CE1 1 
ATOM   845  C  CE2 . PHE A 1 110 ? -5.497  -6.287  2.267   1.00 27.68 ? 128 PHE A CE2 1 
ATOM   846  C  CZ  . PHE A 1 110 ? -5.446  -5.115  1.514   1.00 27.51 ? 128 PHE A CZ  1 
ATOM   847  N  N   . ASN A 1 111 ? -10.885 -6.323  -0.057  1.00 26.88 ? 129 ASN A N   1 
ATOM   848  C  CA  . ASN A 1 111 ? -10.986 -5.613  -1.327  1.00 26.55 ? 129 ASN A CA  1 
ATOM   849  C  C   . ASN A 1 111 ? -11.434 -4.188  -1.085  1.00 26.35 ? 129 ASN A C   1 
ATOM   850  O  O   . ASN A 1 111 ? -12.546 -3.948  -0.623  1.00 26.39 ? 129 ASN A O   1 
ATOM   851  C  CB  . ASN A 1 111 ? -11.936 -6.331  -2.284  1.00 26.44 ? 129 ASN A CB  1 
ATOM   852  C  CG  . ASN A 1 111 ? -11.727 -5.925  -3.730  1.00 26.43 ? 129 ASN A CG  1 
ATOM   853  O  OD1 . ASN A 1 111 ? -12.075 -4.816  -4.135  1.00 26.18 ? 129 ASN A OD1 1 
ATOM   854  N  ND2 . ASN A 1 111 ? -11.169 -6.833  -4.521  1.00 26.12 ? 129 ASN A ND2 1 
ATOM   855  N  N   . ALA A 1 112 ? -10.548 -3.247  -1.392  1.00 26.13 ? 130 ALA A N   1 
ATOM   856  C  CA  . ALA A 1 112 ? -10.744 -1.851  -1.037  1.00 25.92 ? 130 ALA A CA  1 
ATOM   857  C  C   . ALA A 1 112 ? -11.006 -0.976  -2.252  1.00 25.76 ? 130 ALA A C   1 
ATOM   858  O  O   . ALA A 1 112 ? -10.229 -0.964  -3.207  1.00 25.73 ? 130 ALA A O   1 
ATOM   859  C  CB  . ALA A 1 112 ? -9.549  -1.340  -0.264  1.00 25.88 ? 130 ALA A CB  1 
ATOM   860  N  N   . VAL A 1 113 ? -12.118 -0.251  -2.203  1.00 25.64 ? 131 VAL A N   1 
ATOM   861  C  CA  . VAL A 1 113 ? -12.474 0.722   -3.230  1.00 25.44 ? 131 VAL A CA  1 
ATOM   862  C  C   . VAL A 1 113 ? -12.842 2.060   -2.577  1.00 25.50 ? 131 VAL A C   1 
ATOM   863  O  O   . VAL A 1 113 ? -13.334 2.087   -1.440  1.00 25.35 ? 131 VAL A O   1 
ATOM   864  C  CB  . VAL A 1 113 ? -13.621 0.218   -4.162  1.00 25.34 ? 131 VAL A CB  1 
ATOM   865  C  CG1 . VAL A 1 113 ? -13.152 -0.956  -5.008  1.00 25.13 ? 131 VAL A CG1 1 
ATOM   866  C  CG2 . VAL A 1 113 ? -14.862 -0.159  -3.370  1.00 25.15 ? 131 VAL A CG2 1 
ATOM   867  N  N   . PRO A 1 114 ? -12.584 3.178   -3.283  1.00 25.60 ? 132 PRO A N   1 
ATOM   868  C  CA  . PRO A 1 114 ? -12.917 4.493   -2.736  1.00 25.74 ? 132 PRO A CA  1 
ATOM   869  C  C   . PRO A 1 114 ? -14.425 4.691   -2.597  1.00 25.96 ? 132 PRO A C   1 
ATOM   870  O  O   . PRO A 1 114 ? -15.195 4.154   -3.397  1.00 26.07 ? 132 PRO A O   1 
ATOM   871  C  CB  . PRO A 1 114 ? -12.346 5.456   -3.781  1.00 25.66 ? 132 PRO A CB  1 
ATOM   872  C  CG  . PRO A 1 114 ? -12.305 4.672   -5.038  1.00 25.49 ? 132 PRO A CG  1 
ATOM   873  C  CD  . PRO A 1 114 ? -11.962 3.283   -4.615  1.00 25.51 ? 132 PRO A CD  1 
ATOM   874  N  N   . LEU A 1 115 ? -14.837 5.448   -1.585  1.00 26.10 ? 133 LEU A N   1 
ATOM   875  C  CA  . LEU A 1 115 ? -16.251 5.752   -1.381  1.00 26.37 ? 133 LEU A CA  1 
ATOM   876  C  C   . LEU A 1 115 ? -16.828 6.647   -2.473  1.00 26.27 ? 133 LEU A C   1 
ATOM   877  O  O   . LEU A 1 115 ? -17.849 6.319   -3.084  1.00 26.29 ? 133 LEU A O   1 
ATOM   878  C  CB  . LEU A 1 115 ? -16.473 6.424   -0.020  1.00 26.55 ? 133 LEU A CB  1 
ATOM   879  C  CG  . LEU A 1 115 ? -17.303 5.693   1.034   1.00 27.23 ? 133 LEU A CG  1 
ATOM   880  C  CD1 . LEU A 1 115 ? -16.456 4.686   1.825   1.00 28.14 ? 133 LEU A CD1 1 
ATOM   881  C  CD2 . LEU A 1 115 ? -17.951 6.715   1.962   1.00 27.51 ? 133 LEU A CD2 1 
ATOM   882  N  N   . HIS A 1 116 ? -16.156 7.767   -2.713  1.00 26.07 ? 134 HIS A N   1 
ATOM   883  C  CA  . HIS A 1 116 ? -16.733 8.876   -3.460  1.00 25.98 ? 134 HIS A CA  1 
ATOM   884  C  C   . HIS A 1 116 ? -16.354 8.882   -4.944  1.00 25.95 ? 134 HIS A C   1 
ATOM   885  O  O   . HIS A 1 116 ? -15.465 8.127   -5.361  1.00 25.87 ? 134 HIS A O   1 
ATOM   886  C  CB  . HIS A 1 116 ? -16.357 10.190  -2.777  1.00 25.96 ? 134 HIS A CB  1 
ATOM   887  C  CG  . HIS A 1 116 ? -16.826 10.277  -1.360  1.00 26.19 ? 134 HIS A CG  1 
ATOM   888  N  ND1 . HIS A 1 116 ? -18.148 10.475  -1.025  1.00 26.55 ? 134 HIS A ND1 1 
ATOM   889  C  CD2 . HIS A 1 116 ? -16.153 10.175  -0.190  1.00 26.19 ? 134 HIS A CD2 1 
ATOM   890  C  CE1 . HIS A 1 116 ? -18.268 10.501  0.290   1.00 26.56 ? 134 HIS A CE1 1 
ATOM   891  N  NE2 . HIS A 1 116 ? -17.072 10.321  0.820   1.00 26.41 ? 134 HIS A NE2 1 
ATOM   892  N  N   . PRO A 1 117 ? -17.037 9.726   -5.748  1.00 25.82 ? 135 PRO A N   1 
ATOM   893  C  CA  . PRO A 1 117 ? -16.812 9.763   -7.185  1.00 25.82 ? 135 PRO A CA  1 
ATOM   894  C  C   . PRO A 1 117 ? -15.430 10.281  -7.550  1.00 25.85 ? 135 PRO A C   1 
ATOM   895  O  O   . PRO A 1 117 ? -14.974 11.279  -6.984  1.00 25.90 ? 135 PRO A O   1 
ATOM   896  C  CB  . PRO A 1 117 ? -17.871 10.752  -7.686  1.00 25.82 ? 135 PRO A CB  1 
ATOM   897  C  CG  . PRO A 1 117 ? -18.846 10.879  -6.590  1.00 25.93 ? 135 PRO A CG  1 
ATOM   898  C  CD  . PRO A 1 117 ? -18.064 10.700  -5.347  1.00 25.87 ? 135 PRO A CD  1 
ATOM   899  N  N   . ASN A 1 118 ? -14.779 9.583   -8.479  1.00 25.84 ? 136 ASN A N   1 
ATOM   900  C  CA  . ASN A 1 118 ? -13.548 10.043  -9.133  1.00 25.81 ? 136 ASN A CA  1 
ATOM   901  C  C   . ASN A 1 118 ? -12.340 10.240  -8.205  1.00 25.69 ? 136 ASN A C   1 
ATOM   902  O  O   . ASN A 1 118 ? -11.444 11.033  -8.503  1.00 25.73 ? 136 ASN A O   1 
ATOM   903  C  CB  . ASN A 1 118 ? -13.826 11.308  -9.965  1.00 25.82 ? 136 ASN A CB  1 
ATOM   904  C  CG  . ASN A 1 118 ? -15.034 11.149  -10.883 1.00 26.03 ? 136 ASN A CG  1 
ATOM   905  O  OD1 . ASN A 1 118 ? -16.070 11.781  -10.673 1.00 25.91 ? 136 ASN A OD1 1 
ATOM   906  N  ND2 . ASN A 1 118 ? -14.909 10.287  -11.893 1.00 25.76 ? 136 ASN A ND2 1 
ATOM   907  N  N   . THR A 1 119 ? -12.314 9.506   -7.094  1.00 25.53 ? 137 THR A N   1 
ATOM   908  C  CA  . THR A 1 119 ? -11.197 9.589   -6.155  1.00 25.45 ? 137 THR A CA  1 
ATOM   909  C  C   . THR A 1 119 ? -10.242 8.410   -6.320  1.00 25.27 ? 137 THR A C   1 
ATOM   910  O  O   . THR A 1 119 ? -10.638 7.336   -6.770  1.00 25.25 ? 137 THR A O   1 
ATOM   911  C  CB  . THR A 1 119 ? -11.658 9.723   -4.677  1.00 25.50 ? 137 THR A CB  1 
ATOM   912  O  OG1 . THR A 1 119 ? -12.431 8.581   -4.297  1.00 25.82 ? 137 THR A OG1 1 
ATOM   913  C  CG2 . THR A 1 119 ? -12.487 10.989  -4.477  1.00 25.50 ? 137 THR A CG2 1 
ATOM   914  N  N   . VAL A 1 120 ? -8.981  8.636   -5.960  1.00 25.15 ? 138 VAL A N   1 
ATOM   915  C  CA  . VAL A 1 120 ? -7.900  7.670   -6.165  1.00 24.93 ? 138 VAL A CA  1 
ATOM   916  C  C   . VAL A 1 120 ? -7.043  7.545   -4.910  1.00 24.74 ? 138 VAL A C   1 
ATOM   917  O  O   . VAL A 1 120 ? -7.169  8.356   -3.991  1.00 24.84 ? 138 VAL A O   1 
ATOM   918  C  CB  . VAL A 1 120 ? -7.006  8.070   -7.366  1.00 24.99 ? 138 VAL A CB  1 
ATOM   919  C  CG1 . VAL A 1 120 ? -7.699  7.729   -8.687  1.00 25.19 ? 138 VAL A CG1 1 
ATOM   920  C  CG2 . VAL A 1 120 ? -6.636  9.556   -7.310  1.00 24.78 ? 138 VAL A CG2 1 
ATOM   921  N  N   . LEU A 1 121 ? -6.179  6.532   -4.870  1.00 24.46 ? 139 LEU A N   1 
ATOM   922  C  CA  . LEU A 1 121 ? -5.297  6.324   -3.724  1.00 24.22 ? 139 LEU A CA  1 
ATOM   923  C  C   . LEU A 1 121 ? -4.282  7.460   -3.623  1.00 24.22 ? 139 LEU A C   1 
ATOM   924  O  O   . LEU A 1 121 ? -3.480  7.674   -4.538  1.00 24.17 ? 139 LEU A O   1 
ATOM   925  C  CB  . LEU A 1 121 ? -4.592  4.963   -3.803  1.00 24.23 ? 139 LEU A CB  1 
ATOM   926  C  CG  . LEU A 1 121 ? -3.718  4.543   -2.612  1.00 23.98 ? 139 LEU A CG  1 
ATOM   927  C  CD1 . LEU A 1 121 ? -4.559  4.139   -1.407  1.00 23.85 ? 139 LEU A CD1 1 
ATOM   928  C  CD2 . LEU A 1 121 ? -2.792  3.417   -3.008  1.00 24.05 ? 139 LEU A CD2 1 
ATOM   929  N  N   . ARG A 1 122 ? -4.340  8.189   -2.510  1.00 24.12 ? 140 ARG A N   1 
ATOM   930  C  CA  . ARG A 1 122 ? -3.487  9.352   -2.298  1.00 24.14 ? 140 ARG A CA  1 
ATOM   931  C  C   . ARG A 1 122 ? -2.282  9.053   -1.409  1.00 24.20 ? 140 ARG A C   1 
ATOM   932  O  O   . ARG A 1 122 ? -1.163  9.486   -1.703  1.00 24.25 ? 140 ARG A O   1 
ATOM   933  C  CB  . ARG A 1 122 ? -4.304  10.532  -1.765  1.00 24.06 ? 140 ARG A CB  1 
ATOM   934  C  CG  . ARG A 1 122 ? -5.016  11.326  -2.868  1.00 24.20 ? 140 ARG A CG  1 
ATOM   935  C  CD  . ARG A 1 122 ? -4.037  12.203  -3.655  1.00 24.11 ? 140 ARG A CD  1 
ATOM   936  N  NE  . ARG A 1 122 ? -4.595  12.679  -4.921  1.00 24.46 ? 140 ARG A NE  1 
ATOM   937  C  CZ  . ARG A 1 122 ? -4.319  12.162  -6.120  1.00 24.39 ? 140 ARG A CZ  1 
ATOM   938  N  NH1 . ARG A 1 122 ? -3.484  11.135  -6.244  1.00 24.74 ? 140 ARG A NH1 1 
ATOM   939  N  NH2 . ARG A 1 122 ? -4.878  12.680  -7.205  1.00 23.81 ? 140 ARG A NH2 1 
ATOM   940  N  N   . PHE A 1 123 ? -2.517  8.315   -0.328  1.00 24.22 ? 141 PHE A N   1 
ATOM   941  C  CA  . PHE A 1 123 ? -1.442  7.808   0.520   1.00 24.20 ? 141 PHE A CA  1 
ATOM   942  C  C   . PHE A 1 123 ? -1.873  6.552   1.281   1.00 24.53 ? 141 PHE A C   1 
ATOM   943  O  O   . PHE A 1 123 ? -3.054  6.190   1.288   1.00 24.53 ? 141 PHE A O   1 
ATOM   944  C  CB  . PHE A 1 123 ? -0.911  8.895   1.471   1.00 23.92 ? 141 PHE A CB  1 
ATOM   945  C  CG  . PHE A 1 123 ? -1.888  9.322   2.536   1.00 23.41 ? 141 PHE A CG  1 
ATOM   946  C  CD1 . PHE A 1 123 ? -1.800  8.804   3.824   1.00 23.24 ? 141 PHE A CD1 1 
ATOM   947  C  CD2 . PHE A 1 123 ? -2.873  10.265  2.261   1.00 22.78 ? 141 PHE A CD2 1 
ATOM   948  C  CE1 . PHE A 1 123 ? -2.687  9.207   4.819   1.00 22.94 ? 141 PHE A CE1 1 
ATOM   949  C  CE2 . PHE A 1 123 ? -3.768  10.671  3.245   1.00 22.48 ? 141 PHE A CE2 1 
ATOM   950  C  CZ  . PHE A 1 123 ? -3.673  10.143  4.526   1.00 23.07 ? 141 PHE A CZ  1 
ATOM   951  N  N   . ILE A 1 124 ? -0.903  5.888   1.902   1.00 24.82 ? 142 ILE A N   1 
ATOM   952  C  CA  . ILE A 1 124 ? -1.165  4.690   2.694   1.00 25.11 ? 142 ILE A CA  1 
ATOM   953  C  C   . ILE A 1 124 ? -0.733  4.869   4.151   1.00 25.47 ? 142 ILE A C   1 
ATOM   954  O  O   . ILE A 1 124 ? 0.214   5.599   4.450   1.00 25.45 ? 142 ILE A O   1 
ATOM   955  C  CB  . ILE A 1 124 ? -0.503  3.416   2.083   1.00 25.02 ? 142 ILE A CB  1 
ATOM   956  C  CG1 . ILE A 1 124 ? 1.024   3.520   2.085   1.00 24.77 ? 142 ILE A CG1 1 
ATOM   957  C  CG2 . ILE A 1 124 ? -1.029  3.151   0.667   1.00 25.19 ? 142 ILE A CG2 1 
ATOM   958  C  CD1 . ILE A 1 124 ? 1.728   2.182   2.069   1.00 24.76 ? 142 ILE A CD1 1 
ATOM   959  N  N   . SER A 1 125 ? -1.453  4.212   5.053   1.00 25.86 ? 143 SER A N   1 
ATOM   960  C  CA  . SER A 1 125 ? -1.068  4.160   6.455   1.00 26.29 ? 143 SER A CA  1 
ATOM   961  C  C   . SER A 1 125 ? -0.954  2.696   6.872   1.00 26.66 ? 143 SER A C   1 
ATOM   962  O  O   . SER A 1 125 ? -1.026  1.798   6.026   1.00 26.74 ? 143 SER A O   1 
ATOM   963  C  CB  . SER A 1 125 ? -2.076  4.919   7.331   1.00 26.26 ? 143 SER A CB  1 
ATOM   964  O  OG  . SER A 1 125 ? -3.342  4.279   7.354   1.00 26.38 ? 143 SER A OG  1 
ATOM   965  N  N   . GLY A 1 126 ? -0.763  2.458   8.166   1.00 27.00 ? 144 GLY A N   1 
ATOM   966  C  CA  . GLY A 1 126 ? -0.721  1.102   8.698   1.00 27.36 ? 144 GLY A CA  1 
ATOM   967  C  C   . GLY A 1 126 ? 0.176   0.956   9.907   1.00 27.67 ? 144 GLY A C   1 
ATOM   968  O  O   . GLY A 1 126 ? 0.528   1.942   10.558  1.00 27.52 ? 144 GLY A O   1 
ATOM   969  N  N   . ARG A 1 127 ? 0.535   -0.289  10.209  1.00 28.04 ? 145 ARG A N   1 
ATOM   970  C  CA  . ARG A 1 127 ? 1.443   -0.601  11.307  1.00 28.39 ? 145 ARG A CA  1 
ATOM   971  C  C   . ARG A 1 127 ? 2.549   -1.517  10.809  1.00 28.21 ? 145 ARG A C   1 
ATOM   972  O  O   . ARG A 1 127 ? 2.312   -2.385  9.961   1.00 28.21 ? 145 ARG A O   1 
ATOM   973  C  CB  . ARG A 1 127 ? 0.697   -1.262  12.467  1.00 28.32 ? 145 ARG A CB  1 
ATOM   974  C  CG  . ARG A 1 127 ? -0.477  -0.455  13.001  1.00 29.06 ? 145 ARG A CG  1 
ATOM   975  C  CD  . ARG A 1 127 ? -1.142  -1.133  14.193  1.00 29.40 ? 145 ARG A CD  1 
ATOM   976  N  NE  . ARG A 1 127 ? -0.397  -0.930  15.437  1.00 32.13 ? 145 ARG A NE  1 
ATOM   977  C  CZ  . ARG A 1 127 ? -0.429  0.184   16.171  1.00 33.33 ? 145 ARG A CZ  1 
ATOM   978  N  NH1 . ARG A 1 127 ? -1.161  1.227   15.793  1.00 34.01 ? 145 ARG A NH1 1 
ATOM   979  N  NH2 . ARG A 1 127 ? 0.286   0.261   17.288  1.00 34.04 ? 145 ARG A NH2 1 
ATOM   980  N  N   . SER A 1 128 ? 3.756   -1.316  11.332  1.00 28.10 ? 146 SER A N   1 
ATOM   981  C  CA  . SER A 1 128 ? 4.905   -2.128  10.948  1.00 27.95 ? 146 SER A CA  1 
ATOM   982  C  C   . SER A 1 128 ? 5.902   -2.344  12.087  1.00 27.90 ? 146 SER A C   1 
ATOM   983  O  O   . SER A 1 128 ? 5.917   -1.604  13.075  1.00 27.90 ? 146 SER A O   1 
ATOM   984  C  CB  . SER A 1 128 ? 5.615   -1.520  9.734   1.00 28.01 ? 146 SER A CB  1 
ATOM   985  O  OG  . SER A 1 128 ? 6.299   -0.325  10.073  1.00 28.31 ? 146 SER A OG  1 
ATOM   986  N  N   . GLY A 1 129 ? 6.721   -3.379  11.929  1.00 27.79 ? 147 GLY A N   1 
ATOM   987  C  CA  . GLY A 1 129 ? 7.838   -3.667  12.816  1.00 27.53 ? 147 GLY A CA  1 
ATOM   988  C  C   . GLY A 1 129 ? 8.928   -4.278  11.962  1.00 27.41 ? 147 GLY A C   1 
ATOM   989  O  O   . GLY A 1 129 ? 9.549   -3.587  11.153  1.00 27.45 ? 147 GLY A O   1 
ATOM   990  N  N   . SER A 1 130 ? 9.152   -5.578  12.131  1.00 27.14 ? 148 SER A N   1 
ATOM   991  C  CA  . SER A 1 130 ? 10.075  -6.315  11.272  1.00 26.98 ? 148 SER A CA  1 
ATOM   992  C  C   . SER A 1 130 ? 9.341   -6.819  10.027  1.00 26.74 ? 148 SER A C   1 
ATOM   993  O  O   . SER A 1 130 ? 9.966   -7.261  9.059   1.00 26.55 ? 148 SER A O   1 
ATOM   994  C  CB  . SER A 1 130 ? 10.727  -7.473  12.034  1.00 27.07 ? 148 SER A CB  1 
ATOM   995  O  OG  . SER A 1 130 ? 9.782   -8.484  12.347  1.00 27.59 ? 148 SER A OG  1 
ATOM   996  N  N   . LEU A 1 131 ? 8.008   -6.756  10.085  1.00 26.51 ? 149 LEU A N   1 
ATOM   997  C  CA  . LEU A 1 131 ? 7.122   -7.044  8.953   1.00 26.27 ? 149 LEU A CA  1 
ATOM   998  C  C   . LEU A 1 131 ? 6.074   -5.935  8.816   1.00 26.08 ? 149 LEU A C   1 
ATOM   999  O  O   . LEU A 1 131 ? 6.089   -4.963  9.574   1.00 25.91 ? 149 LEU A O   1 
ATOM   1000 C  CB  . LEU A 1 131 ? 6.427   -8.398  9.141   1.00 26.20 ? 149 LEU A CB  1 
ATOM   1001 C  CG  . LEU A 1 131 ? 7.276   -9.672  9.159   1.00 26.36 ? 149 LEU A CG  1 
ATOM   1002 C  CD1 . LEU A 1 131 ? 6.443   -10.848 9.644   1.00 26.25 ? 149 LEU A CD1 1 
ATOM   1003 C  CD2 . LEU A 1 131 ? 7.894   -9.966  7.792   1.00 26.22 ? 149 LEU A CD2 1 
ATOM   1004 N  N   . ILE A 1 132 ? 5.174   -6.071  7.845   1.00 25.97 ? 150 ILE A N   1 
ATOM   1005 C  CA  . ILE A 1 132 ? 4.028   -5.170  7.760   1.00 25.93 ? 150 ILE A CA  1 
ATOM   1006 C  C   . ILE A 1 132 ? 2.844   -5.820  8.467   1.00 25.98 ? 150 ILE A C   1 
ATOM   1007 O  O   . ILE A 1 132 ? 2.237   -6.761  7.956   1.00 25.96 ? 150 ILE A O   1 
ATOM   1008 C  CB  . ILE A 1 132 ? 3.672   -4.758  6.299   1.00 25.79 ? 150 ILE A CB  1 
ATOM   1009 C  CG1 . ILE A 1 132 ? 4.845   -4.033  5.627   1.00 25.61 ? 150 ILE A CG1 1 
ATOM   1010 C  CG2 . ILE A 1 132 ? 2.423   -3.870  6.270   1.00 25.86 ? 150 ILE A CG2 1 
ATOM   1011 C  CD1 . ILE A 1 132 ? 5.214   -2.686  6.249   1.00 24.99 ? 150 ILE A CD1 1 
ATOM   1012 N  N   . ASP A 1 133 ? 2.545   -5.315  9.661   1.00 26.02 ? 151 ASP A N   1 
ATOM   1013 C  CA  . ASP A 1 133 ? 1.458   -5.829  10.478  1.00 26.17 ? 151 ASP A CA  1 
ATOM   1014 C  C   . ASP A 1 133 ? 0.105   -5.503  9.858   1.00 26.17 ? 151 ASP A C   1 
ATOM   1015 O  O   . ASP A 1 133 ? -0.753  -6.379  9.721   1.00 26.45 ? 151 ASP A O   1 
ATOM   1016 C  CB  . ASP A 1 133 ? 1.539   -5.257  11.892  1.00 26.15 ? 151 ASP A CB  1 
ATOM   1017 C  CG  . ASP A 1 133 ? 2.814   -5.653  12.609  1.00 26.92 ? 151 ASP A CG  1 
ATOM   1018 O  OD1 . ASP A 1 133 ? 2.737   -6.498  13.528  1.00 27.64 ? 151 ASP A OD1 1 
ATOM   1019 O  OD2 . ASP A 1 133 ? 3.894   -5.131  12.252  1.00 27.42 ? 151 ASP A OD2 1 
ATOM   1020 N  N   . ALA A 1 134 ? -0.067  -4.243  9.470   1.00 25.92 ? 152 ALA A N   1 
ATOM   1021 C  CA  . ALA A 1 134 ? -1.342  -3.757  8.969   1.00 25.50 ? 152 ALA A CA  1 
ATOM   1022 C  C   . ALA A 1 134 ? -1.154  -2.672  7.913   1.00 25.27 ? 152 ALA A C   1 
ATOM   1023 O  O   . ALA A 1 134 ? -0.145  -1.965  7.912   1.00 25.24 ? 152 ALA A O   1 
ATOM   1024 C  CB  . ALA A 1 134 ? -2.184  -3.237  10.125  1.00 25.50 ? 152 ALA A CB  1 
ATOM   1025 N  N   . ILE A 1 135 ? -2.131  -2.551  7.016   1.00 24.86 ? 153 ILE A N   1 
ATOM   1026 C  CA  . ILE A 1 135 ? -2.149  -1.473  6.030   1.00 24.45 ? 153 ILE A CA  1 
ATOM   1027 C  C   . ILE A 1 135 ? -3.498  -0.756  6.012   1.00 24.28 ? 153 ILE A C   1 
ATOM   1028 O  O   . ILE A 1 135 ? -4.544  -1.363  6.233   1.00 24.24 ? 153 ILE A O   1 
ATOM   1029 C  CB  . ILE A 1 135 ? -1.745  -1.961  4.600   1.00 24.45 ? 153 ILE A CB  1 
ATOM   1030 C  CG1 . ILE A 1 135 ? -1.430  -0.763  3.689   1.00 24.33 ? 153 ILE A CG1 1 
ATOM   1031 C  CG2 . ILE A 1 135 ? -2.813  -2.890  3.997   1.00 24.25 ? 153 ILE A CG2 1 
ATOM   1032 C  CD1 . ILE A 1 135 ? -0.715  -1.108  2.399   1.00 24.26 ? 153 ILE A CD1 1 
ATOM   1033 N  N   . GLY A 1 136 ? -3.447  0.547   5.767   1.00 24.14 ? 154 GLY A N   1 
ATOM   1034 C  CA  . GLY A 1 136 ? -4.638  1.369   5.613   1.00 23.97 ? 154 GLY A CA  1 
ATOM   1035 C  C   . GLY A 1 136 ? -4.520  2.187   4.345   1.00 23.90 ? 154 GLY A C   1 
ATOM   1036 O  O   . GLY A 1 136 ? -3.456  2.740   4.050   1.00 23.84 ? 154 GLY A O   1 
ATOM   1037 N  N   . LEU A 1 137 ? -5.613  2.256   3.594   1.00 23.76 ? 155 LEU A N   1 
ATOM   1038 C  CA  . LEU A 1 137 ? -5.623  2.909   2.291   1.00 23.61 ? 155 LEU A CA  1 
ATOM   1039 C  C   . LEU A 1 137 ? -6.415  4.205   2.346   1.00 23.46 ? 155 LEU A C   1 
ATOM   1040 O  O   . LEU A 1 137 ? -7.571  4.209   2.759   1.00 23.42 ? 155 LEU A O   1 
ATOM   1041 C  CB  . LEU A 1 137 ? -6.221  1.966   1.243   1.00 23.64 ? 155 LEU A CB  1 
ATOM   1042 C  CG  . LEU A 1 137 ? -5.408  0.827   0.610   1.00 23.72 ? 155 LEU A CG  1 
ATOM   1043 C  CD1 . LEU A 1 137 ? -3.972  0.673   1.129   1.00 23.77 ? 155 LEU A CD1 1 
ATOM   1044 C  CD2 . LEU A 1 137 ? -6.183  -0.465  0.756   1.00 23.65 ? 155 LEU A CD2 1 
ATOM   1045 N  N   . HIS A 1 138 ? -5.786  5.302   1.933   1.00 23.50 ? 156 HIS A N   1 
ATOM   1046 C  CA  . HIS A 1 138 ? -6.428  6.616   1.954   1.00 23.53 ? 156 HIS A CA  1 
ATOM   1047 C  C   . HIS A 1 138 ? -6.741  7.122   0.550   1.00 23.45 ? 156 HIS A C   1 
ATOM   1048 O  O   . HIS A 1 138 ? -5.860  7.183   -0.310  1.00 23.50 ? 156 HIS A O   1 
ATOM   1049 C  CB  . HIS A 1 138 ? -5.563  7.630   2.696   1.00 23.54 ? 156 HIS A CB  1 
ATOM   1050 C  CG  . HIS A 1 138 ? -5.420  7.352   4.159   1.00 23.70 ? 156 HIS A CG  1 
ATOM   1051 N  ND1 . HIS A 1 138 ? -6.201  7.968   5.112   1.00 23.88 ? 156 HIS A ND1 1 
ATOM   1052 C  CD2 . HIS A 1 138 ? -4.571  6.542   4.835   1.00 23.99 ? 156 HIS A CD2 1 
ATOM   1053 C  CE1 . HIS A 1 138 ? -5.841  7.548   6.313   1.00 23.99 ? 156 HIS A CE1 1 
ATOM   1054 N  NE2 . HIS A 1 138 ? -4.855  6.682   6.172   1.00 23.89 ? 156 HIS A NE2 1 
ATOM   1055 N  N   . TRP A 1 139 ? -8.003  7.488   0.339   1.00 23.38 ? 157 TRP A N   1 
ATOM   1056 C  CA  . TRP A 1 139 ? -8.501  7.892   -0.970  1.00 23.38 ? 157 TRP A CA  1 
ATOM   1057 C  C   . TRP A 1 139 ? -8.853  9.371   -0.975  1.00 23.86 ? 157 TRP A C   1 
ATOM   1058 O  O   . TRP A 1 139 ? -9.262  9.917   0.048   1.00 23.95 ? 157 TRP A O   1 
ATOM   1059 C  CB  . TRP A 1 139 ? -9.748  7.085   -1.341  1.00 22.93 ? 157 TRP A CB  1 
ATOM   1060 C  CG  . TRP A 1 139 ? -9.614  5.611   -1.124  1.00 22.22 ? 157 TRP A CG  1 
ATOM   1061 C  CD1 . TRP A 1 139 ? -9.946  4.918   0.000   1.00 21.76 ? 157 TRP A CD1 1 
ATOM   1062 C  CD2 . TRP A 1 139 ? -9.115  4.646   -2.059  1.00 21.67 ? 157 TRP A CD2 1 
ATOM   1063 N  NE1 . TRP A 1 139 ? -9.681  3.584   -0.171  1.00 21.80 ? 157 TRP A NE1 1 
ATOM   1064 C  CE2 . TRP A 1 139 ? -9.171  3.388   -1.427  1.00 21.65 ? 157 TRP A CE2 1 
ATOM   1065 C  CE3 . TRP A 1 139 ? -8.627  4.725   -3.371  1.00 21.65 ? 157 TRP A CE3 1 
ATOM   1066 C  CZ2 . TRP A 1 139 ? -8.753  2.212   -2.057  1.00 22.02 ? 157 TRP A CZ2 1 
ATOM   1067 C  CZ3 . TRP A 1 139 ? -8.212  3.557   -3.999  1.00 21.94 ? 157 TRP A CZ3 1 
ATOM   1068 C  CH2 . TRP A 1 139 ? -8.276  2.318   -3.340  1.00 22.09 ? 157 TRP A CH2 1 
ATOM   1069 N  N   . ASP A 1 140 ? -8.692  10.011  -2.130  1.00 24.46 ? 158 ASP A N   1 
ATOM   1070 C  CA  . ASP A 1 140 ? -9.100  11.402  -2.322  1.00 25.11 ? 158 ASP A CA  1 
ATOM   1071 C  C   . ASP A 1 140 ? -8.915  11.817  -3.781  1.00 25.34 ? 158 ASP A C   1 
ATOM   1072 O  O   . ASP A 1 140 ? -8.392  11.048  -4.595  1.00 25.37 ? 158 ASP A O   1 
ATOM   1073 C  CB  . ASP A 1 140 ? -8.303  12.336  -1.404  1.00 25.29 ? 158 ASP A CB  1 
ATOM   1074 C  CG  . ASP A 1 140 ? -9.121  13.525  -0.915  1.00 26.15 ? 158 ASP A CG  1 
ATOM   1075 O  OD1 . ASP A 1 140 ? -10.012 14.006  -1.652  1.00 26.72 ? 158 ASP A OD1 1 
ATOM   1076 O  OD2 . ASP A 1 140 ? -8.863  13.986  0.218   1.00 27.53 ? 158 ASP A OD2 1 
ATOM   1077 N  N   . VAL A 1 141 ? -9.353  13.030  -4.107  1.00 25.64 ? 159 VAL A N   1 
ATOM   1078 C  CA  . VAL A 1 141 ? -9.149  13.592  -5.441  1.00 26.06 ? 159 VAL A CA  1 
ATOM   1079 C  C   . VAL A 1 141 ? -7.666  13.875  -5.708  1.00 26.28 ? 159 VAL A C   1 
ATOM   1080 O  O   . VAL A 1 141 ? -6.892  14.152  -4.787  1.00 26.36 ? 159 VAL A O   1 
ATOM   1081 C  CB  . VAL A 1 141 ? -9.991  14.874  -5.678  1.00 26.04 ? 159 VAL A CB  1 
ATOM   1082 C  CG1 . VAL A 1 141 ? -11.478 14.528  -5.761  1.00 26.20 ? 159 VAL A CG1 1 
ATOM   1083 C  CG2 . VAL A 1 141 ? -9.726  15.921  -4.597  1.00 25.99 ? 159 VAL A CG2 1 
ATOM   1084 O  OXT . VAL A 1 141 ? -7.213  13.821  -6.856  1.00 26.46 ? 159 VAL A OXT 1 
HETATM 1085 C  C1  . MMA B 2 .   ? 8.607   -7.274  15.718  1.00 36.52 ? 201 MMA A C1  1 
HETATM 1086 C  C2  . MMA B 2 .   ? 7.807   -6.363  16.643  1.00 36.37 ? 201 MMA A C2  1 
HETATM 1087 C  C3  . MMA B 2 .   ? 6.332   -6.758  16.653  1.00 36.11 ? 201 MMA A C3  1 
HETATM 1088 C  C4  . MMA B 2 .   ? 5.782   -6.875  15.231  1.00 36.08 ? 201 MMA A C4  1 
HETATM 1089 C  C5  . MMA B 2 .   ? 6.702   -7.739  14.352  1.00 36.36 ? 201 MMA A C5  1 
HETATM 1090 C  C6  . MMA B 2 .   ? 6.215   -7.771  12.903  1.00 36.45 ? 201 MMA A C6  1 
HETATM 1091 C  C7  . MMA B 2 .   ? 9.795   -9.309  15.977  1.00 36.98 ? 201 MMA A C7  1 
HETATM 1092 O  O1  . MMA B 2 .   ? 8.569   -8.617  16.216  1.00 36.61 ? 201 MMA A O1  1 
HETATM 1093 O  O2  . MMA B 2 .   ? 7.938   -5.006  16.201  1.00 36.54 ? 201 MMA A O2  1 
HETATM 1094 O  O3  . MMA B 2 .   ? 5.578   -5.783  17.381  1.00 35.94 ? 201 MMA A O3  1 
HETATM 1095 O  O4  . MMA B 2 .   ? 4.477   -7.461  15.276  1.00 35.94 ? 201 MMA A O4  1 
HETATM 1096 O  O5  . MMA B 2 .   ? 8.045   -7.227  14.396  1.00 36.39 ? 201 MMA A O5  1 
HETATM 1097 O  O6  . MMA B 2 .   ? 6.274   -6.454  12.344  1.00 36.36 ? 201 MMA A O6  1 
HETATM 1098 CL CL  . CL  C 3 .   ? -0.879  -6.421  -15.570 1.00 42.92 ? 202 CL  A CL  1 
HETATM 1099 CL CL  . CL  D 3 .   ? -12.009 -9.999  -0.786  1.00 33.45 ? 203 CL  A CL  1 
HETATM 1100 O  O   . HOH E 4 .   ? -13.558 0.220   0.905   1.00 22.09 ? 301 HOH A O   1 
HETATM 1101 O  O   . HOH E 4 .   ? 4.562   8.494   9.591   1.00 30.37 ? 302 HOH A O   1 
HETATM 1102 O  O   . HOH E 4 .   ? 8.325   7.842   -14.521 1.00 30.62 ? 303 HOH A O   1 
HETATM 1103 O  O   . HOH E 4 .   ? 5.513   -8.412  -8.987  1.00 28.86 ? 304 HOH A O   1 
HETATM 1104 O  O   . HOH E 4 .   ? -14.268 6.678   -7.454  1.00 22.30 ? 305 HOH A O   1 
HETATM 1105 O  O   . HOH E 4 .   ? -1.818  5.067   11.072  1.00 43.41 ? 306 HOH A O   1 
HETATM 1106 O  O   . HOH E 4 .   ? -12.952 -6.518  2.330   1.00 19.29 ? 307 HOH A O   1 
HETATM 1107 O  O   . HOH E 4 .   ? -3.333  9.092   8.561   1.00 22.30 ? 308 HOH A O   1 
HETATM 1108 O  O   . HOH E 4 .   ? -5.159  10.955  8.050   1.00 28.45 ? 309 HOH A O   1 
HETATM 1109 O  O   . HOH E 4 .   ? 8.269   9.823   5.158   1.00 25.92 ? 310 HOH A O   1 
HETATM 1110 O  O   . HOH E 4 .   ? 11.051  -12.168 9.085   1.00 12.61 ? 311 HOH A O   1 
HETATM 1111 O  O   . HOH E 4 .   ? 14.330  -7.049  9.797   1.00 24.74 ? 312 HOH A O   1 
HETATM 1112 O  O   . HOH E 4 .   ? 10.142  -6.516  -9.043  1.00 26.78 ? 313 HOH A O   1 
HETATM 1113 O  O   . HOH E 4 .   ? -8.640  -19.021 1.655   1.00 19.43 ? 314 HOH A O   1 
HETATM 1114 O  O   . HOH E 4 .   ? 8.601   16.176  -5.674  1.00 20.91 ? 315 HOH A O   1 
HETATM 1115 O  O   . HOH E 4 .   ? 2.290   -18.869 -0.208  1.00 34.49 ? 316 HOH A O   1 
HETATM 1116 O  O   . HOH E 4 .   ? 5.841   -16.717 11.589  1.00 25.20 ? 317 HOH A O   1 
HETATM 1117 O  O   . HOH E 4 .   ? 10.148  -9.810  -8.821  1.00 24.62 ? 318 HOH A O   1 
HETATM 1118 O  O   . HOH E 4 .   ? -12.878 0.085   5.665   1.00 25.79 ? 319 HOH A O   1 
HETATM 1119 O  O   . HOH E 4 .   ? 8.547   -12.985 11.983  1.00 45.28 ? 320 HOH A O   1 
HETATM 1120 O  O   . HOH E 4 .   ? -12.369 -11.907 3.232   1.00 27.30 ? 321 HOH A O   1 
HETATM 1121 O  O   . HOH E 4 .   ? -9.514  1.175   11.756  1.00 31.75 ? 322 HOH A O   1 
HETATM 1122 O  O   . HOH E 4 .   ? -13.200 0.740   9.563   1.00 24.05 ? 323 HOH A O   1 
HETATM 1123 O  O   . HOH E 4 .   ? 0.407   -7.876  13.817  1.00 23.00 ? 324 HOH A O   1 
HETATM 1124 O  O   . HOH E 4 .   ? 7.255   -2.838  17.558  1.00 20.41 ? 325 HOH A O   1 
HETATM 1125 O  O   . HOH E 4 .   ? 10.132  -2.946  15.758  1.00 33.51 ? 326 HOH A O   1 
HETATM 1126 O  O   . HOH E 4 .   ? 9.986   -1.035  11.111  1.00 28.32 ? 327 HOH A O   1 
HETATM 1127 O  O   . HOH E 4 .   ? -12.385 2.214   -8.404  1.00 39.99 ? 328 HOH A O   1 
HETATM 1128 O  O   . HOH E 4 .   ? -10.726 3.685   -14.191 1.00 37.74 ? 329 HOH A O   1 
HETATM 1129 O  O   . HOH E 4 .   ? -7.985  -15.781 8.743   1.00 29.62 ? 330 HOH A O   1 
HETATM 1130 O  O   . HOH E 4 .   ? -5.990  6.680   11.814  1.00 33.22 ? 331 HOH A O   1 
HETATM 1131 O  O   . HOH E 4 .   ? 9.256   11.111  -11.565 1.00 16.81 ? 332 HOH A O   1 
# 
loop_
_pdbx_poly_seq_scheme.asym_id 
_pdbx_poly_seq_scheme.entity_id 
_pdbx_poly_seq_scheme.seq_id 
_pdbx_poly_seq_scheme.mon_id 
_pdbx_poly_seq_scheme.ndb_seq_num 
_pdbx_poly_seq_scheme.pdb_seq_num 
_pdbx_poly_seq_scheme.auth_seq_num 
_pdbx_poly_seq_scheme.pdb_mon_id 
_pdbx_poly_seq_scheme.auth_mon_id 
_pdbx_poly_seq_scheme.pdb_strand_id 
_pdbx_poly_seq_scheme.pdb_ins_code 
_pdbx_poly_seq_scheme.hetero 
A 1 1   GLY 1   19  ?   ?   ?   A . n 
A 1 2   SER 2   20  ?   ?   ?   A . n 
A 1 3   ALA 3   21  ?   ?   ?   A . n 
A 1 4   ARG 4   22  22  ARG ARG A . n 
A 1 5   SER 5   23  23  SER SER A . n 
A 1 6   SER 6   24  24  SER SER A . n 
A 1 7   SER 7   25  25  SER SER A . n 
A 1 8   TYR 8   26  26  TYR TYR A . n 
A 1 9   SER 9   27  27  SER SER A . n 
A 1 10  GLY 10  28  28  GLY GLY A . n 
A 1 11  GLU 11  29  29  GLU GLU A . n 
A 1 12  TYR 12  30  30  TYR TYR A . n 
A 1 13  GLY 13  31  31  GLY GLY A . n 
A 1 14  SER 14  32  32  SER SER A . n 
A 1 15  GLY 15  33  33  GLY GLY A . n 
A 1 16  GLY 16  34  34  GLY GLY A . n 
A 1 17  GLY 17  35  35  GLY GLY A . n 
A 1 18  LYS 18  36  36  LYS LYS A . n 
A 1 19  ARG 19  37  37  ARG ARG A . n 
A 1 20  PHE 20  38  38  PHE PHE A . n 
A 1 21  SER 21  39  39  SER SER A . n 
A 1 22  HIS 22  40  40  HIS HIS A . n 
A 1 23  SER 23  41  41  SER SER A . n 
A 1 24  GLY 24  42  42  GLY GLY A . n 
A 1 25  ASN 25  43  43  ASN ASN A . n 
A 1 26  GLN 26  44  44  GLN GLN A . n 
A 1 27  LEU 27  45  45  LEU LEU A . n 
A 1 28  ASP 28  46  46  ASP ASP A . n 
A 1 29  GLY 29  47  47  GLY GLY A . n 
A 1 30  PRO 30  48  48  PRO PRO A . n 
A 1 31  ILE 31  49  49  ILE ILE A . n 
A 1 32  THR 32  50  50  THR THR A . n 
A 1 33  ALA 33  51  51  ALA ALA A . n 
A 1 34  LEU 34  52  52  LEU LEU A . n 
A 1 35  ARG 35  53  53  ARG ARG A . n 
A 1 36  VAL 36  54  54  VAL VAL A . n 
A 1 37  ARG 37  55  55  ARG ARG A . n 
A 1 38  VAL 38  56  56  VAL VAL A . n 
A 1 39  ASN 39  57  57  ASN ASN A . n 
A 1 40  THR 40  58  58  THR THR A . n 
A 1 41  TYR 41  59  59  TYR TYR A . n 
A 1 42  TYR 42  60  60  TYR TYR A . n 
A 1 43  ILE 43  61  61  ILE ILE A . n 
A 1 44  VAL 44  62  62  VAL VAL A . n 
A 1 45  GLY 45  63  63  GLY GLY A . n 
A 1 46  LEU 46  64  64  LEU LEU A . n 
A 1 47  GLN 47  65  65  GLN GLN A . n 
A 1 48  VAL 48  66  66  VAL VAL A . n 
A 1 49  ARG 49  67  67  ARG ARG A . n 
A 1 50  TYR 50  68  68  TYR TYR A . n 
A 1 51  GLY 51  69  69  GLY GLY A . n 
A 1 52  LYS 52  70  70  LYS LYS A . n 
A 1 53  VAL 53  71  71  VAL VAL A . n 
A 1 54  TRP 54  72  72  TRP TRP A . n 
A 1 55  SER 55  73  73  SER SER A . n 
A 1 56  ASP 56  74  74  ASP ASP A . n 
A 1 57  TYR 57  75  75  TYR TYR A . n 
A 1 58  VAL 58  76  76  VAL VAL A . n 
A 1 59  GLY 59  77  77  GLY GLY A . n 
A 1 60  GLY 60  78  78  GLY GLY A . n 
A 1 61  ARG 61  79  79  ARG ARG A . n 
A 1 62  ASN 62  80  80  ASN ASN A . n 
A 1 63  GLY 63  81  81  GLY GLY A . n 
A 1 64  ASP 64  82  82  ASP ASP A . n 
A 1 65  LEU 65  83  83  LEU LEU A . n 
A 1 66  GLU 66  84  84  GLU GLU A . n 
A 1 67  GLU 67  85  85  GLU GLU A . n 
A 1 68  ILE 68  86  86  ILE ILE A . n 
A 1 69  PHE 69  87  87  PHE PHE A . n 
A 1 70  LEU 70  88  88  LEU LEU A . n 
A 1 71  HIS 71  89  89  HIS HIS A . n 
A 1 72  PRO 72  90  90  PRO PRO A . n 
A 1 73  GLY 73  91  91  GLY GLY A . n 
A 1 74  GLU 74  92  92  GLU GLU A . n 
A 1 75  SER 75  93  93  SER SER A . n 
A 1 76  VAL 76  94  94  VAL VAL A . n 
A 1 77  ILE 77  95  95  ILE ILE A . n 
A 1 78  GLN 78  96  96  GLN GLN A . n 
A 1 79  VAL 79  97  97  VAL VAL A . n 
A 1 80  SER 80  98  98  SER SER A . n 
A 1 81  GLY 81  99  99  GLY GLY A . n 
A 1 82  LYS 82  100 100 LYS LYS A . n 
A 1 83  TYR 83  101 101 TYR TYR A . n 
A 1 84  LYS 84  102 102 LYS LYS A . n 
A 1 85  TRP 85  103 103 TRP TRP A . n 
A 1 86  TYR 86  104 104 TYR TYR A . n 
A 1 87  LEU 87  105 105 LEU LEU A . n 
A 1 88  LYS 88  106 106 LYS LYS A . n 
A 1 89  LYS 89  107 107 LYS LYS A . n 
A 1 90  LEU 90  108 108 LEU LEU A . n 
A 1 91  VAL 91  109 109 VAL VAL A . n 
A 1 92  PHE 92  110 110 PHE PHE A . n 
A 1 93  VAL 93  111 111 VAL VAL A . n 
A 1 94  THR 94  112 112 THR THR A . n 
A 1 95  ASP 95  113 113 ASP ASP A . n 
A 1 96  LYS 96  114 114 LYS LYS A . n 
A 1 97  GLY 97  115 115 GLY GLY A . n 
A 1 98  ARG 98  116 116 ARG ARG A . n 
A 1 99  TYR 99  117 117 TYR TYR A . n 
A 1 100 LEU 100 118 118 LEU LEU A . n 
A 1 101 SER 101 119 119 SER SER A . n 
A 1 102 PHE 102 120 120 PHE PHE A . n 
A 1 103 GLY 103 121 121 GLY GLY A . n 
A 1 104 LYS 104 122 122 LYS LYS A . n 
A 1 105 ASP 105 123 123 ASP ASP A . n 
A 1 106 SER 106 124 124 SER SER A . n 
A 1 107 GLY 107 125 125 GLY GLY A . n 
A 1 108 THR 108 126 126 THR THR A . n 
A 1 109 SER 109 127 127 SER SER A . n 
A 1 110 PHE 110 128 128 PHE PHE A . n 
A 1 111 ASN 111 129 129 ASN ASN A . n 
A 1 112 ALA 112 130 130 ALA ALA A . n 
A 1 113 VAL 113 131 131 VAL VAL A . n 
A 1 114 PRO 114 132 132 PRO PRO A . n 
A 1 115 LEU 115 133 133 LEU LEU A . n 
A 1 116 HIS 116 134 134 HIS HIS A . n 
A 1 117 PRO 117 135 135 PRO PRO A . n 
A 1 118 ASN 118 136 136 ASN ASN A . n 
A 1 119 THR 119 137 137 THR THR A . n 
A 1 120 VAL 120 138 138 VAL VAL A . n 
A 1 121 LEU 121 139 139 LEU LEU A . n 
A 1 122 ARG 122 140 140 ARG ARG A . n 
A 1 123 PHE 123 141 141 PHE PHE A . n 
A 1 124 ILE 124 142 142 ILE ILE A . n 
A 1 125 SER 125 143 143 SER SER A . n 
A 1 126 GLY 126 144 144 GLY GLY A . n 
A 1 127 ARG 127 145 145 ARG ARG A . n 
A 1 128 SER 128 146 146 SER SER A . n 
A 1 129 GLY 129 147 147 GLY GLY A . n 
A 1 130 SER 130 148 148 SER SER A . n 
A 1 131 LEU 131 149 149 LEU LEU A . n 
A 1 132 ILE 132 150 150 ILE ILE A . n 
A 1 133 ASP 133 151 151 ASP ASP A . n 
A 1 134 ALA 134 152 152 ALA ALA A . n 
A 1 135 ILE 135 153 153 ILE ILE A . n 
A 1 136 GLY 136 154 154 GLY GLY A . n 
A 1 137 LEU 137 155 155 LEU LEU A . n 
A 1 138 HIS 138 156 156 HIS HIS A . n 
A 1 139 TRP 139 157 157 TRP TRP A . n 
A 1 140 ASP 140 158 158 ASP ASP A . n 
A 1 141 VAL 141 159 159 VAL VAL A . n 
# 
loop_
_pdbx_nonpoly_scheme.asym_id 
_pdbx_nonpoly_scheme.entity_id 
_pdbx_nonpoly_scheme.mon_id 
_pdbx_nonpoly_scheme.ndb_seq_num 
_pdbx_nonpoly_scheme.pdb_seq_num 
_pdbx_nonpoly_scheme.auth_seq_num 
_pdbx_nonpoly_scheme.pdb_mon_id 
_pdbx_nonpoly_scheme.auth_mon_id 
_pdbx_nonpoly_scheme.pdb_strand_id 
_pdbx_nonpoly_scheme.pdb_ins_code 
B 2 MMA 1  201 509 MMA MMA A . 
C 3 CL  1  202 8   CL  CL  A . 
D 3 CL  1  203 9   CL  CL  A . 
E 4 HOH 1  301 2   HOH HOH A . 
E 4 HOH 2  302 3   HOH HOH A . 
E 4 HOH 3  303 4   HOH HOH A . 
E 4 HOH 4  304 5   HOH HOH A . 
E 4 HOH 5  305 10  HOH HOH A . 
E 4 HOH 6  306 12  HOH HOH A . 
E 4 HOH 7  307 14  HOH HOH A . 
E 4 HOH 8  308 16  HOH HOH A . 
E 4 HOH 9  309 17  HOH HOH A . 
E 4 HOH 10 310 19  HOH HOH A . 
E 4 HOH 11 311 21  HOH HOH A . 
E 4 HOH 12 312 22  HOH HOH A . 
E 4 HOH 13 313 23  HOH HOH A . 
E 4 HOH 14 314 24  HOH HOH A . 
E 4 HOH 15 315 26  HOH HOH A . 
E 4 HOH 16 316 27  HOH HOH A . 
E 4 HOH 17 317 28  HOH HOH A . 
E 4 HOH 18 318 29  HOH HOH A . 
E 4 HOH 19 319 30  HOH HOH A . 
E 4 HOH 20 320 31  HOH HOH A . 
E 4 HOH 21 321 32  HOH HOH A . 
E 4 HOH 22 322 33  HOH HOH A . 
E 4 HOH 23 323 34  HOH HOH A . 
E 4 HOH 24 324 35  HOH HOH A . 
E 4 HOH 25 325 36  HOH HOH A . 
E 4 HOH 26 326 37  HOH HOH A . 
E 4 HOH 27 327 38  HOH HOH A . 
E 4 HOH 28 328 39  HOH HOH A . 
E 4 HOH 29 329 40  HOH HOH A . 
E 4 HOH 30 330 41  HOH HOH A . 
E 4 HOH 31 331 42  HOH HOH A . 
E 4 HOH 32 332 43  HOH HOH A . 
# 
_pdbx_struct_assembly.id                   1 
_pdbx_struct_assembly.details              author_and_software_defined_assembly 
_pdbx_struct_assembly.method_details       PISA 
_pdbx_struct_assembly.oligomeric_details   monomeric 
_pdbx_struct_assembly.oligomeric_count     1 
# 
_pdbx_struct_assembly_gen.assembly_id       1 
_pdbx_struct_assembly_gen.oper_expression   1 
_pdbx_struct_assembly_gen.asym_id_list      A,B,C,D,E 
# 
_pdbx_struct_oper_list.id                   1 
_pdbx_struct_oper_list.type                 'identity operation' 
_pdbx_struct_oper_list.name                 1_555 
_pdbx_struct_oper_list.symmetry_operation   x,y,z 
_pdbx_struct_oper_list.matrix[1][1]         1.0000000000 
_pdbx_struct_oper_list.matrix[1][2]         0.0000000000 
_pdbx_struct_oper_list.matrix[1][3]         0.0000000000 
_pdbx_struct_oper_list.vector[1]            0.0000000000 
_pdbx_struct_oper_list.matrix[2][1]         0.0000000000 
_pdbx_struct_oper_list.matrix[2][2]         1.0000000000 
_pdbx_struct_oper_list.matrix[2][3]         0.0000000000 
_pdbx_struct_oper_list.vector[2]            0.0000000000 
_pdbx_struct_oper_list.matrix[3][1]         0.0000000000 
_pdbx_struct_oper_list.matrix[3][2]         0.0000000000 
_pdbx_struct_oper_list.matrix[3][3]         1.0000000000 
_pdbx_struct_oper_list.vector[3]            0.0000000000 
# 
loop_
_pdbx_audit_revision_history.ordinal 
_pdbx_audit_revision_history.data_content_type 
_pdbx_audit_revision_history.major_revision 
_pdbx_audit_revision_history.minor_revision 
_pdbx_audit_revision_history.revision_date 
1 'Structure model' 1 0 2013-10-16 
2 'Structure model' 1 1 2014-09-03 
3 'Structure model' 1 2 2020-07-29 
4 'Structure model' 1 3 2023-11-08 
# 
loop_
_pdbx_audit_revision_details.ordinal 
_pdbx_audit_revision_details.revision_ordinal 
_pdbx_audit_revision_details.data_content_type 
_pdbx_audit_revision_details.provider 
_pdbx_audit_revision_details.type 
_pdbx_audit_revision_details.description 
_pdbx_audit_revision_details.details 
1 1 'Structure model' repository 'Initial release' ?                          ? 
2 3 'Structure model' repository Remediation       'Carbohydrate remediation' ? 
# 
loop_
_pdbx_audit_revision_group.ordinal 
_pdbx_audit_revision_group.revision_ordinal 
_pdbx_audit_revision_group.data_content_type 
_pdbx_audit_revision_group.group 
1 2 'Structure model' 'Database references'    
2 3 'Structure model' 'Data collection'        
3 3 'Structure model' 'Database references'    
4 3 'Structure model' 'Derived calculations'   
5 3 'Structure model' 'Structure summary'      
6 4 'Structure model' 'Data collection'        
7 4 'Structure model' 'Database references'    
8 4 'Structure model' 'Refinement description' 
9 4 'Structure model' 'Structure summary'      
# 
loop_
_pdbx_audit_revision_category.ordinal 
_pdbx_audit_revision_category.revision_ordinal 
_pdbx_audit_revision_category.data_content_type 
_pdbx_audit_revision_category.category 
1  3 'Structure model' chem_comp                     
2  3 'Structure model' entity                        
3  3 'Structure model' pdbx_chem_comp_identifier     
4  3 'Structure model' pdbx_entity_nonpoly           
5  3 'Structure model' struct_ref_seq_dif            
6  3 'Structure model' struct_site                   
7  3 'Structure model' struct_site_gen               
8  4 'Structure model' chem_comp                     
9  4 'Structure model' chem_comp_atom                
10 4 'Structure model' chem_comp_bond                
11 4 'Structure model' database_2                    
12 4 'Structure model' pdbx_initial_refinement_model 
# 
loop_
_pdbx_audit_revision_item.ordinal 
_pdbx_audit_revision_item.revision_ordinal 
_pdbx_audit_revision_item.data_content_type 
_pdbx_audit_revision_item.item 
1 3 'Structure model' '_chem_comp.mon_nstd_flag'            
2 3 'Structure model' '_chem_comp.name'                     
3 3 'Structure model' '_chem_comp.type'                     
4 3 'Structure model' '_entity.pdbx_description'            
5 3 'Structure model' '_pdbx_entity_nonpoly.name'           
6 3 'Structure model' '_struct_ref_seq_dif.details'         
7 4 'Structure model' '_chem_comp.pdbx_synonyms'            
8 4 'Structure model' '_database_2.pdbx_DOI'                
9 4 'Structure model' '_database_2.pdbx_database_accession' 
# 
loop_
_software.name 
_software.classification 
_software.version 
_software.citation_id 
_software.pdbx_ordinal 
HKL-2000 'data collection' .        ? 1 
MOLREP   phasing           .        ? 2 
REFMAC   refinement        5.2.0019 ? 3 
DENZO    'data reduction'  .        ? 4 
SCALA    'data scaling'    .        ? 5 
# 
loop_
_pdbx_validate_torsion.id 
_pdbx_validate_torsion.PDB_model_num 
_pdbx_validate_torsion.auth_comp_id 
_pdbx_validate_torsion.auth_asym_id 
_pdbx_validate_torsion.auth_seq_id 
_pdbx_validate_torsion.PDB_ins_code 
_pdbx_validate_torsion.label_alt_id 
_pdbx_validate_torsion.phi 
_pdbx_validate_torsion.psi 
1 1 ASN A 57  ? ? -112.62 -158.40 
2 1 LYS A 102 ? ? -111.33 -105.83 
# 
loop_
_pdbx_unobs_or_zero_occ_residues.id 
_pdbx_unobs_or_zero_occ_residues.PDB_model_num 
_pdbx_unobs_or_zero_occ_residues.polymer_flag 
_pdbx_unobs_or_zero_occ_residues.occupancy_flag 
_pdbx_unobs_or_zero_occ_residues.auth_asym_id 
_pdbx_unobs_or_zero_occ_residues.auth_comp_id 
_pdbx_unobs_or_zero_occ_residues.auth_seq_id 
_pdbx_unobs_or_zero_occ_residues.PDB_ins_code 
_pdbx_unobs_or_zero_occ_residues.label_asym_id 
_pdbx_unobs_or_zero_occ_residues.label_comp_id 
_pdbx_unobs_or_zero_occ_residues.label_seq_id 
1 1 Y 1 A GLY 19 ? A GLY 1 
2 1 Y 1 A SER 20 ? A SER 2 
3 1 Y 1 A ALA 21 ? A ALA 3 
# 
loop_
_chem_comp_atom.comp_id 
_chem_comp_atom.atom_id 
_chem_comp_atom.type_symbol 
_chem_comp_atom.pdbx_aromatic_flag 
_chem_comp_atom.pdbx_stereo_config 
_chem_comp_atom.pdbx_ordinal 
ALA N    N  N N 1   
ALA CA   C  N S 2   
ALA C    C  N N 3   
ALA O    O  N N 4   
ALA CB   C  N N 5   
ALA OXT  O  N N 6   
ALA H    H  N N 7   
ALA H2   H  N N 8   
ALA HA   H  N N 9   
ALA HB1  H  N N 10  
ALA HB2  H  N N 11  
ALA HB3  H  N N 12  
ALA HXT  H  N N 13  
ARG N    N  N N 14  
ARG CA   C  N S 15  
ARG C    C  N N 16  
ARG O    O  N N 17  
ARG CB   C  N N 18  
ARG CG   C  N N 19  
ARG CD   C  N N 20  
ARG NE   N  N N 21  
ARG CZ   C  N N 22  
ARG NH1  N  N N 23  
ARG NH2  N  N N 24  
ARG OXT  O  N N 25  
ARG H    H  N N 26  
ARG H2   H  N N 27  
ARG HA   H  N N 28  
ARG HB2  H  N N 29  
ARG HB3  H  N N 30  
ARG HG2  H  N N 31  
ARG HG3  H  N N 32  
ARG HD2  H  N N 33  
ARG HD3  H  N N 34  
ARG HE   H  N N 35  
ARG HH11 H  N N 36  
ARG HH12 H  N N 37  
ARG HH21 H  N N 38  
ARG HH22 H  N N 39  
ARG HXT  H  N N 40  
ASN N    N  N N 41  
ASN CA   C  N S 42  
ASN C    C  N N 43  
ASN O    O  N N 44  
ASN CB   C  N N 45  
ASN CG   C  N N 46  
ASN OD1  O  N N 47  
ASN ND2  N  N N 48  
ASN OXT  O  N N 49  
ASN H    H  N N 50  
ASN H2   H  N N 51  
ASN HA   H  N N 52  
ASN HB2  H  N N 53  
ASN HB3  H  N N 54  
ASN HD21 H  N N 55  
ASN HD22 H  N N 56  
ASN HXT  H  N N 57  
ASP N    N  N N 58  
ASP CA   C  N S 59  
ASP C    C  N N 60  
ASP O    O  N N 61  
ASP CB   C  N N 62  
ASP CG   C  N N 63  
ASP OD1  O  N N 64  
ASP OD2  O  N N 65  
ASP OXT  O  N N 66  
ASP H    H  N N 67  
ASP H2   H  N N 68  
ASP HA   H  N N 69  
ASP HB2  H  N N 70  
ASP HB3  H  N N 71  
ASP HD2  H  N N 72  
ASP HXT  H  N N 73  
CL  CL   CL N N 74  
GLN N    N  N N 75  
GLN CA   C  N S 76  
GLN C    C  N N 77  
GLN O    O  N N 78  
GLN CB   C  N N 79  
GLN CG   C  N N 80  
GLN CD   C  N N 81  
GLN OE1  O  N N 82  
GLN NE2  N  N N 83  
GLN OXT  O  N N 84  
GLN H    H  N N 85  
GLN H2   H  N N 86  
GLN HA   H  N N 87  
GLN HB2  H  N N 88  
GLN HB3  H  N N 89  
GLN HG2  H  N N 90  
GLN HG3  H  N N 91  
GLN HE21 H  N N 92  
GLN HE22 H  N N 93  
GLN HXT  H  N N 94  
GLU N    N  N N 95  
GLU CA   C  N S 96  
GLU C    C  N N 97  
GLU O    O  N N 98  
GLU CB   C  N N 99  
GLU CG   C  N N 100 
GLU CD   C  N N 101 
GLU OE1  O  N N 102 
GLU OE2  O  N N 103 
GLU OXT  O  N N 104 
GLU H    H  N N 105 
GLU H2   H  N N 106 
GLU HA   H  N N 107 
GLU HB2  H  N N 108 
GLU HB3  H  N N 109 
GLU HG2  H  N N 110 
GLU HG3  H  N N 111 
GLU HE2  H  N N 112 
GLU HXT  H  N N 113 
GLY N    N  N N 114 
GLY CA   C  N N 115 
GLY C    C  N N 116 
GLY O    O  N N 117 
GLY OXT  O  N N 118 
GLY H    H  N N 119 
GLY H2   H  N N 120 
GLY HA2  H  N N 121 
GLY HA3  H  N N 122 
GLY HXT  H  N N 123 
HIS N    N  N N 124 
HIS CA   C  N S 125 
HIS C    C  N N 126 
HIS O    O  N N 127 
HIS CB   C  N N 128 
HIS CG   C  Y N 129 
HIS ND1  N  Y N 130 
HIS CD2  C  Y N 131 
HIS CE1  C  Y N 132 
HIS NE2  N  Y N 133 
HIS OXT  O  N N 134 
HIS H    H  N N 135 
HIS H2   H  N N 136 
HIS HA   H  N N 137 
HIS HB2  H  N N 138 
HIS HB3  H  N N 139 
HIS HD1  H  N N 140 
HIS HD2  H  N N 141 
HIS HE1  H  N N 142 
HIS HE2  H  N N 143 
HIS HXT  H  N N 144 
HOH O    O  N N 145 
HOH H1   H  N N 146 
HOH H2   H  N N 147 
ILE N    N  N N 148 
ILE CA   C  N S 149 
ILE C    C  N N 150 
ILE O    O  N N 151 
ILE CB   C  N S 152 
ILE CG1  C  N N 153 
ILE CG2  C  N N 154 
ILE CD1  C  N N 155 
ILE OXT  O  N N 156 
ILE H    H  N N 157 
ILE H2   H  N N 158 
ILE HA   H  N N 159 
ILE HB   H  N N 160 
ILE HG12 H  N N 161 
ILE HG13 H  N N 162 
ILE HG21 H  N N 163 
ILE HG22 H  N N 164 
ILE HG23 H  N N 165 
ILE HD11 H  N N 166 
ILE HD12 H  N N 167 
ILE HD13 H  N N 168 
ILE HXT  H  N N 169 
LEU N    N  N N 170 
LEU CA   C  N S 171 
LEU C    C  N N 172 
LEU O    O  N N 173 
LEU CB   C  N N 174 
LEU CG   C  N N 175 
LEU CD1  C  N N 176 
LEU CD2  C  N N 177 
LEU OXT  O  N N 178 
LEU H    H  N N 179 
LEU H2   H  N N 180 
LEU HA   H  N N 181 
LEU HB2  H  N N 182 
LEU HB3  H  N N 183 
LEU HG   H  N N 184 
LEU HD11 H  N N 185 
LEU HD12 H  N N 186 
LEU HD13 H  N N 187 
LEU HD21 H  N N 188 
LEU HD22 H  N N 189 
LEU HD23 H  N N 190 
LEU HXT  H  N N 191 
LYS N    N  N N 192 
LYS CA   C  N S 193 
LYS C    C  N N 194 
LYS O    O  N N 195 
LYS CB   C  N N 196 
LYS CG   C  N N 197 
LYS CD   C  N N 198 
LYS CE   C  N N 199 
LYS NZ   N  N N 200 
LYS OXT  O  N N 201 
LYS H    H  N N 202 
LYS H2   H  N N 203 
LYS HA   H  N N 204 
LYS HB2  H  N N 205 
LYS HB3  H  N N 206 
LYS HG2  H  N N 207 
LYS HG3  H  N N 208 
LYS HD2  H  N N 209 
LYS HD3  H  N N 210 
LYS HE2  H  N N 211 
LYS HE3  H  N N 212 
LYS HZ1  H  N N 213 
LYS HZ2  H  N N 214 
LYS HZ3  H  N N 215 
LYS HXT  H  N N 216 
MMA C1   C  N S 217 
MMA C2   C  N S 218 
MMA C3   C  N S 219 
MMA C4   C  N S 220 
MMA C5   C  N R 221 
MMA C6   C  N N 222 
MMA C7   C  N N 223 
MMA O1   O  N N 224 
MMA O2   O  N N 225 
MMA O3   O  N N 226 
MMA O4   O  N N 227 
MMA O5   O  N N 228 
MMA O6   O  N N 229 
MMA H1   H  N N 230 
MMA H2   H  N N 231 
MMA H3   H  N N 232 
MMA H4   H  N N 233 
MMA H5   H  N N 234 
MMA H61  H  N N 235 
MMA H62  H  N N 236 
MMA H71  H  N N 237 
MMA H72  H  N N 238 
MMA H73  H  N N 239 
MMA HO2  H  N N 240 
MMA HO3  H  N N 241 
MMA HO4  H  N N 242 
MMA HO6  H  N N 243 
PHE N    N  N N 244 
PHE CA   C  N S 245 
PHE C    C  N N 246 
PHE O    O  N N 247 
PHE CB   C  N N 248 
PHE CG   C  Y N 249 
PHE CD1  C  Y N 250 
PHE CD2  C  Y N 251 
PHE CE1  C  Y N 252 
PHE CE2  C  Y N 253 
PHE CZ   C  Y N 254 
PHE OXT  O  N N 255 
PHE H    H  N N 256 
PHE H2   H  N N 257 
PHE HA   H  N N 258 
PHE HB2  H  N N 259 
PHE HB3  H  N N 260 
PHE HD1  H  N N 261 
PHE HD2  H  N N 262 
PHE HE1  H  N N 263 
PHE HE2  H  N N 264 
PHE HZ   H  N N 265 
PHE HXT  H  N N 266 
PRO N    N  N N 267 
PRO CA   C  N S 268 
PRO C    C  N N 269 
PRO O    O  N N 270 
PRO CB   C  N N 271 
PRO CG   C  N N 272 
PRO CD   C  N N 273 
PRO OXT  O  N N 274 
PRO H    H  N N 275 
PRO HA   H  N N 276 
PRO HB2  H  N N 277 
PRO HB3  H  N N 278 
PRO HG2  H  N N 279 
PRO HG3  H  N N 280 
PRO HD2  H  N N 281 
PRO HD3  H  N N 282 
PRO HXT  H  N N 283 
SER N    N  N N 284 
SER CA   C  N S 285 
SER C    C  N N 286 
SER O    O  N N 287 
SER CB   C  N N 288 
SER OG   O  N N 289 
SER OXT  O  N N 290 
SER H    H  N N 291 
SER H2   H  N N 292 
SER HA   H  N N 293 
SER HB2  H  N N 294 
SER HB3  H  N N 295 
SER HG   H  N N 296 
SER HXT  H  N N 297 
THR N    N  N N 298 
THR CA   C  N S 299 
THR C    C  N N 300 
THR O    O  N N 301 
THR CB   C  N R 302 
THR OG1  O  N N 303 
THR CG2  C  N N 304 
THR OXT  O  N N 305 
THR H    H  N N 306 
THR H2   H  N N 307 
THR HA   H  N N 308 
THR HB   H  N N 309 
THR HG1  H  N N 310 
THR HG21 H  N N 311 
THR HG22 H  N N 312 
THR HG23 H  N N 313 
THR HXT  H  N N 314 
TRP N    N  N N 315 
TRP CA   C  N S 316 
TRP C    C  N N 317 
TRP O    O  N N 318 
TRP CB   C  N N 319 
TRP CG   C  Y N 320 
TRP CD1  C  Y N 321 
TRP CD2  C  Y N 322 
TRP NE1  N  Y N 323 
TRP CE2  C  Y N 324 
TRP CE3  C  Y N 325 
TRP CZ2  C  Y N 326 
TRP CZ3  C  Y N 327 
TRP CH2  C  Y N 328 
TRP OXT  O  N N 329 
TRP H    H  N N 330 
TRP H2   H  N N 331 
TRP HA   H  N N 332 
TRP HB2  H  N N 333 
TRP HB3  H  N N 334 
TRP HD1  H  N N 335 
TRP HE1  H  N N 336 
TRP HE3  H  N N 337 
TRP HZ2  H  N N 338 
TRP HZ3  H  N N 339 
TRP HH2  H  N N 340 
TRP HXT  H  N N 341 
TYR N    N  N N 342 
TYR CA   C  N S 343 
TYR C    C  N N 344 
TYR O    O  N N 345 
TYR CB   C  N N 346 
TYR CG   C  Y N 347 
TYR CD1  C  Y N 348 
TYR CD2  C  Y N 349 
TYR CE1  C  Y N 350 
TYR CE2  C  Y N 351 
TYR CZ   C  Y N 352 
TYR OH   O  N N 353 
TYR OXT  O  N N 354 
TYR H    H  N N 355 
TYR H2   H  N N 356 
TYR HA   H  N N 357 
TYR HB2  H  N N 358 
TYR HB3  H  N N 359 
TYR HD1  H  N N 360 
TYR HD2  H  N N 361 
TYR HE1  H  N N 362 
TYR HE2  H  N N 363 
TYR HH   H  N N 364 
TYR HXT  H  N N 365 
VAL N    N  N N 366 
VAL CA   C  N S 367 
VAL C    C  N N 368 
VAL O    O  N N 369 
VAL CB   C  N N 370 
VAL CG1  C  N N 371 
VAL CG2  C  N N 372 
VAL OXT  O  N N 373 
VAL H    H  N N 374 
VAL H2   H  N N 375 
VAL HA   H  N N 376 
VAL HB   H  N N 377 
VAL HG11 H  N N 378 
VAL HG12 H  N N 379 
VAL HG13 H  N N 380 
VAL HG21 H  N N 381 
VAL HG22 H  N N 382 
VAL HG23 H  N N 383 
VAL HXT  H  N N 384 
# 
loop_
_chem_comp_bond.comp_id 
_chem_comp_bond.atom_id_1 
_chem_comp_bond.atom_id_2 
_chem_comp_bond.value_order 
_chem_comp_bond.pdbx_aromatic_flag 
_chem_comp_bond.pdbx_stereo_config 
_chem_comp_bond.pdbx_ordinal 
ALA N   CA   sing N N 1   
ALA N   H    sing N N 2   
ALA N   H2   sing N N 3   
ALA CA  C    sing N N 4   
ALA CA  CB   sing N N 5   
ALA CA  HA   sing N N 6   
ALA C   O    doub N N 7   
ALA C   OXT  sing N N 8   
ALA CB  HB1  sing N N 9   
ALA CB  HB2  sing N N 10  
ALA CB  HB3  sing N N 11  
ALA OXT HXT  sing N N 12  
ARG N   CA   sing N N 13  
ARG N   H    sing N N 14  
ARG N   H2   sing N N 15  
ARG CA  C    sing N N 16  
ARG CA  CB   sing N N 17  
ARG CA  HA   sing N N 18  
ARG C   O    doub N N 19  
ARG C   OXT  sing N N 20  
ARG CB  CG   sing N N 21  
ARG CB  HB2  sing N N 22  
ARG CB  HB3  sing N N 23  
ARG CG  CD   sing N N 24  
ARG CG  HG2  sing N N 25  
ARG CG  HG3  sing N N 26  
ARG CD  NE   sing N N 27  
ARG CD  HD2  sing N N 28  
ARG CD  HD3  sing N N 29  
ARG NE  CZ   sing N N 30  
ARG NE  HE   sing N N 31  
ARG CZ  NH1  sing N N 32  
ARG CZ  NH2  doub N N 33  
ARG NH1 HH11 sing N N 34  
ARG NH1 HH12 sing N N 35  
ARG NH2 HH21 sing N N 36  
ARG NH2 HH22 sing N N 37  
ARG OXT HXT  sing N N 38  
ASN N   CA   sing N N 39  
ASN N   H    sing N N 40  
ASN N   H2   sing N N 41  
ASN CA  C    sing N N 42  
ASN CA  CB   sing N N 43  
ASN CA  HA   sing N N 44  
ASN C   O    doub N N 45  
ASN C   OXT  sing N N 46  
ASN CB  CG   sing N N 47  
ASN CB  HB2  sing N N 48  
ASN CB  HB3  sing N N 49  
ASN CG  OD1  doub N N 50  
ASN CG  ND2  sing N N 51  
ASN ND2 HD21 sing N N 52  
ASN ND2 HD22 sing N N 53  
ASN OXT HXT  sing N N 54  
ASP N   CA   sing N N 55  
ASP N   H    sing N N 56  
ASP N   H2   sing N N 57  
ASP CA  C    sing N N 58  
ASP CA  CB   sing N N 59  
ASP CA  HA   sing N N 60  
ASP C   O    doub N N 61  
ASP C   OXT  sing N N 62  
ASP CB  CG   sing N N 63  
ASP CB  HB2  sing N N 64  
ASP CB  HB3  sing N N 65  
ASP CG  OD1  doub N N 66  
ASP CG  OD2  sing N N 67  
ASP OD2 HD2  sing N N 68  
ASP OXT HXT  sing N N 69  
GLN N   CA   sing N N 70  
GLN N   H    sing N N 71  
GLN N   H2   sing N N 72  
GLN CA  C    sing N N 73  
GLN CA  CB   sing N N 74  
GLN CA  HA   sing N N 75  
GLN C   O    doub N N 76  
GLN C   OXT  sing N N 77  
GLN CB  CG   sing N N 78  
GLN CB  HB2  sing N N 79  
GLN CB  HB3  sing N N 80  
GLN CG  CD   sing N N 81  
GLN CG  HG2  sing N N 82  
GLN CG  HG3  sing N N 83  
GLN CD  OE1  doub N N 84  
GLN CD  NE2  sing N N 85  
GLN NE2 HE21 sing N N 86  
GLN NE2 HE22 sing N N 87  
GLN OXT HXT  sing N N 88  
GLU N   CA   sing N N 89  
GLU N   H    sing N N 90  
GLU N   H2   sing N N 91  
GLU CA  C    sing N N 92  
GLU CA  CB   sing N N 93  
GLU CA  HA   sing N N 94  
GLU C   O    doub N N 95  
GLU C   OXT  sing N N 96  
GLU CB  CG   sing N N 97  
GLU CB  HB2  sing N N 98  
GLU CB  HB3  sing N N 99  
GLU CG  CD   sing N N 100 
GLU CG  HG2  sing N N 101 
GLU CG  HG3  sing N N 102 
GLU CD  OE1  doub N N 103 
GLU CD  OE2  sing N N 104 
GLU OE2 HE2  sing N N 105 
GLU OXT HXT  sing N N 106 
GLY N   CA   sing N N 107 
GLY N   H    sing N N 108 
GLY N   H2   sing N N 109 
GLY CA  C    sing N N 110 
GLY CA  HA2  sing N N 111 
GLY CA  HA3  sing N N 112 
GLY C   O    doub N N 113 
GLY C   OXT  sing N N 114 
GLY OXT HXT  sing N N 115 
HIS N   CA   sing N N 116 
HIS N   H    sing N N 117 
HIS N   H2   sing N N 118 
HIS CA  C    sing N N 119 
HIS CA  CB   sing N N 120 
HIS CA  HA   sing N N 121 
HIS C   O    doub N N 122 
HIS C   OXT  sing N N 123 
HIS CB  CG   sing N N 124 
HIS CB  HB2  sing N N 125 
HIS CB  HB3  sing N N 126 
HIS CG  ND1  sing Y N 127 
HIS CG  CD2  doub Y N 128 
HIS ND1 CE1  doub Y N 129 
HIS ND1 HD1  sing N N 130 
HIS CD2 NE2  sing Y N 131 
HIS CD2 HD2  sing N N 132 
HIS CE1 NE2  sing Y N 133 
HIS CE1 HE1  sing N N 134 
HIS NE2 HE2  sing N N 135 
HIS OXT HXT  sing N N 136 
HOH O   H1   sing N N 137 
HOH O   H2   sing N N 138 
ILE N   CA   sing N N 139 
ILE N   H    sing N N 140 
ILE N   H2   sing N N 141 
ILE CA  C    sing N N 142 
ILE CA  CB   sing N N 143 
ILE CA  HA   sing N N 144 
ILE C   O    doub N N 145 
ILE C   OXT  sing N N 146 
ILE CB  CG1  sing N N 147 
ILE CB  CG2  sing N N 148 
ILE CB  HB   sing N N 149 
ILE CG1 CD1  sing N N 150 
ILE CG1 HG12 sing N N 151 
ILE CG1 HG13 sing N N 152 
ILE CG2 HG21 sing N N 153 
ILE CG2 HG22 sing N N 154 
ILE CG2 HG23 sing N N 155 
ILE CD1 HD11 sing N N 156 
ILE CD1 HD12 sing N N 157 
ILE CD1 HD13 sing N N 158 
ILE OXT HXT  sing N N 159 
LEU N   CA   sing N N 160 
LEU N   H    sing N N 161 
LEU N   H2   sing N N 162 
LEU CA  C    sing N N 163 
LEU CA  CB   sing N N 164 
LEU CA  HA   sing N N 165 
LEU C   O    doub N N 166 
LEU C   OXT  sing N N 167 
LEU CB  CG   sing N N 168 
LEU CB  HB2  sing N N 169 
LEU CB  HB3  sing N N 170 
LEU CG  CD1  sing N N 171 
LEU CG  CD2  sing N N 172 
LEU CG  HG   sing N N 173 
LEU CD1 HD11 sing N N 174 
LEU CD1 HD12 sing N N 175 
LEU CD1 HD13 sing N N 176 
LEU CD2 HD21 sing N N 177 
LEU CD2 HD22 sing N N 178 
LEU CD2 HD23 sing N N 179 
LEU OXT HXT  sing N N 180 
LYS N   CA   sing N N 181 
LYS N   H    sing N N 182 
LYS N   H2   sing N N 183 
LYS CA  C    sing N N 184 
LYS CA  CB   sing N N 185 
LYS CA  HA   sing N N 186 
LYS C   O    doub N N 187 
LYS C   OXT  sing N N 188 
LYS CB  CG   sing N N 189 
LYS CB  HB2  sing N N 190 
LYS CB  HB3  sing N N 191 
LYS CG  CD   sing N N 192 
LYS CG  HG2  sing N N 193 
LYS CG  HG3  sing N N 194 
LYS CD  CE   sing N N 195 
LYS CD  HD2  sing N N 196 
LYS CD  HD3  sing N N 197 
LYS CE  NZ   sing N N 198 
LYS CE  HE2  sing N N 199 
LYS CE  HE3  sing N N 200 
LYS NZ  HZ1  sing N N 201 
LYS NZ  HZ2  sing N N 202 
LYS NZ  HZ3  sing N N 203 
LYS OXT HXT  sing N N 204 
MMA C1  C2   sing N N 205 
MMA C1  O1   sing N N 206 
MMA C1  O5   sing N N 207 
MMA C1  H1   sing N N 208 
MMA C2  C3   sing N N 209 
MMA C2  O2   sing N N 210 
MMA C2  H2   sing N N 211 
MMA C3  C4   sing N N 212 
MMA C3  O3   sing N N 213 
MMA C3  H3   sing N N 214 
MMA C4  C5   sing N N 215 
MMA C4  O4   sing N N 216 
MMA C4  H4   sing N N 217 
MMA C5  C6   sing N N 218 
MMA C5  O5   sing N N 219 
MMA C5  H5   sing N N 220 
MMA C6  O6   sing N N 221 
MMA C6  H61  sing N N 222 
MMA C6  H62  sing N N 223 
MMA C7  O1   sing N N 224 
MMA C7  H71  sing N N 225 
MMA C7  H72  sing N N 226 
MMA C7  H73  sing N N 227 
MMA O2  HO2  sing N N 228 
MMA O3  HO3  sing N N 229 
MMA O4  HO4  sing N N 230 
MMA O6  HO6  sing N N 231 
PHE N   CA   sing N N 232 
PHE N   H    sing N N 233 
PHE N   H2   sing N N 234 
PHE CA  C    sing N N 235 
PHE CA  CB   sing N N 236 
PHE CA  HA   sing N N 237 
PHE C   O    doub N N 238 
PHE C   OXT  sing N N 239 
PHE CB  CG   sing N N 240 
PHE CB  HB2  sing N N 241 
PHE CB  HB3  sing N N 242 
PHE CG  CD1  doub Y N 243 
PHE CG  CD2  sing Y N 244 
PHE CD1 CE1  sing Y N 245 
PHE CD1 HD1  sing N N 246 
PHE CD2 CE2  doub Y N 247 
PHE CD2 HD2  sing N N 248 
PHE CE1 CZ   doub Y N 249 
PHE CE1 HE1  sing N N 250 
PHE CE2 CZ   sing Y N 251 
PHE CE2 HE2  sing N N 252 
PHE CZ  HZ   sing N N 253 
PHE OXT HXT  sing N N 254 
PRO N   CA   sing N N 255 
PRO N   CD   sing N N 256 
PRO N   H    sing N N 257 
PRO CA  C    sing N N 258 
PRO CA  CB   sing N N 259 
PRO CA  HA   sing N N 260 
PRO C   O    doub N N 261 
PRO C   OXT  sing N N 262 
PRO CB  CG   sing N N 263 
PRO CB  HB2  sing N N 264 
PRO CB  HB3  sing N N 265 
PRO CG  CD   sing N N 266 
PRO CG  HG2  sing N N 267 
PRO CG  HG3  sing N N 268 
PRO CD  HD2  sing N N 269 
PRO CD  HD3  sing N N 270 
PRO OXT HXT  sing N N 271 
SER N   CA   sing N N 272 
SER N   H    sing N N 273 
SER N   H2   sing N N 274 
SER CA  C    sing N N 275 
SER CA  CB   sing N N 276 
SER CA  HA   sing N N 277 
SER C   O    doub N N 278 
SER C   OXT  sing N N 279 
SER CB  OG   sing N N 280 
SER CB  HB2  sing N N 281 
SER CB  HB3  sing N N 282 
SER OG  HG   sing N N 283 
SER OXT HXT  sing N N 284 
THR N   CA   sing N N 285 
THR N   H    sing N N 286 
THR N   H2   sing N N 287 
THR CA  C    sing N N 288 
THR CA  CB   sing N N 289 
THR CA  HA   sing N N 290 
THR C   O    doub N N 291 
THR C   OXT  sing N N 292 
THR CB  OG1  sing N N 293 
THR CB  CG2  sing N N 294 
THR CB  HB   sing N N 295 
THR OG1 HG1  sing N N 296 
THR CG2 HG21 sing N N 297 
THR CG2 HG22 sing N N 298 
THR CG2 HG23 sing N N 299 
THR OXT HXT  sing N N 300 
TRP N   CA   sing N N 301 
TRP N   H    sing N N 302 
TRP N   H2   sing N N 303 
TRP CA  C    sing N N 304 
TRP CA  CB   sing N N 305 
TRP CA  HA   sing N N 306 
TRP C   O    doub N N 307 
TRP C   OXT  sing N N 308 
TRP CB  CG   sing N N 309 
TRP CB  HB2  sing N N 310 
TRP CB  HB3  sing N N 311 
TRP CG  CD1  doub Y N 312 
TRP CG  CD2  sing Y N 313 
TRP CD1 NE1  sing Y N 314 
TRP CD1 HD1  sing N N 315 
TRP CD2 CE2  doub Y N 316 
TRP CD2 CE3  sing Y N 317 
TRP NE1 CE2  sing Y N 318 
TRP NE1 HE1  sing N N 319 
TRP CE2 CZ2  sing Y N 320 
TRP CE3 CZ3  doub Y N 321 
TRP CE3 HE3  sing N N 322 
TRP CZ2 CH2  doub Y N 323 
TRP CZ2 HZ2  sing N N 324 
TRP CZ3 CH2  sing Y N 325 
TRP CZ3 HZ3  sing N N 326 
TRP CH2 HH2  sing N N 327 
TRP OXT HXT  sing N N 328 
TYR N   CA   sing N N 329 
TYR N   H    sing N N 330 
TYR N   H2   sing N N 331 
TYR CA  C    sing N N 332 
TYR CA  CB   sing N N 333 
TYR CA  HA   sing N N 334 
TYR C   O    doub N N 335 
TYR C   OXT  sing N N 336 
TYR CB  CG   sing N N 337 
TYR CB  HB2  sing N N 338 
TYR CB  HB3  sing N N 339 
TYR CG  CD1  doub Y N 340 
TYR CG  CD2  sing Y N 341 
TYR CD1 CE1  sing Y N 342 
TYR CD1 HD1  sing N N 343 
TYR CD2 CE2  doub Y N 344 
TYR CD2 HD2  sing N N 345 
TYR CE1 CZ   doub Y N 346 
TYR CE1 HE1  sing N N 347 
TYR CE2 CZ   sing Y N 348 
TYR CE2 HE2  sing N N 349 
TYR CZ  OH   sing N N 350 
TYR OH  HH   sing N N 351 
TYR OXT HXT  sing N N 352 
VAL N   CA   sing N N 353 
VAL N   H    sing N N 354 
VAL N   H2   sing N N 355 
VAL CA  C    sing N N 356 
VAL CA  CB   sing N N 357 
VAL CA  HA   sing N N 358 
VAL C   O    doub N N 359 
VAL C   OXT  sing N N 360 
VAL CB  CG1  sing N N 361 
VAL CB  CG2  sing N N 362 
VAL CB  HB   sing N N 363 
VAL CG1 HG11 sing N N 364 
VAL CG1 HG12 sing N N 365 
VAL CG1 HG13 sing N N 366 
VAL CG2 HG21 sing N N 367 
VAL CG2 HG22 sing N N 368 
VAL CG2 HG23 sing N N 369 
VAL OXT HXT  sing N N 370 
# 
loop_
_pdbx_chem_comp_identifier.comp_id 
_pdbx_chem_comp_identifier.type 
_pdbx_chem_comp_identifier.program 
_pdbx_chem_comp_identifier.program_version 
_pdbx_chem_comp_identifier.identifier 
MMA 'CONDENSED IUPAC CARBOHYDRATE SYMBOL' GMML     1.0 'DManp[1Me]a'              
MMA 'COMMON NAME'                         GMML     1.0 1-methyl-a-D-mannopyranose 
MMA 'IUPAC CARBOHYDRATE SYMBOL'           PDB-CARE 1.0 o1-methyl-mannose          
# 
loop_
_pdbx_entity_nonpoly.entity_id 
_pdbx_entity_nonpoly.name 
_pdbx_entity_nonpoly.comp_id 
2 'methyl alpha-D-mannopyranoside' MMA 
3 'CHLORIDE ION'                   CL  
4 water                            HOH 
# 
_pdbx_initial_refinement_model.id               1 
_pdbx_initial_refinement_model.entity_id_list   ? 
_pdbx_initial_refinement_model.type             'experimental model' 
_pdbx_initial_refinement_model.source_name      PDB 
_pdbx_initial_refinement_model.accession_code   3APA 
_pdbx_initial_refinement_model.details          ? 
# 
